data_9IAF
# 
_entry.id   9IAF 
# 
_audit_conform.dict_name       mmcif_pdbx.dic 
_audit_conform.dict_version    5.408 
_audit_conform.dict_location   http://mmcif.pdb.org/dictionaries/ascii/mmcif_pdbx.dic 
# 
loop_
_database_2.database_id 
_database_2.database_code 
_database_2.pdbx_database_accession 
_database_2.pdbx_DOI 
PDB   9IAF         pdb_00009iaf 10.2210/pdb9iaf/pdb 
WWPDB D_1292145393 ?            ?                   
# 
_pdbx_audit_revision_history.ordinal             1 
_pdbx_audit_revision_history.data_content_type   'Structure model' 
_pdbx_audit_revision_history.major_revision      1 
_pdbx_audit_revision_history.minor_revision      0 
_pdbx_audit_revision_history.revision_date       2025-12-17 
_pdbx_audit_revision_history.part_number         ? 
# 
_pdbx_audit_revision_details.ordinal             1 
_pdbx_audit_revision_details.revision_ordinal    1 
_pdbx_audit_revision_details.data_content_type   'Structure model' 
_pdbx_audit_revision_details.provider            repository 
_pdbx_audit_revision_details.type                'Initial release' 
_pdbx_audit_revision_details.description         ? 
_pdbx_audit_revision_details.details             ? 
# 
_pdbx_database_status.status_code                     REL 
_pdbx_database_status.status_code_sf                  REL 
_pdbx_database_status.status_code_mr                  ? 
_pdbx_database_status.entry_id                        9IAF 
_pdbx_database_status.recvd_initial_deposition_date   2025-02-10 
_pdbx_database_status.SG_entry                        N 
_pdbx_database_status.deposit_site                    PDBE 
_pdbx_database_status.process_site                    PDBE 
_pdbx_database_status.status_code_cs                  ? 
_pdbx_database_status.status_code_nmr_data            ? 
_pdbx_database_status.methods_development_category    ? 
_pdbx_database_status.pdb_format_compatible           N 
# 
_pdbx_contact_author.id                 3 
_pdbx_contact_author.email              lari.lehtio@oulu.fi 
_pdbx_contact_author.name_first         Lari 
_pdbx_contact_author.name_last          Lehtio 
_pdbx_contact_author.name_mi            ? 
_pdbx_contact_author.role               'principal investigator/group leader' 
_pdbx_contact_author.identifier_ORCID   0000-0001-7250-832X 
# 
loop_
_audit_author.name 
_audit_author.pdbx_ordinal 
_audit_author.identifier_ORCID 
'Alaviuhkola, J.' 1 0000-0003-3768-6993 
'Abdulmajeed, S.' 2 0009-0000-8225-2225 
'Lehtio, L.'      3 0000-0001-7250-832X 
# 
_citation.abstract                  ? 
_citation.abstract_id_CAS           ? 
_citation.book_id_ISBN              ? 
_citation.book_publisher            ? 
_citation.book_publisher_city       ? 
_citation.book_title                ? 
_citation.coordinate_linkage        ? 
_citation.country                   ? 
_citation.database_id_Medline       ? 
_citation.details                   ? 
_citation.id                        primary 
_citation.journal_abbrev            'To Be Published' 
_citation.journal_id_ASTM           ? 
_citation.journal_id_CSD            0353 
_citation.journal_id_ISSN           ? 
_citation.journal_full              ? 
_citation.journal_issue             ? 
_citation.journal_volume            ? 
_citation.language                  ? 
_citation.page_first                ? 
_citation.page_last                 ? 
_citation.title                     'Crystal structure of Arr in complex with Rifampicin and Chr-16' 
_citation.year                      ? 
_citation.database_id_CSD           ? 
_citation.pdbx_database_id_DOI      ? 
_citation.pdbx_database_id_PubMed   ? 
_citation.pdbx_database_id_patent   ? 
_citation.unpublished_flag          ? 
# 
loop_
_citation_author.citation_id 
_citation_author.name 
_citation_author.ordinal 
_citation_author.identifier_ORCID 
primary 'Alaviuhkola, J.' 1 0000-0003-3768-6993 
primary 'Abdulmajeed, S.' 2 0009-0000-8225-2225 
primary 'Lehtio, L.'      3 0000-0001-7250-832X 
# 
loop_
_entity.id 
_entity.type 
_entity.src_method 
_entity.pdbx_description 
_entity.formula_weight 
_entity.pdbx_number_of_molecules 
_entity.pdbx_ec 
_entity.pdbx_mutation 
_entity.pdbx_fragment 
_entity.details 
1 polymer     man 'Rifampin ADP-ribosyl transferase'          15863.867 1  ? ? ? ? 
2 non-polymer syn 2-amino-6-chloro-3-phenyl-1H-quinolin-4-one 270.714   1  ? ? ? ? 
3 non-polymer syn RIFAMPICIN                                  822.940   1  ? ? ? ? 
4 non-polymer syn 'DIMETHYL SULFOXIDE'                        78.133    1  ? ? ? ? 
5 water       nat water                                       18.015    28 ? ? ? ? 
# 
_entity_poly.entity_id                      1 
_entity_poly.type                           'polypeptide(L)' 
_entity_poly.nstd_linkage                   no 
_entity_poly.nstd_monomer                   no 
_entity_poly.pdbx_seq_one_letter_code       
;SMANPPKPFEVHESGAYLHGTKAELKVGDRLVPGRESNFEAGRIMNHIYITQTLDAAVWGAELAAGEGRGRIFIVEPEGA
IEDDPNVTDKKLPGNPTRSYRTREPVWIVGELTDWVGHPPEQLAAMRQGLEELRRKGLAVIYD
;
_entity_poly.pdbx_seq_one_letter_code_can   
;SMANPPKPFEVHESGAYLHGTKAELKVGDRLVPGRESNFEAGRIMNHIYITQTLDAAVWGAELAAGEGRGRIFIVEPEGA
IEDDPNVTDKKLPGNPTRSYRTREPVWIVGELTDWVGHPPEQLAAMRQGLEELRRKGLAVIYD
;
_entity_poly.pdbx_strand_id                 A 
_entity_poly.pdbx_target_identifier         ? 
# 
loop_
_pdbx_entity_nonpoly.entity_id 
_pdbx_entity_nonpoly.name 
_pdbx_entity_nonpoly.comp_id 
2 2-amino-6-chloro-3-phenyl-1H-quinolin-4-one A1I1V 
3 RIFAMPICIN                                  RFP   
4 'DIMETHYL SULFOXIDE'                        DMS   
5 water                                       HOH   
# 
loop_
_entity_poly_seq.entity_id 
_entity_poly_seq.num 
_entity_poly_seq.mon_id 
_entity_poly_seq.hetero 
1 1   SER n 
1 2   MET n 
1 3   ALA n 
1 4   ASN n 
1 5   PRO n 
1 6   PRO n 
1 7   LYS n 
1 8   PRO n 
1 9   PHE n 
1 10  GLU n 
1 11  VAL n 
1 12  HIS n 
1 13  GLU n 
1 14  SER n 
1 15  GLY n 
1 16  ALA n 
1 17  TYR n 
1 18  LEU n 
1 19  HIS n 
1 20  GLY n 
1 21  THR n 
1 22  LYS n 
1 23  ALA n 
1 24  GLU n 
1 25  LEU n 
1 26  LYS n 
1 27  VAL n 
1 28  GLY n 
1 29  ASP n 
1 30  ARG n 
1 31  LEU n 
1 32  VAL n 
1 33  PRO n 
1 34  GLY n 
1 35  ARG n 
1 36  GLU n 
1 37  SER n 
1 38  ASN n 
1 39  PHE n 
1 40  GLU n 
1 41  ALA n 
1 42  GLY n 
1 43  ARG n 
1 44  ILE n 
1 45  MET n 
1 46  ASN n 
1 47  HIS n 
1 48  ILE n 
1 49  TYR n 
1 50  ILE n 
1 51  THR n 
1 52  GLN n 
1 53  THR n 
1 54  LEU n 
1 55  ASP n 
1 56  ALA n 
1 57  ALA n 
1 58  VAL n 
1 59  TRP n 
1 60  GLY n 
1 61  ALA n 
1 62  GLU n 
1 63  LEU n 
1 64  ALA n 
1 65  ALA n 
1 66  GLY n 
1 67  GLU n 
1 68  GLY n 
1 69  ARG n 
1 70  GLY n 
1 71  ARG n 
1 72  ILE n 
1 73  PHE n 
1 74  ILE n 
1 75  VAL n 
1 76  GLU n 
1 77  PRO n 
1 78  GLU n 
1 79  GLY n 
1 80  ALA n 
1 81  ILE n 
1 82  GLU n 
1 83  ASP n 
1 84  ASP n 
1 85  PRO n 
1 86  ASN n 
1 87  VAL n 
1 88  THR n 
1 89  ASP n 
1 90  LYS n 
1 91  LYS n 
1 92  LEU n 
1 93  PRO n 
1 94  GLY n 
1 95  ASN n 
1 96  PRO n 
1 97  THR n 
1 98  ARG n 
1 99  SER n 
1 100 TYR n 
1 101 ARG n 
1 102 THR n 
1 103 ARG n 
1 104 GLU n 
1 105 PRO n 
1 106 VAL n 
1 107 TRP n 
1 108 ILE n 
1 109 VAL n 
1 110 GLY n 
1 111 GLU n 
1 112 LEU n 
1 113 THR n 
1 114 ASP n 
1 115 TRP n 
1 116 VAL n 
1 117 GLY n 
1 118 HIS n 
1 119 PRO n 
1 120 PRO n 
1 121 GLU n 
1 122 GLN n 
1 123 LEU n 
1 124 ALA n 
1 125 ALA n 
1 126 MET n 
1 127 ARG n 
1 128 GLN n 
1 129 GLY n 
1 130 LEU n 
1 131 GLU n 
1 132 GLU n 
1 133 LEU n 
1 134 ARG n 
1 135 ARG n 
1 136 LYS n 
1 137 GLY n 
1 138 LEU n 
1 139 ALA n 
1 140 VAL n 
1 141 ILE n 
1 142 TYR n 
1 143 ASP n 
# 
_entity_src_gen.entity_id                          1 
_entity_src_gen.pdbx_src_id                        1 
_entity_src_gen.pdbx_alt_source_flag               sample 
_entity_src_gen.pdbx_seq_type                      'Biological sequence' 
_entity_src_gen.pdbx_beg_seq_num                   1 
_entity_src_gen.pdbx_end_seq_num                   143 
_entity_src_gen.gene_src_common_name               ? 
_entity_src_gen.gene_src_genus                     ? 
_entity_src_gen.pdbx_gene_src_gene                 BIN_B_03083 
_entity_src_gen.gene_src_species                   ? 
_entity_src_gen.gene_src_strain                    ? 
_entity_src_gen.gene_src_tissue                    ? 
_entity_src_gen.gene_src_tissue_fraction           ? 
_entity_src_gen.gene_src_details                   ? 
_entity_src_gen.pdbx_gene_src_fragment             ? 
_entity_src_gen.pdbx_gene_src_scientific_name      'Mycolicibacterium smegmatis' 
_entity_src_gen.pdbx_gene_src_ncbi_taxonomy_id     1772 
_entity_src_gen.pdbx_gene_src_variant              ? 
_entity_src_gen.pdbx_gene_src_cell_line            ? 
_entity_src_gen.pdbx_gene_src_atcc                 ? 
_entity_src_gen.pdbx_gene_src_organ                ? 
_entity_src_gen.pdbx_gene_src_organelle            ? 
_entity_src_gen.pdbx_gene_src_cell                 ? 
_entity_src_gen.pdbx_gene_src_cellular_location    ? 
_entity_src_gen.host_org_common_name               ? 
_entity_src_gen.pdbx_host_org_scientific_name      'Escherichia coli BL21(DE3)' 
_entity_src_gen.pdbx_host_org_ncbi_taxonomy_id     469008 
_entity_src_gen.host_org_genus                     ? 
_entity_src_gen.pdbx_host_org_gene                 ? 
_entity_src_gen.pdbx_host_org_organ                ? 
_entity_src_gen.host_org_species                   ? 
_entity_src_gen.pdbx_host_org_tissue               ? 
_entity_src_gen.pdbx_host_org_tissue_fraction      ? 
_entity_src_gen.pdbx_host_org_strain               ? 
_entity_src_gen.pdbx_host_org_variant              ? 
_entity_src_gen.pdbx_host_org_cell_line            ? 
_entity_src_gen.pdbx_host_org_atcc                 ? 
_entity_src_gen.pdbx_host_org_culture_collection   ? 
_entity_src_gen.pdbx_host_org_cell                 ? 
_entity_src_gen.pdbx_host_org_organelle            ? 
_entity_src_gen.pdbx_host_org_cellular_location    ? 
_entity_src_gen.pdbx_host_org_vector_type          ? 
_entity_src_gen.pdbx_host_org_vector               ? 
_entity_src_gen.host_org_details                   ? 
_entity_src_gen.expression_system_id               ? 
_entity_src_gen.plasmid_name                       ? 
_entity_src_gen.plasmid_details                    ? 
_entity_src_gen.pdbx_description                   ? 
# 
loop_
_chem_comp.id 
_chem_comp.type 
_chem_comp.mon_nstd_flag 
_chem_comp.name 
_chem_comp.pdbx_synonyms 
_chem_comp.formula 
_chem_comp.formula_weight 
A1I1V non-polymer         . 2-amino-6-chloro-3-phenyl-1H-quinolin-4-one 2-azanyl-6-chloranyl-3-phenyl-1H-quinolin-4-one 
'C15 H11 Cl N2 O' 270.714 
ALA   'L-peptide linking' y ALANINE                                     ?                                               
'C3 H7 N O2'      89.093  
ARG   'L-peptide linking' y ARGININE                                    ?                                               
'C6 H15 N4 O2 1'  175.209 
ASN   'L-peptide linking' y ASPARAGINE                                  ?                                               
'C4 H8 N2 O3'     132.118 
ASP   'L-peptide linking' y 'ASPARTIC ACID'                             ?                                               
'C4 H7 N O4'      133.103 
DMS   non-polymer         . 'DIMETHYL SULFOXIDE'                        ?                                               
'C2 H6 O S'       78.133  
GLN   'L-peptide linking' y GLUTAMINE                                   ?                                               
'C5 H10 N2 O3'    146.144 
GLU   'L-peptide linking' y 'GLUTAMIC ACID'                             ?                                               
'C5 H9 N O4'      147.129 
GLY   'peptide linking'   y GLYCINE                                     ?                                               
'C2 H5 N O2'      75.067  
HIS   'L-peptide linking' y HISTIDINE                                   ?                                               
'C6 H10 N3 O2 1'  156.162 
HOH   non-polymer         . WATER                                       ?                                               'H2 O' 
18.015  
ILE   'L-peptide linking' y ISOLEUCINE                                  ?                                               
'C6 H13 N O2'     131.173 
LEU   'L-peptide linking' y LEUCINE                                     ?                                               
'C6 H13 N O2'     131.173 
LYS   'L-peptide linking' y LYSINE                                      ?                                               
'C6 H15 N2 O2 1'  147.195 
MET   'L-peptide linking' y METHIONINE                                  ?                                               
'C5 H11 N O2 S'   149.211 
PHE   'L-peptide linking' y PHENYLALANINE                               ?                                               
'C9 H11 N O2'     165.189 
PRO   'L-peptide linking' y PROLINE                                     ?                                               
'C5 H9 N O2'      115.130 
RFP   non-polymer         . RIFAMPICIN                                  ?                                               
'C43 H58 N4 O12'  822.940 
SER   'L-peptide linking' y SERINE                                      ?                                               
'C3 H7 N O3'      105.093 
THR   'L-peptide linking' y THREONINE                                   ?                                               
'C4 H9 N O3'      119.119 
TRP   'L-peptide linking' y TRYPTOPHAN                                  ?                                               
'C11 H12 N2 O2'   204.225 
TYR   'L-peptide linking' y TYROSINE                                    ?                                               
'C9 H11 N O3'     181.189 
VAL   'L-peptide linking' y VALINE                                      ?                                               
'C5 H11 N O2'     117.146 
# 
loop_
_pdbx_poly_seq_scheme.asym_id 
_pdbx_poly_seq_scheme.entity_id 
_pdbx_poly_seq_scheme.seq_id 
_pdbx_poly_seq_scheme.mon_id 
_pdbx_poly_seq_scheme.ndb_seq_num 
_pdbx_poly_seq_scheme.pdb_seq_num 
_pdbx_poly_seq_scheme.auth_seq_num 
_pdbx_poly_seq_scheme.pdb_mon_id 
_pdbx_poly_seq_scheme.auth_mon_id 
_pdbx_poly_seq_scheme.pdb_strand_id 
_pdbx_poly_seq_scheme.pdb_ins_code 
_pdbx_poly_seq_scheme.hetero 
A 1 1   SER 1   0   ?   ?   ?   A . n 
A 1 2   MET 2   1   ?   ?   ?   A . n 
A 1 3   ALA 3   2   ?   ?   ?   A . n 
A 1 4   ASN 4   3   4   ASN ASN A . n 
A 1 5   PRO 5   4   5   PRO PRO A . n 
A 1 6   PRO 6   5   6   PRO PRO A . n 
A 1 7   LYS 7   6   7   LYS LYS A . n 
A 1 8   PRO 8   7   8   PRO PRO A . n 
A 1 9   PHE 9   8   9   PHE PHE A . n 
A 1 10  GLU 10  9   10  GLU GLU A . n 
A 1 11  VAL 11  10  11  VAL VAL A . n 
A 1 12  HIS 12  11  12  HIS HIS A . n 
A 1 13  GLU 13  12  13  GLU GLU A . n 
A 1 14  SER 14  13  14  SER SER A . n 
A 1 15  GLY 15  14  15  GLY GLY A . n 
A 1 16  ALA 16  15  16  ALA ALA A . n 
A 1 17  TYR 17  16  17  TYR TYR A . n 
A 1 18  LEU 18  17  18  LEU LEU A . n 
A 1 19  HIS 19  18  19  HIS HIS A . n 
A 1 20  GLY 20  19  20  GLY GLY A . n 
A 1 21  THR 21  20  21  THR THR A . n 
A 1 22  LYS 22  21  22  LYS LYS A . n 
A 1 23  ALA 23  22  23  ALA ALA A . n 
A 1 24  GLU 24  23  24  GLU GLU A . n 
A 1 25  LEU 25  24  25  LEU LEU A . n 
A 1 26  LYS 26  25  26  LYS LYS A . n 
A 1 27  VAL 27  26  27  VAL VAL A . n 
A 1 28  GLY 28  27  28  GLY GLY A . n 
A 1 29  ASP 29  28  29  ASP ASP A . n 
A 1 30  ARG 30  29  30  ARG ARG A . n 
A 1 31  LEU 31  30  31  LEU LEU A . n 
A 1 32  VAL 32  31  32  VAL VAL A . n 
A 1 33  PRO 33  32  33  PRO PRO A . n 
A 1 34  GLY 34  33  34  GLY GLY A . n 
A 1 35  ARG 35  34  35  ARG ARG A . n 
A 1 36  GLU 36  35  36  GLU GLU A . n 
A 1 37  SER 37  36  37  SER SER A . n 
A 1 38  ASN 38  37  38  ASN ASN A . n 
A 1 39  PHE 39  38  39  PHE PHE A . n 
A 1 40  GLU 40  39  40  GLU GLU A . n 
A 1 41  ALA 41  40  41  ALA ALA A . n 
A 1 42  GLY 42  41  42  GLY GLY A . n 
A 1 43  ARG 43  42  43  ARG ARG A . n 
A 1 44  ILE 44  43  44  ILE ILE A . n 
A 1 45  MET 45  44  45  MET MET A . n 
A 1 46  ASN 46  45  46  ASN ASN A . n 
A 1 47  HIS 47  46  47  HIS HIS A . n 
A 1 48  ILE 48  47  48  ILE ILE A . n 
A 1 49  TYR 49  48  49  TYR TYR A . n 
A 1 50  ILE 50  49  50  ILE ILE A . n 
A 1 51  THR 51  50  51  THR THR A . n 
A 1 52  GLN 52  51  52  GLN GLN A . n 
A 1 53  THR 53  52  53  THR THR A . n 
A 1 54  LEU 54  53  54  LEU LEU A . n 
A 1 55  ASP 55  54  55  ASP ASP A . n 
A 1 56  ALA 56  55  56  ALA ALA A . n 
A 1 57  ALA 57  56  57  ALA ALA A . n 
A 1 58  VAL 58  57  58  VAL VAL A . n 
A 1 59  TRP 59  58  59  TRP TRP A . n 
A 1 60  GLY 60  59  60  GLY GLY A . n 
A 1 61  ALA 61  60  61  ALA ALA A . n 
A 1 62  GLU 62  61  62  GLU GLU A . n 
A 1 63  LEU 63  62  63  LEU LEU A . n 
A 1 64  ALA 64  63  64  ALA ALA A . n 
A 1 65  ALA 65  64  65  ALA ALA A . n 
A 1 66  GLY 66  65  66  GLY GLY A . n 
A 1 67  GLU 67  66  67  GLU GLU A . n 
A 1 68  GLY 68  67  68  GLY GLY A . n 
A 1 69  ARG 69  68  69  ARG ARG A . n 
A 1 70  GLY 70  69  70  GLY GLY A . n 
A 1 71  ARG 71  70  71  ARG ARG A . n 
A 1 72  ILE 72  71  72  ILE ILE A . n 
A 1 73  PHE 73  72  73  PHE PHE A . n 
A 1 74  ILE 74  73  74  ILE ILE A . n 
A 1 75  VAL 75  74  75  VAL VAL A . n 
A 1 76  GLU 76  75  76  GLU GLU A . n 
A 1 77  PRO 77  76  77  PRO PRO A . n 
A 1 78  GLU 78  77  78  GLU GLU A . n 
A 1 79  GLY 79  78  79  GLY GLY A . n 
A 1 80  ALA 80  79  80  ALA ALA A . n 
A 1 81  ILE 81  80  81  ILE ILE A . n 
A 1 82  GLU 82  81  82  GLU GLU A . n 
A 1 83  ASP 83  82  83  ASP ASP A . n 
A 1 84  ASP 84  83  84  ASP ASP A . n 
A 1 85  PRO 85  84  85  PRO PRO A . n 
A 1 86  ASN 86  85  86  ASN ASN A . n 
A 1 87  VAL 87  86  87  VAL VAL A . n 
A 1 88  THR 88  87  88  THR THR A . n 
A 1 89  ASP 89  88  89  ASP ASP A . n 
A 1 90  LYS 90  89  90  LYS LYS A . n 
A 1 91  LYS 91  90  91  LYS LYS A . n 
A 1 92  LEU 92  91  92  LEU LEU A . n 
A 1 93  PRO 93  92  93  PRO PRO A . n 
A 1 94  GLY 94  93  94  GLY GLY A . n 
A 1 95  ASN 95  94  95  ASN ASN A . n 
A 1 96  PRO 96  95  96  PRO PRO A . n 
A 1 97  THR 97  96  97  THR THR A . n 
A 1 98  ARG 98  97  98  ARG ARG A . n 
A 1 99  SER 99  98  99  SER SER A . n 
A 1 100 TYR 100 99  100 TYR TYR A . n 
A 1 101 ARG 101 100 101 ARG ARG A . n 
A 1 102 THR 102 101 102 THR THR A . n 
A 1 103 ARG 103 102 103 ARG ARG A . n 
A 1 104 GLU 104 103 104 GLU GLU A . n 
A 1 105 PRO 105 104 105 PRO PRO A . n 
A 1 106 VAL 106 105 106 VAL VAL A . n 
A 1 107 TRP 107 106 107 TRP TRP A . n 
A 1 108 ILE 108 107 108 ILE ILE A . n 
A 1 109 VAL 109 108 109 VAL VAL A . n 
A 1 110 GLY 110 109 110 GLY GLY A . n 
A 1 111 GLU 111 110 111 GLU GLU A . n 
A 1 112 LEU 112 111 112 LEU LEU A . n 
A 1 113 THR 113 112 113 THR THR A . n 
A 1 114 ASP 114 113 114 ASP ASP A . n 
A 1 115 TRP 115 114 115 TRP TRP A . n 
A 1 116 VAL 116 115 116 VAL VAL A . n 
A 1 117 GLY 117 116 117 GLY GLY A . n 
A 1 118 HIS 118 117 118 HIS HIS A . n 
A 1 119 PRO 119 118 119 PRO PRO A . n 
A 1 120 PRO 120 119 120 PRO PRO A . n 
A 1 121 GLU 121 120 121 GLU GLU A . n 
A 1 122 GLN 122 121 122 GLN GLN A . n 
A 1 123 LEU 123 122 123 LEU LEU A . n 
A 1 124 ALA 124 123 124 ALA ALA A . n 
A 1 125 ALA 125 124 125 ALA ALA A . n 
A 1 126 MET 126 125 126 MET MET A . n 
A 1 127 ARG 127 126 127 ARG ARG A . n 
A 1 128 GLN 128 127 128 GLN GLN A . n 
A 1 129 GLY 129 128 129 GLY GLY A . n 
A 1 130 LEU 130 129 130 LEU LEU A . n 
A 1 131 GLU 131 130 131 GLU GLU A . n 
A 1 132 GLU 132 131 132 GLU GLU A . n 
A 1 133 LEU 133 132 133 LEU LEU A . n 
A 1 134 ARG 134 133 134 ARG ARG A . n 
A 1 135 ARG 135 134 135 ARG ARG A . n 
A 1 136 LYS 136 135 136 LYS LYS A . n 
A 1 137 GLY 137 136 137 GLY GLY A . n 
A 1 138 LEU 138 137 138 LEU LEU A . n 
A 1 139 ALA 139 138 139 ALA ALA A . n 
A 1 140 VAL 140 139 140 VAL VAL A . n 
A 1 141 ILE 141 140 141 ILE ILE A . n 
A 1 142 TYR 142 141 142 TYR TYR A . n 
A 1 143 ASP 143 142 143 ASP ASP A . n 
# 
_pdbx_entity_instance_feature.ordinal        1 
_pdbx_entity_instance_feature.comp_id        A1I1V 
_pdbx_entity_instance_feature.asym_id        ? 
_pdbx_entity_instance_feature.seq_num        ? 
_pdbx_entity_instance_feature.auth_comp_id   A1I1V 
_pdbx_entity_instance_feature.auth_asym_id   ? 
_pdbx_entity_instance_feature.auth_seq_num   ? 
_pdbx_entity_instance_feature.feature_type   'SUBJECT OF INVESTIGATION' 
_pdbx_entity_instance_feature.details        ? 
# 
loop_
_pdbx_nonpoly_scheme.asym_id 
_pdbx_nonpoly_scheme.entity_id 
_pdbx_nonpoly_scheme.mon_id 
_pdbx_nonpoly_scheme.ndb_seq_num 
_pdbx_nonpoly_scheme.pdb_seq_num 
_pdbx_nonpoly_scheme.auth_seq_num 
_pdbx_nonpoly_scheme.pdb_mon_id 
_pdbx_nonpoly_scheme.auth_mon_id 
_pdbx_nonpoly_scheme.pdb_strand_id 
_pdbx_nonpoly_scheme.pdb_ins_code 
B 2 A1I1V 1  1201 1201 A1I1V DRG A . 
C 3 RFP   1  1202 1202 RFP   RFP A . 
D 4 DMS   1  1203 1203 DMS   DMS A . 
E 5 HOH   1  1301 9    HOH   HOH A . 
E 5 HOH   2  1302 39   HOH   HOH A . 
E 5 HOH   3  1303 60   HOH   HOH A . 
E 5 HOH   4  1304 61   HOH   HOH A . 
E 5 HOH   5  1305 56   HOH   HOH A . 
E 5 HOH   6  1306 40   HOH   HOH A . 
E 5 HOH   7  1307 35   HOH   HOH A . 
E 5 HOH   8  1308 6    HOH   HOH A . 
E 5 HOH   9  1309 8    HOH   HOH A . 
E 5 HOH   10 1310 16   HOH   HOH A . 
E 5 HOH   11 1311 59   HOH   HOH A . 
E 5 HOH   12 1312 58   HOH   HOH A . 
E 5 HOH   13 1313 30   HOH   HOH A . 
E 5 HOH   14 1314 11   HOH   HOH A . 
E 5 HOH   15 1315 18   HOH   HOH A . 
E 5 HOH   16 1316 68   HOH   HOH A . 
E 5 HOH   17 1317 71   HOH   HOH A . 
E 5 HOH   18 1318 2    HOH   HOH A . 
E 5 HOH   19 1319 70   HOH   HOH A . 
E 5 HOH   20 1320 5    HOH   HOH A . 
E 5 HOH   21 1321 65   HOH   HOH A . 
E 5 HOH   22 1322 3    HOH   HOH A . 
E 5 HOH   23 1323 14   HOH   HOH A . 
E 5 HOH   24 1324 17   HOH   HOH A . 
E 5 HOH   25 1325 21   HOH   HOH A . 
E 5 HOH   26 1326 72   HOH   HOH A . 
E 5 HOH   27 1327 24   HOH   HOH A . 
E 5 HOH   28 1328 69   HOH   HOH A . 
# 
loop_
_software.citation_id 
_software.classification 
_software.compiler_name 
_software.compiler_version 
_software.contact_author 
_software.contact_author_email 
_software.date 
_software.description 
_software.dependencies 
_software.hardware 
_software.language 
_software.location 
_software.mods 
_software.name 
_software.os 
_software.os_version 
_software.type 
_software.version 
_software.pdbx_ordinal 
? refinement       ? ? ? ? ? ? ? ? ? ? ? REFMAC ? ? ? 5.8.0267 1 
? 'data reduction' ? ? ? ? ? ? ? ? ? ? ? XDS    ? ? ? .        2 
? 'data scaling'   ? ? ? ? ? ? ? ? ? ? ? XSCALE ? ? ? .        3 
? phasing          ? ? ? ? ? ? ? ? ? ? ? PHASER ? ? ? .        4 
# 
_cell.angle_alpha                  90.000 
_cell.angle_alpha_esd              ? 
_cell.angle_beta                   93.485 
_cell.angle_beta_esd               ? 
_cell.angle_gamma                  90.000 
_cell.angle_gamma_esd              ? 
_cell.entry_id                     9IAF 
_cell.details                      ? 
_cell.formula_units_Z              ? 
_cell.length_a                     56.220 
_cell.length_a_esd                 ? 
_cell.length_b                     60.760 
_cell.length_b_esd                 ? 
_cell.length_c                     45.550 
_cell.length_c_esd                 ? 
_cell.volume                       ? 
_cell.volume_esd                   ? 
_cell.Z_PDB                        4 
_cell.reciprocal_angle_alpha       ? 
_cell.reciprocal_angle_beta        ? 
_cell.reciprocal_angle_gamma       ? 
_cell.reciprocal_angle_alpha_esd   ? 
_cell.reciprocal_angle_beta_esd    ? 
_cell.reciprocal_angle_gamma_esd   ? 
_cell.reciprocal_length_a          ? 
_cell.reciprocal_length_b          ? 
_cell.reciprocal_length_c          ? 
_cell.reciprocal_length_a_esd      ? 
_cell.reciprocal_length_b_esd      ? 
_cell.reciprocal_length_c_esd      ? 
_cell.pdbx_unique_axis             ? 
_cell.pdbx_esd_method              ? 
# 
_symmetry.entry_id                         9IAF 
_symmetry.cell_setting                     ? 
_symmetry.Int_Tables_number                5 
_symmetry.space_group_name_Hall            ? 
_symmetry.space_group_name_H-M             'C 1 2 1' 
_symmetry.pdbx_full_space_group_name_H-M   ? 
# 
_exptl.absorpt_coefficient_mu     ? 
_exptl.absorpt_correction_T_max   ? 
_exptl.absorpt_correction_T_min   ? 
_exptl.absorpt_correction_type    ? 
_exptl.absorpt_process_details    ? 
_exptl.entry_id                   9IAF 
_exptl.crystals_number            1 
_exptl.details                    ? 
_exptl.method                     'X-RAY DIFFRACTION' 
_exptl.method_details             ? 
# 
_exptl_crystal.colour                       ? 
_exptl_crystal.density_diffrn               ? 
_exptl_crystal.density_Matthews             2.45 
_exptl_crystal.density_method               ? 
_exptl_crystal.density_percent_sol          49.74 
_exptl_crystal.description                  ? 
_exptl_crystal.F_000                        ? 
_exptl_crystal.id                           1 
_exptl_crystal.preparation                  ? 
_exptl_crystal.size_max                     ? 
_exptl_crystal.size_mid                     ? 
_exptl_crystal.size_min                     ? 
_exptl_crystal.size_rad                     ? 
_exptl_crystal.colour_lustre                ? 
_exptl_crystal.colour_modifier              ? 
_exptl_crystal.colour_primary               ? 
_exptl_crystal.density_meas                 ? 
_exptl_crystal.density_meas_esd             ? 
_exptl_crystal.density_meas_gt              ? 
_exptl_crystal.density_meas_lt              ? 
_exptl_crystal.density_meas_temp            ? 
_exptl_crystal.density_meas_temp_esd        ? 
_exptl_crystal.density_meas_temp_gt         ? 
_exptl_crystal.density_meas_temp_lt         ? 
_exptl_crystal.pdbx_crystal_image_url       ? 
_exptl_crystal.pdbx_crystal_image_format    ? 
_exptl_crystal.pdbx_mosaicity               ? 
_exptl_crystal.pdbx_mosaicity_esd           ? 
_exptl_crystal.pdbx_mosaic_method           ? 
_exptl_crystal.pdbx_mosaic_block_size       ? 
_exptl_crystal.pdbx_mosaic_block_size_esd   ? 
# 
_exptl_crystal_grow.apparatus       ? 
_exptl_crystal_grow.atmosphere      ? 
_exptl_crystal_grow.crystal_id      1 
_exptl_crystal_grow.details         ? 
_exptl_crystal_grow.method          'VAPOR DIFFUSION, SITTING DROP' 
_exptl_crystal_grow.method_ref      ? 
_exptl_crystal_grow.pH              8.2 
_exptl_crystal_grow.pressure        ? 
_exptl_crystal_grow.pressure_esd    ? 
_exptl_crystal_grow.seeding         ? 
_exptl_crystal_grow.seeding_ref     ? 
_exptl_crystal_grow.temp_details    ? 
_exptl_crystal_grow.temp_esd        ? 
_exptl_crystal_grow.time            ? 
_exptl_crystal_grow.pdbx_details    
;10 mg/ml protein, 1 mM rifampicin, 1 mM inhibitor (Chr-16), 50 mM Tris pH 8.2, 0.2 M MgCl2, 10% (w/v) PEG 8000, 20% (v/v) 2-methyl-2,4-pentanediol
;
_exptl_crystal_grow.pdbx_pH_range   ? 
_exptl_crystal_grow.temp            293 
# 
_diffrn.ambient_environment              ? 
_diffrn.ambient_temp                     100 
_diffrn.ambient_temp_details             ? 
_diffrn.ambient_temp_esd                 ? 
_diffrn.crystal_id                       1 
_diffrn.crystal_support                  ? 
_diffrn.crystal_treatment                ? 
_diffrn.details                          ? 
_diffrn.id                               1 
_diffrn.ambient_pressure                 ? 
_diffrn.ambient_pressure_esd             ? 
_diffrn.ambient_pressure_gt              ? 
_diffrn.ambient_pressure_lt              ? 
_diffrn.ambient_temp_gt                  ? 
_diffrn.ambient_temp_lt                  ? 
_diffrn.pdbx_serial_crystal_experiment   N 
# 
_diffrn_detector.details                      ? 
_diffrn_detector.detector                     PIXEL 
_diffrn_detector.diffrn_id                    1 
_diffrn_detector.type                         'DECTRIS EIGER2 X 16M' 
_diffrn_detector.area_resol_mean              ? 
_diffrn_detector.dtime                        ? 
_diffrn_detector.pdbx_frames_total            ? 
_diffrn_detector.pdbx_collection_time_total   ? 
_diffrn_detector.pdbx_collection_date         2023-06-23 
_diffrn_detector.pdbx_frequency               ? 
_diffrn_detector.id                           ? 
_diffrn_detector.number_of_axes               ? 
# 
_diffrn_radiation.collimation                      ? 
_diffrn_radiation.diffrn_id                        1 
_diffrn_radiation.filter_edge                      ? 
_diffrn_radiation.inhomogeneity                    ? 
_diffrn_radiation.monochromator                    ? 
_diffrn_radiation.polarisn_norm                    ? 
_diffrn_radiation.polarisn_ratio                   ? 
_diffrn_radiation.probe                            ? 
_diffrn_radiation.type                             ? 
_diffrn_radiation.xray_symbol                      ? 
_diffrn_radiation.wavelength_id                    1 
_diffrn_radiation.pdbx_monochromatic_or_laue_m_l   M 
_diffrn_radiation.pdbx_wavelength_list             ? 
_diffrn_radiation.pdbx_wavelength                  ? 
_diffrn_radiation.pdbx_diffrn_protocol             'SINGLE WAVELENGTH' 
_diffrn_radiation.pdbx_analyzer                    ? 
_diffrn_radiation.pdbx_scattering_type             x-ray 
# 
_diffrn_radiation_wavelength.id           1 
_diffrn_radiation_wavelength.wavelength   0.953745 
_diffrn_radiation_wavelength.wt           1.0 
# 
_diffrn_source.current                     ? 
_diffrn_source.details                     ? 
_diffrn_source.diffrn_id                   1 
_diffrn_source.power                       ? 
_diffrn_source.size                        ? 
_diffrn_source.source                      SYNCHROTRON 
_diffrn_source.target                      ? 
_diffrn_source.type                        'DIAMOND BEAMLINE I04' 
_diffrn_source.voltage                     ? 
_diffrn_source.take-off_angle              ? 
_diffrn_source.pdbx_wavelength_list        0.953745 
_diffrn_source.pdbx_wavelength             ? 
_diffrn_source.pdbx_synchrotron_beamline   I04 
_diffrn_source.pdbx_synchrotron_site       Diamond 
# 
_reflns.B_iso_Wilson_estimate                          ? 
_reflns.entry_id                                       9IAF 
_reflns.data_reduction_details                         ? 
_reflns.data_reduction_method                          ? 
_reflns.d_resolution_high                              2.2 
_reflns.d_resolution_low                               45.466 
_reflns.details                                        ? 
_reflns.limit_h_max                                    ? 
_reflns.limit_h_min                                    ? 
_reflns.limit_k_max                                    ? 
_reflns.limit_k_min                                    ? 
_reflns.limit_l_max                                    ? 
_reflns.limit_l_min                                    ? 
_reflns.number_all                                     ? 
_reflns.number_obs                                     7819 
_reflns.observed_criterion                             ? 
_reflns.observed_criterion_F_max                       ? 
_reflns.observed_criterion_F_min                       ? 
_reflns.observed_criterion_I_max                       ? 
_reflns.observed_criterion_I_min                       ? 
_reflns.observed_criterion_sigma_F                     ? 
_reflns.observed_criterion_sigma_I                     ? 
_reflns.percent_possible_obs                           99.4 
_reflns.R_free_details                                 ? 
_reflns.Rmerge_F_all                                   ? 
_reflns.Rmerge_F_obs                                   ? 
_reflns.Friedel_coverage                               ? 
_reflns.number_gt                                      ? 
_reflns.threshold_expression                           ? 
_reflns.pdbx_redundancy                                10.99 
_reflns.pdbx_netI_over_av_sigmaI                       ? 
_reflns.pdbx_netI_over_sigmaI                          12.53 
_reflns.pdbx_res_netI_over_av_sigmaI_2                 ? 
_reflns.pdbx_res_netI_over_sigmaI_2                    ? 
_reflns.pdbx_chi_squared                               ? 
_reflns.pdbx_scaling_rejects                           ? 
_reflns.pdbx_d_res_high_opt                            ? 
_reflns.pdbx_d_res_low_opt                             ? 
_reflns.pdbx_d_res_opt_method                          ? 
_reflns.phase_calculation_details                      ? 
_reflns.pdbx_Rrim_I_all                                ? 
_reflns.pdbx_Rpim_I_all                                ? 
_reflns.pdbx_d_opt                                     ? 
_reflns.pdbx_number_measured_all                       ? 
_reflns.pdbx_diffrn_id                                 1 
_reflns.pdbx_ordinal                                   1 
_reflns.pdbx_CC_half                                   0.999 
_reflns.pdbx_CC_star                                   ? 
_reflns.pdbx_R_split                                   ? 
_reflns.pdbx_Rmerge_I_obs                              ? 
_reflns.pdbx_Rmerge_I_all                              ? 
_reflns.pdbx_Rsym_value                                ? 
_reflns.pdbx_CC_split_method                           ? 
_reflns.pdbx_aniso_diffraction_limit_axis_1_ortho[1]   ? 
_reflns.pdbx_aniso_diffraction_limit_axis_1_ortho[2]   ? 
_reflns.pdbx_aniso_diffraction_limit_axis_1_ortho[3]   ? 
_reflns.pdbx_aniso_diffraction_limit_axis_2_ortho[1]   ? 
_reflns.pdbx_aniso_diffraction_limit_axis_2_ortho[2]   ? 
_reflns.pdbx_aniso_diffraction_limit_axis_2_ortho[3]   ? 
_reflns.pdbx_aniso_diffraction_limit_axis_3_ortho[1]   ? 
_reflns.pdbx_aniso_diffraction_limit_axis_3_ortho[2]   ? 
_reflns.pdbx_aniso_diffraction_limit_axis_3_ortho[3]   ? 
_reflns.pdbx_aniso_diffraction_limit_1                 ? 
_reflns.pdbx_aniso_diffraction_limit_2                 ? 
_reflns.pdbx_aniso_diffraction_limit_3                 ? 
_reflns.pdbx_aniso_B_tensor_eigenvector_1_ortho[1]     ? 
_reflns.pdbx_aniso_B_tensor_eigenvector_1_ortho[2]     ? 
_reflns.pdbx_aniso_B_tensor_eigenvector_1_ortho[3]     ? 
_reflns.pdbx_aniso_B_tensor_eigenvector_2_ortho[1]     ? 
_reflns.pdbx_aniso_B_tensor_eigenvector_2_ortho[2]     ? 
_reflns.pdbx_aniso_B_tensor_eigenvector_2_ortho[3]     ? 
_reflns.pdbx_aniso_B_tensor_eigenvector_3_ortho[1]     ? 
_reflns.pdbx_aniso_B_tensor_eigenvector_3_ortho[2]     ? 
_reflns.pdbx_aniso_B_tensor_eigenvector_3_ortho[3]     ? 
_reflns.pdbx_aniso_B_tensor_eigenvalue_1               ? 
_reflns.pdbx_aniso_B_tensor_eigenvalue_2               ? 
_reflns.pdbx_aniso_B_tensor_eigenvalue_3               ? 
_reflns.pdbx_orthogonalization_convention              ? 
_reflns.pdbx_percent_possible_ellipsoidal              ? 
_reflns.pdbx_percent_possible_spherical                ? 
_reflns.pdbx_percent_possible_ellipsoidal_anomalous    ? 
_reflns.pdbx_percent_possible_spherical_anomalous      ? 
_reflns.pdbx_redundancy_anomalous                      ? 
_reflns.pdbx_CC_half_anomalous                         ? 
_reflns.pdbx_absDiff_over_sigma_anomalous              ? 
_reflns.pdbx_percent_possible_anomalous                ? 
_reflns.pdbx_observed_signal_threshold                 ? 
_reflns.pdbx_signal_type                               ? 
_reflns.pdbx_signal_details                            ? 
_reflns.pdbx_signal_software_id                        ? 
# 
_reflns_shell.d_res_high                                    2.2 
_reflns_shell.d_res_low                                     2.26 
_reflns_shell.meanI_over_sigI_all                           ? 
_reflns_shell.meanI_over_sigI_obs                           1.87 
_reflns_shell.number_measured_all                           ? 
_reflns_shell.number_measured_obs                           ? 
_reflns_shell.number_possible                               ? 
_reflns_shell.number_unique_all                             ? 
_reflns_shell.number_unique_obs                             569 
_reflns_shell.percent_possible_obs                          ? 
_reflns_shell.Rmerge_F_all                                  ? 
_reflns_shell.Rmerge_F_obs                                  ? 
_reflns_shell.meanI_over_sigI_gt                            ? 
_reflns_shell.meanI_over_uI_all                             ? 
_reflns_shell.meanI_over_uI_gt                              ? 
_reflns_shell.number_measured_gt                            ? 
_reflns_shell.number_unique_gt                              ? 
_reflns_shell.percent_possible_gt                           ? 
_reflns_shell.Rmerge_F_gt                                   ? 
_reflns_shell.Rmerge_I_gt                                   ? 
_reflns_shell.pdbx_redundancy                               6.69 
_reflns_shell.pdbx_chi_squared                              ? 
_reflns_shell.pdbx_netI_over_sigmaI_all                     ? 
_reflns_shell.pdbx_netI_over_sigmaI_obs                     ? 
_reflns_shell.pdbx_Rrim_I_all                               ? 
_reflns_shell.pdbx_Rpim_I_all                               ? 
_reflns_shell.pdbx_rejects                                  ? 
_reflns_shell.pdbx_ordinal                                  1 
_reflns_shell.pdbx_diffrn_id                                1 
_reflns_shell.pdbx_CC_half                                  0.797 
_reflns_shell.pdbx_CC_star                                  ? 
_reflns_shell.pdbx_R_split                                  ? 
_reflns_shell.percent_possible_all                          96.4 
_reflns_shell.Rmerge_I_all                                  ? 
_reflns_shell.Rmerge_I_obs                                  ? 
_reflns_shell.pdbx_Rsym_value                               ? 
_reflns_shell.pdbx_percent_possible_ellipsoidal             ? 
_reflns_shell.pdbx_percent_possible_spherical               ? 
_reflns_shell.pdbx_percent_possible_ellipsoidal_anomalous   ? 
_reflns_shell.pdbx_percent_possible_spherical_anomalous     ? 
_reflns_shell.pdbx_redundancy_anomalous                     ? 
_reflns_shell.pdbx_CC_half_anomalous                        ? 
_reflns_shell.pdbx_absDiff_over_sigma_anomalous             ? 
_reflns_shell.pdbx_percent_possible_anomalous               ? 
# 
_refine.aniso_B[1][1]                            2.807 
_refine.aniso_B[1][2]                            0.000 
_refine.aniso_B[1][3]                            -0.046 
_refine.aniso_B[2][2]                            -2.545 
_refine.aniso_B[2][3]                            -0.000 
_refine.aniso_B[3][3]                            -0.255 
_refine.B_iso_max                                ? 
_refine.B_iso_mean                               46.161 
_refine.B_iso_min                                ? 
_refine.correlation_coeff_Fo_to_Fc               0.957 
_refine.correlation_coeff_Fo_to_Fc_free          0.934 
_refine.details                                  'Hydrogens have been added in their riding positions' 
_refine.diff_density_max                         ? 
_refine.diff_density_max_esd                     ? 
_refine.diff_density_min                         ? 
_refine.diff_density_min_esd                     ? 
_refine.diff_density_rms                         ? 
_refine.diff_density_rms_esd                     ? 
_refine.entry_id                                 9IAF 
_refine.pdbx_refine_id                           'X-RAY DIFFRACTION' 
_refine.ls_abs_structure_details                 ? 
_refine.ls_abs_structure_Flack                   ? 
_refine.ls_abs_structure_Flack_esd               ? 
_refine.ls_abs_structure_Rogers                  ? 
_refine.ls_abs_structure_Rogers_esd              ? 
_refine.ls_d_res_high                            2.200 
_refine.ls_d_res_low                             45.466 
_refine.ls_extinction_coef                       ? 
_refine.ls_extinction_coef_esd                   ? 
_refine.ls_extinction_expression                 ? 
_refine.ls_extinction_method                     ? 
_refine.ls_goodness_of_fit_all                   ? 
_refine.ls_goodness_of_fit_all_esd               ? 
_refine.ls_goodness_of_fit_obs                   ? 
_refine.ls_goodness_of_fit_obs_esd               ? 
_refine.ls_hydrogen_treatment                    ? 
_refine.ls_matrix_type                           ? 
_refine.ls_number_constraints                    ? 
_refine.ls_number_parameters                     ? 
_refine.ls_number_reflns_all                     ? 
_refine.ls_number_reflns_obs                     7819 
_refine.ls_number_reflns_R_free                  506 
_refine.ls_number_reflns_R_work                  7313 
_refine.ls_number_restraints                     ? 
_refine.ls_percent_reflns_obs                    99.428 
_refine.ls_percent_reflns_R_free                 6.471 
_refine.ls_R_factor_all                          0.191 
_refine.ls_R_factor_obs                          ? 
_refine.ls_R_factor_R_free                       0.2503 
_refine.ls_R_factor_R_free_error                 ? 
_refine.ls_R_factor_R_free_error_details         ? 
_refine.ls_R_factor_R_work                       0.1870 
_refine.ls_R_Fsqd_factor_obs                     ? 
_refine.ls_R_I_factor_obs                        ? 
_refine.ls_redundancy_reflns_all                 ? 
_refine.ls_redundancy_reflns_obs                 ? 
_refine.ls_restrained_S_all                      ? 
_refine.ls_restrained_S_obs                      ? 
_refine.ls_shift_over_esd_max                    ? 
_refine.ls_shift_over_esd_mean                   ? 
_refine.ls_structure_factor_coef                 ? 
_refine.ls_weighting_details                     ? 
_refine.ls_weighting_scheme                      ? 
_refine.ls_wR_factor_all                         ? 
_refine.ls_wR_factor_obs                         ? 
_refine.ls_wR_factor_R_free                      ? 
_refine.ls_wR_factor_R_work                      ? 
_refine.occupancy_max                            ? 
_refine.occupancy_min                            ? 
_refine.solvent_model_details                    'MASK BULK SOLVENT' 
_refine.solvent_model_param_bsol                 ? 
_refine.solvent_model_param_ksol                 ? 
_refine.pdbx_R_complete                          ? 
_refine.ls_R_factor_gt                           ? 
_refine.ls_goodness_of_fit_gt                    ? 
_refine.ls_goodness_of_fit_ref                   ? 
_refine.ls_shift_over_su_max                     ? 
_refine.ls_shift_over_su_max_lt                  ? 
_refine.ls_shift_over_su_mean                    ? 
_refine.ls_shift_over_su_mean_lt                 ? 
_refine.pdbx_ls_sigma_I                          ? 
_refine.pdbx_ls_sigma_F                          ? 
_refine.pdbx_ls_sigma_Fsqd                       ? 
_refine.pdbx_data_cutoff_high_absF               ? 
_refine.pdbx_data_cutoff_high_rms_absF           ? 
_refine.pdbx_data_cutoff_low_absF                ? 
_refine.pdbx_isotropic_thermal_model             ? 
_refine.pdbx_ls_cross_valid_method               THROUGHOUT 
_refine.pdbx_method_to_determine_struct          'MOLECULAR REPLACEMENT' 
_refine.pdbx_starting_model                      ? 
_refine.pdbx_stereochemistry_target_values       ? 
_refine.pdbx_R_Free_selection_details            'Random selection' 
_refine.pdbx_stereochem_target_val_spec_case     ? 
_refine.pdbx_overall_ESU_R                       0.294 
_refine.pdbx_overall_ESU_R_Free                  0.229 
_refine.pdbx_solvent_vdw_probe_radii             1.200 
_refine.pdbx_solvent_ion_probe_radii             0.800 
_refine.pdbx_solvent_shrinkage_radii             0.800 
_refine.pdbx_real_space_R                        ? 
_refine.pdbx_density_correlation                 ? 
_refine.pdbx_pd_number_of_powder_patterns        ? 
_refine.pdbx_pd_number_of_points                 ? 
_refine.pdbx_pd_meas_number_of_points            ? 
_refine.pdbx_pd_proc_ls_prof_R_factor            ? 
_refine.pdbx_pd_proc_ls_prof_wR_factor           ? 
_refine.pdbx_pd_Marquardt_correlation_coeff      ? 
_refine.pdbx_pd_Fsqrd_R_factor                   ? 
_refine.pdbx_pd_ls_matrix_band_width             ? 
_refine.pdbx_overall_phase_error                 ? 
_refine.pdbx_overall_SU_R_free_Cruickshank_DPI   ? 
_refine.pdbx_overall_SU_R_free_Blow_DPI          ? 
_refine.pdbx_overall_SU_R_Blow_DPI               ? 
_refine.pdbx_TLS_residual_ADP_flag               ? 
_refine.pdbx_diffrn_id                           1 
_refine.overall_SU_B                             7.234 
_refine.overall_SU_ML                            0.175 
_refine.overall_SU_R_Cruickshank_DPI             ? 
_refine.overall_SU_R_free                        ? 
_refine.overall_FOM_free_R_set                   ? 
_refine.overall_FOM_work_R_set                   ? 
_refine.pdbx_average_fsc_overall                 ? 
_refine.pdbx_average_fsc_work                    ? 
_refine.pdbx_average_fsc_free                    ? 
# 
_refine_hist.pdbx_refine_id                   'X-RAY DIFFRACTION' 
_refine_hist.cycle_id                         LAST 
_refine_hist.pdbx_number_atoms_protein        1099 
_refine_hist.pdbx_number_atoms_nucleic_acid   0 
_refine_hist.pdbx_number_atoms_ligand         82 
_refine_hist.number_atoms_solvent             28 
_refine_hist.number_atoms_total               1209 
_refine_hist.d_res_high                       2.200 
_refine_hist.d_res_low                        45.466 
# 
loop_
_refine_ls_restr.pdbx_refine_id 
_refine_ls_restr.criterion 
_refine_ls_restr.dev_ideal 
_refine_ls_restr.dev_ideal_target 
_refine_ls_restr.number 
_refine_ls_restr.rejects 
_refine_ls_restr.type 
_refine_ls_restr.weight 
_refine_ls_restr.pdbx_restraint_function 
'X-RAY DIFFRACTION' ? 0.012  0.013  1213 ? r_bond_refined_d               ? ? 
'X-RAY DIFFRACTION' ? 0.001  0.015  1131 ? r_bond_other_d                 ? ? 
'X-RAY DIFFRACTION' ? 1.865  1.668  1657 ? r_angle_refined_deg            ? ? 
'X-RAY DIFFRACTION' ? 1.335  1.580  2597 ? r_angle_other_deg              ? ? 
'X-RAY DIFFRACTION' ? 6.939  5.000  139  ? r_dihedral_angle_1_deg         ? ? 
'X-RAY DIFFRACTION' ? 31.358 20.278 72   ? r_dihedral_angle_2_deg         ? ? 
'X-RAY DIFFRACTION' ? 16.949 15.000 183  ? r_dihedral_angle_3_deg         ? ? 
'X-RAY DIFFRACTION' ? 16.733 15.000 11   ? r_dihedral_angle_4_deg         ? ? 
'X-RAY DIFFRACTION' ? 0.080  0.200  149  ? r_chiral_restr                 ? ? 
'X-RAY DIFFRACTION' ? 0.011  0.020  1378 ? r_gen_planes_refined           ? ? 
'X-RAY DIFFRACTION' ? 0.001  0.020  274  ? r_gen_planes_other             ? ? 
'X-RAY DIFFRACTION' ? 0.202  0.200  222  ? r_nbd_refined                  ? ? 
'X-RAY DIFFRACTION' ? 0.194  0.200  1110 ? r_symmetry_nbd_other           ? ? 
'X-RAY DIFFRACTION' ? 0.171  0.200  585  ? r_nbtor_refined                ? ? 
'X-RAY DIFFRACTION' ? 0.086  0.200  588  ? r_symmetry_nbtor_other         ? ? 
'X-RAY DIFFRACTION' ? 0.127  0.200  44   ? r_xyhbond_nbd_refined          ? ? 
'X-RAY DIFFRACTION' ? 0.134  0.200  8    ? r_symmetry_nbd_refined         ? ? 
'X-RAY DIFFRACTION' ? 0.249  0.200  50   ? r_nbd_other                    ? ? 
'X-RAY DIFFRACTION' ? 0.178  0.200  4    ? r_symmetry_xyhbond_nbd_refined ? ? 
'X-RAY DIFFRACTION' ? 4.981  4.583  559  ? r_mcbond_it                    ? ? 
'X-RAY DIFFRACTION' ? 4.978  4.582  558  ? r_mcbond_other                 ? ? 
'X-RAY DIFFRACTION' ? 6.949  6.851  697  ? r_mcangle_it                   ? ? 
'X-RAY DIFFRACTION' ? 6.945  6.851  698  ? r_mcangle_other                ? ? 
'X-RAY DIFFRACTION' ? 5.910  5.100  654  ? r_scbond_it                    ? ? 
'X-RAY DIFFRACTION' ? 5.905  5.101  655  ? r_scbond_other                 ? ? 
'X-RAY DIFFRACTION' ? 8.077  7.476  960  ? r_scangle_it                   ? ? 
'X-RAY DIFFRACTION' ? 8.073  7.478  961  ? r_scangle_other                ? ? 
'X-RAY DIFFRACTION' ? 10.665 52.623 1382 ? r_lrange_it                    ? ? 
'X-RAY DIFFRACTION' ? 10.661 52.624 1382 ? r_lrange_other                 ? ? 
# 
loop_
_refine_ls_shell.pdbx_refine_id 
_refine_ls_shell.d_res_high 
_refine_ls_shell.d_res_low 
_refine_ls_shell.number_reflns_all 
_refine_ls_shell.number_reflns_obs 
_refine_ls_shell.number_reflns_R_free 
_refine_ls_shell.number_reflns_R_work 
_refine_ls_shell.percent_reflns_obs 
_refine_ls_shell.percent_reflns_R_free 
_refine_ls_shell.R_factor_all 
_refine_ls_shell.R_factor_obs 
_refine_ls_shell.R_factor_R_free_error 
_refine_ls_shell.R_factor_R_work 
_refine_ls_shell.redundancy_reflns_all 
_refine_ls_shell.redundancy_reflns_obs 
_refine_ls_shell.wR_factor_all 
_refine_ls_shell.wR_factor_obs 
_refine_ls_shell.wR_factor_R_free 
_refine_ls_shell.wR_factor_R_work 
_refine_ls_shell.pdbx_R_complete 
_refine_ls_shell.pdbx_total_number_of_bins_used 
_refine_ls_shell.pdbx_phase_error 
_refine_ls_shell.pdbx_fsc_work 
_refine_ls_shell.pdbx_fsc_free 
_refine_ls_shell.R_factor_R_free 
'X-RAY DIFFRACTION' 2.200 2.257  590 . 32 536 96.2712  . 0.439 . . 0.437 . . . . . 0.444 . 20 . 0.636 0.568 0.482 
'X-RAY DIFFRACTION' 2.257 2.319  558 . 38 508 97.8495  . 0.353 . . 0.341 . . . . . 0.355 . 20 . 0.724 0.636 0.519 
'X-RAY DIFFRACTION' 2.319 2.386  541 . 45 495 99.8152  . 0.234 . . 0.226 . . . . . 0.202 . 20 . 0.842 0.801 0.319 
'X-RAY DIFFRACTION' 2.386 2.459  530 . 43 486 99.8113  . 0.231 . . 0.223 . . . . . 0.200 . 20 . 0.864 0.825 0.327 
'X-RAY DIFFRACTION' 2.459 2.539  510 . 44 466 100.0000 . 0.184 . . 0.175 . . . . . 0.151 . 20 . 0.923 0.782 0.323 
'X-RAY DIFFRACTION' 2.539 2.628  504 . 33 471 100.0000 . 0.184 . . 0.176 . . . . . 0.150 . 20 . 0.925 0.864 0.307 
'X-RAY DIFFRACTION' 2.628 2.727  487 . 34 451 99.5893  . 0.167 . . 0.164 . . . . . 0.140 . 20 . 0.940 0.928 0.212 
'X-RAY DIFFRACTION' 2.727 2.838  456 . 19 436 99.7807  . 0.163 . . 0.159 . . . . . 0.133 . 20 . 0.944 0.902 0.250 
'X-RAY DIFFRACTION' 2.838 2.963  453 . 25 427 99.7793  . 0.158 . . 0.153 . . . . . 0.133 . 20 . 0.945 0.934 0.225 
'X-RAY DIFFRACTION' 2.963 3.107  417 . 20 396 99.7602  . 0.157 . . 0.152 . . . . . 0.135 . 20 . 0.946 0.877 0.298 
'X-RAY DIFFRACTION' 3.107 3.275  402 . 23 379 100.0000 . 0.159 . . 0.155 . . . . . 0.141 . 20 . 0.947 0.940 0.218 
'X-RAY DIFFRACTION' 3.275 3.472  383 . 16 367 100.0000 . 0.164 . . 0.162 . . . . . 0.149 . 20 . 0.950 0.916 0.221 
'X-RAY DIFFRACTION' 3.472 3.710  368 . 34 331 99.1848  . 0.160 . . 0.156 . . . . . 0.144 . 20 . 0.956 0.936 0.211 
'X-RAY DIFFRACTION' 3.710 4.005  334 . 16 317 99.7006  . 0.151 . . 0.146 . . . . . 0.140 . 20 . 0.961 0.943 0.251 
'X-RAY DIFFRACTION' 4.005 4.384  306 . 22 284 100.0000 . 0.157 . . 0.156 . . . . . 0.157 . 20 . 0.962 0.960 0.174 
'X-RAY DIFFRACTION' 4.384 4.896  282 . 21 261 100.0000 . 0.166 . . 0.160 . . . . . 0.168 . 20 . 0.963 0.940 0.251 
'X-RAY DIFFRACTION' 4.896 5.643  256 . 14 242 100.0000 . 0.211 . . 0.209 . . . . . 0.228 . 20 . 0.954 0.903 0.246 
'X-RAY DIFFRACTION' 5.643 6.884  223 . 15 208 100.0000 . 0.239 . . 0.241 . . . . . 0.250 . 20 . 0.935 0.939 0.220 
'X-RAY DIFFRACTION' 6.884 9.626  160 . 8  152 100.0000 . 0.210 . . 0.211 . . . . . 0.232 . 20 . 0.949 0.968 0.205 
'X-RAY DIFFRACTION' 9.626 45.466 104 . 4  100 100.0000 . 0.241 . . 0.240 . . . . . 0.251 . 20 . 0.919 0.937 0.256 
# 
_struct.entry_id                     9IAF 
_struct.title                        'Crystal structure of Arr in complex with Rifampicin and Chr-16' 
_struct.pdbx_model_details           ? 
_struct.pdbx_formula_weight          ? 
_struct.pdbx_formula_weight_method   ? 
_struct.pdbx_model_type_details      ? 
_struct.pdbx_CASP_flag               N 
# 
_struct_keywords.entry_id        9IAF 
_struct_keywords.text            'ADP-ribosyltransferase, complex, inhibitor, rifampicin, TRANSFERASE' 
_struct_keywords.pdbx_keywords   TRANSFERASE 
# 
loop_
_struct_asym.id 
_struct_asym.pdbx_blank_PDB_chainid_flag 
_struct_asym.pdbx_modified 
_struct_asym.entity_id 
_struct_asym.details 
A N N 1 ? 
B N N 2 ? 
C N N 3 ? 
D N N 4 ? 
E N N 5 ? 
# 
_struct_ref.id                         1 
_struct_ref.db_name                    UNP 
_struct_ref.db_code                    A0A653FGA6_MYCSM 
_struct_ref.pdbx_db_accession          A0A653FGA6 
_struct_ref.pdbx_db_isoform            ? 
_struct_ref.entity_id                  1 
_struct_ref.pdbx_seq_one_letter_code   
;MANPPKPFEVHESGAYLHGTKAELKVGDRLVPGRESNFEAGRIMNHVYITQTLDAAVWGAELAAGEGRGRIYIVEPEGAI
EDDPNVTDKKLPGNPTRSYRTREPVWIVGELTDWVGHPPEQLAAMRQGLEELRRKGLAVIYD
;
_struct_ref.pdbx_align_begin           1 
# 
_struct_ref_seq.align_id                      1 
_struct_ref_seq.ref_id                        1 
_struct_ref_seq.pdbx_PDB_id_code              9IAF 
_struct_ref_seq.pdbx_strand_id                A 
_struct_ref_seq.seq_align_beg                 2 
_struct_ref_seq.pdbx_seq_align_beg_ins_code   ? 
_struct_ref_seq.seq_align_end                 143 
_struct_ref_seq.pdbx_seq_align_end_ins_code   ? 
_struct_ref_seq.pdbx_db_accession             A0A653FGA6 
_struct_ref_seq.db_align_beg                  1 
_struct_ref_seq.pdbx_db_align_beg_ins_code    ? 
_struct_ref_seq.db_align_end                  142 
_struct_ref_seq.pdbx_db_align_end_ins_code    ? 
_struct_ref_seq.pdbx_auth_seq_align_beg       1 
_struct_ref_seq.pdbx_auth_seq_align_end       142 
# 
loop_
_struct_ref_seq_dif.align_id 
_struct_ref_seq_dif.pdbx_pdb_id_code 
_struct_ref_seq_dif.mon_id 
_struct_ref_seq_dif.pdbx_pdb_strand_id 
_struct_ref_seq_dif.seq_num 
_struct_ref_seq_dif.pdbx_pdb_ins_code 
_struct_ref_seq_dif.pdbx_seq_db_name 
_struct_ref_seq_dif.pdbx_seq_db_accession_code 
_struct_ref_seq_dif.db_mon_id 
_struct_ref_seq_dif.pdbx_seq_db_seq_num 
_struct_ref_seq_dif.details 
_struct_ref_seq_dif.pdbx_auth_seq_num 
_struct_ref_seq_dif.pdbx_ordinal 
1 9IAF SER A 1  ? UNP A0A653FGA6 ?   ?  'expression tag'      0  1 
1 9IAF ILE A 48 ? UNP A0A653FGA6 VAL 47 'engineered mutation' 47 2 
1 9IAF PHE A 73 ? UNP A0A653FGA6 TYR 72 'engineered mutation' 72 3 
# 
_pdbx_struct_assembly.id                   1 
_pdbx_struct_assembly.details              author_and_software_defined_assembly 
_pdbx_struct_assembly.method_details       PISA 
_pdbx_struct_assembly.oligomeric_details   monomeric 
_pdbx_struct_assembly.oligomeric_count     1 
# 
loop_
_pdbx_struct_assembly_prop.biol_id 
_pdbx_struct_assembly_prop.type 
_pdbx_struct_assembly_prop.value 
_pdbx_struct_assembly_prop.details 
1 'ABSA (A^2)' 1730 ? 
1 MORE         -8   ? 
1 'SSA (A^2)'  7690 ? 
# 
_pdbx_struct_assembly_gen.assembly_id       1 
_pdbx_struct_assembly_gen.oper_expression   1 
_pdbx_struct_assembly_gen.asym_id_list      A,B,C,D,E 
# 
_pdbx_struct_assembly_auth_evidence.id                     1 
_pdbx_struct_assembly_auth_evidence.assembly_id            1 
_pdbx_struct_assembly_auth_evidence.experimental_support   'gel filtration' 
_pdbx_struct_assembly_auth_evidence.details                ? 
# 
_pdbx_struct_oper_list.id                   1 
_pdbx_struct_oper_list.type                 'identity operation' 
_pdbx_struct_oper_list.name                 1_555 
_pdbx_struct_oper_list.symmetry_operation   x,y,z 
_pdbx_struct_oper_list.matrix[1][1]         1.0000000000 
_pdbx_struct_oper_list.matrix[1][2]         0.0000000000 
_pdbx_struct_oper_list.matrix[1][3]         0.0000000000 
_pdbx_struct_oper_list.vector[1]            0.0000000000 
_pdbx_struct_oper_list.matrix[2][1]         0.0000000000 
_pdbx_struct_oper_list.matrix[2][2]         1.0000000000 
_pdbx_struct_oper_list.matrix[2][3]         0.0000000000 
_pdbx_struct_oper_list.vector[2]            0.0000000000 
_pdbx_struct_oper_list.matrix[3][1]         0.0000000000 
_pdbx_struct_oper_list.matrix[3][2]         0.0000000000 
_pdbx_struct_oper_list.matrix[3][3]         1.0000000000 
_pdbx_struct_oper_list.vector[3]            0.0000000000 
# 
loop_
_struct_conf.conf_type_id 
_struct_conf.id 
_struct_conf.pdbx_PDB_helix_id 
_struct_conf.beg_label_comp_id 
_struct_conf.beg_label_asym_id 
_struct_conf.beg_label_seq_id 
_struct_conf.pdbx_beg_PDB_ins_code 
_struct_conf.end_label_comp_id 
_struct_conf.end_label_asym_id 
_struct_conf.end_label_seq_id 
_struct_conf.pdbx_end_PDB_ins_code 
_struct_conf.beg_auth_comp_id 
_struct_conf.beg_auth_asym_id 
_struct_conf.beg_auth_seq_id 
_struct_conf.end_auth_comp_id 
_struct_conf.end_auth_asym_id 
_struct_conf.end_auth_seq_id 
_struct_conf.pdbx_PDB_helix_class 
_struct_conf.details 
_struct_conf.pdbx_PDB_helix_length 
HELX_P HELX_P1 AA1 THR A 53  ? ALA A 64  ? THR A 52  ALA A 63  1 ? 12 
HELX_P HELX_P2 AA2 PRO A 119 ? LYS A 136 ? PRO A 118 LYS A 135 1 ? 18 
# 
_struct_conf_type.id          HELX_P 
_struct_conf_type.criteria    ? 
_struct_conf_type.reference   ? 
# 
loop_
_struct_sheet.id 
_struct_sheet.type 
_struct_sheet.number_strands 
_struct_sheet.details 
AA1 ? 4 ? 
AA2 ? 3 ? 
# 
loop_
_struct_sheet_order.sheet_id 
_struct_sheet_order.range_id_1 
_struct_sheet_order.range_id_2 
_struct_sheet_order.offset 
_struct_sheet_order.sense 
AA1 1 2 ? anti-parallel 
AA1 2 3 ? anti-parallel 
AA1 3 4 ? anti-parallel 
AA2 1 2 ? anti-parallel 
AA2 2 3 ? anti-parallel 
# 
loop_
_struct_sheet_range.sheet_id 
_struct_sheet_range.id 
_struct_sheet_range.beg_label_comp_id 
_struct_sheet_range.beg_label_asym_id 
_struct_sheet_range.beg_label_seq_id 
_struct_sheet_range.pdbx_beg_PDB_ins_code 
_struct_sheet_range.end_label_comp_id 
_struct_sheet_range.end_label_asym_id 
_struct_sheet_range.end_label_seq_id 
_struct_sheet_range.pdbx_end_PDB_ins_code 
_struct_sheet_range.beg_auth_comp_id 
_struct_sheet_range.beg_auth_asym_id 
_struct_sheet_range.beg_auth_seq_id 
_struct_sheet_range.end_auth_comp_id 
_struct_sheet_range.end_auth_asym_id 
_struct_sheet_range.end_auth_seq_id 
AA1 1 TYR A 17  ? THR A 21  ? TYR A 16  THR A 20  
AA1 2 ARG A 71  ? PRO A 77  ? ARG A 70  PRO A 76  
AA1 3 VAL A 106 ? LEU A 112 ? VAL A 105 LEU A 111 
AA1 4 ARG A 30  ? LEU A 31  ? ARG A 29  LEU A 30  
AA2 1 ILE A 48  ? THR A 51  ? ILE A 47  THR A 50  
AA2 2 SER A 99  ? THR A 102 ? SER A 98  THR A 101 
AA2 3 ILE A 81  ? ASP A 83  ? ILE A 80  ASP A 82  
# 
loop_
_pdbx_struct_sheet_hbond.sheet_id 
_pdbx_struct_sheet_hbond.range_id_1 
_pdbx_struct_sheet_hbond.range_id_2 
_pdbx_struct_sheet_hbond.range_1_label_atom_id 
_pdbx_struct_sheet_hbond.range_1_label_comp_id 
_pdbx_struct_sheet_hbond.range_1_label_asym_id 
_pdbx_struct_sheet_hbond.range_1_label_seq_id 
_pdbx_struct_sheet_hbond.range_1_PDB_ins_code 
_pdbx_struct_sheet_hbond.range_1_auth_atom_id 
_pdbx_struct_sheet_hbond.range_1_auth_comp_id 
_pdbx_struct_sheet_hbond.range_1_auth_asym_id 
_pdbx_struct_sheet_hbond.range_1_auth_seq_id 
_pdbx_struct_sheet_hbond.range_2_label_atom_id 
_pdbx_struct_sheet_hbond.range_2_label_comp_id 
_pdbx_struct_sheet_hbond.range_2_label_asym_id 
_pdbx_struct_sheet_hbond.range_2_label_seq_id 
_pdbx_struct_sheet_hbond.range_2_PDB_ins_code 
_pdbx_struct_sheet_hbond.range_2_auth_atom_id 
_pdbx_struct_sheet_hbond.range_2_auth_comp_id 
_pdbx_struct_sheet_hbond.range_2_auth_asym_id 
_pdbx_struct_sheet_hbond.range_2_auth_seq_id 
AA1 1 2 N THR A 21  ? N THR A 20  O ARG A 71  ? O ARG A 70  
AA1 2 3 N ILE A 74  ? N ILE A 73  O VAL A 109 ? O VAL A 108 
AA1 3 4 O VAL A 106 ? O VAL A 105 N LEU A 31  ? N LEU A 30  
AA2 1 2 N ILE A 50  ? N ILE A 49  O TYR A 100 ? O TYR A 99  
AA2 2 3 O ARG A 101 ? O ARG A 100 N GLU A 82  ? N GLU A 81  
# 
_pdbx_entry_details.entry_id                   9IAF 
_pdbx_entry_details.nonpolymer_details         ? 
_pdbx_entry_details.sequence_details           ? 
_pdbx_entry_details.compound_details           ? 
_pdbx_entry_details.source_details             ? 
_pdbx_entry_details.has_ligand_of_interest     Y 
_pdbx_entry_details.has_protein_modification   N 
# 
_pdbx_validate_rmsd_angle.id                         1 
_pdbx_validate_rmsd_angle.PDB_model_num              1 
_pdbx_validate_rmsd_angle.auth_atom_id_1             NE 
_pdbx_validate_rmsd_angle.auth_asym_id_1             A 
_pdbx_validate_rmsd_angle.auth_comp_id_1             ARG 
_pdbx_validate_rmsd_angle.auth_seq_id_1              34 
_pdbx_validate_rmsd_angle.PDB_ins_code_1             ? 
_pdbx_validate_rmsd_angle.label_alt_id_1             ? 
_pdbx_validate_rmsd_angle.auth_atom_id_2             CZ 
_pdbx_validate_rmsd_angle.auth_asym_id_2             A 
_pdbx_validate_rmsd_angle.auth_comp_id_2             ARG 
_pdbx_validate_rmsd_angle.auth_seq_id_2              34 
_pdbx_validate_rmsd_angle.PDB_ins_code_2             ? 
_pdbx_validate_rmsd_angle.label_alt_id_2             ? 
_pdbx_validate_rmsd_angle.auth_atom_id_3             NH2 
_pdbx_validate_rmsd_angle.auth_asym_id_3             A 
_pdbx_validate_rmsd_angle.auth_comp_id_3             ARG 
_pdbx_validate_rmsd_angle.auth_seq_id_3              34 
_pdbx_validate_rmsd_angle.PDB_ins_code_3             ? 
_pdbx_validate_rmsd_angle.label_alt_id_3             ? 
_pdbx_validate_rmsd_angle.angle_value                117.15 
_pdbx_validate_rmsd_angle.angle_target_value         120.30 
_pdbx_validate_rmsd_angle.angle_deviation            -3.15 
_pdbx_validate_rmsd_angle.angle_standard_deviation   0.50 
_pdbx_validate_rmsd_angle.linker_flag                N 
# 
loop_
_pdbx_validate_torsion.id 
_pdbx_validate_torsion.PDB_model_num 
_pdbx_validate_torsion.auth_comp_id 
_pdbx_validate_torsion.auth_asym_id 
_pdbx_validate_torsion.auth_seq_id 
_pdbx_validate_torsion.PDB_ins_code 
_pdbx_validate_torsion.label_alt_id 
_pdbx_validate_torsion.phi 
_pdbx_validate_torsion.psi 
1 1 PHE A 8   ? ? 82.88   11.73  
2 1 ALA A 40  ? ? -36.99  126.95 
3 1 LYS A 90  ? ? -141.38 -64.50 
4 1 ASP A 113 ? ? -109.78 73.36  
# 
loop_
_pdbx_unobs_or_zero_occ_residues.id 
_pdbx_unobs_or_zero_occ_residues.PDB_model_num 
_pdbx_unobs_or_zero_occ_residues.polymer_flag 
_pdbx_unobs_or_zero_occ_residues.occupancy_flag 
_pdbx_unobs_or_zero_occ_residues.auth_asym_id 
_pdbx_unobs_or_zero_occ_residues.auth_comp_id 
_pdbx_unobs_or_zero_occ_residues.auth_seq_id 
_pdbx_unobs_or_zero_occ_residues.PDB_ins_code 
_pdbx_unobs_or_zero_occ_residues.label_asym_id 
_pdbx_unobs_or_zero_occ_residues.label_comp_id 
_pdbx_unobs_or_zero_occ_residues.label_seq_id 
1 1 Y 1 A SER 0 ? A SER 1 
2 1 Y 1 A MET 1 ? A MET 2 
3 1 Y 1 A ALA 2 ? A ALA 3 
# 
loop_
_chem_comp_atom.comp_id 
_chem_comp_atom.atom_id 
_chem_comp_atom.type_symbol 
_chem_comp_atom.pdbx_aromatic_flag 
_chem_comp_atom.pdbx_stereo_config 
_chem_comp_atom.pdbx_ordinal 
A1I1V C4   C  Y N 1   
A1I1V C14  C  Y N 2   
A1I1V C5   C  Y N 3   
A1I1V C6   C  Y N 4   
A1I1V C11  C  Y N 5   
A1I1V C7   C  Y N 6   
A1I1V C8   C  N N 7   
A1I1V C9   C  N N 8   
A1I1V C10  C  Y N 9   
A1I1V C12  C  Y N 10  
A1I1V C13  C  Y N 11  
A1I1V N1   N  N N 12  
A1I1V N2   N  N N 13  
A1I1V C3   C  Y N 14  
A1I1V C1   C  N N 15  
A1I1V C2   C  Y N 16  
A1I1V CL1  CL N N 17  
A1I1V O1   O  N N 18  
A1I1V C15  C  Y N 19  
A1I1V H1   H  N N 20  
A1I1V H2   H  N N 21  
A1I1V H3   H  N N 22  
A1I1V H4   H  N N 23  
A1I1V H6   H  N N 24  
A1I1V H7   H  N N 25  
A1I1V H8   H  N N 26  
A1I1V H9   H  N N 27  
A1I1V H10  H  N N 28  
A1I1V H11  H  N N 29  
A1I1V H5   H  N N 30  
ALA   N    N  N N 31  
ALA   CA   C  N S 32  
ALA   C    C  N N 33  
ALA   O    O  N N 34  
ALA   CB   C  N N 35  
ALA   OXT  O  N N 36  
ALA   H    H  N N 37  
ALA   H2   H  N N 38  
ALA   HA   H  N N 39  
ALA   HB1  H  N N 40  
ALA   HB2  H  N N 41  
ALA   HB3  H  N N 42  
ALA   HXT  H  N N 43  
ARG   N    N  N N 44  
ARG   CA   C  N S 45  
ARG   C    C  N N 46  
ARG   O    O  N N 47  
ARG   CB   C  N N 48  
ARG   CG   C  N N 49  
ARG   CD   C  N N 50  
ARG   NE   N  N N 51  
ARG   CZ   C  N N 52  
ARG   NH1  N  N N 53  
ARG   NH2  N  N N 54  
ARG   OXT  O  N N 55  
ARG   H    H  N N 56  
ARG   H2   H  N N 57  
ARG   HA   H  N N 58  
ARG   HB2  H  N N 59  
ARG   HB3  H  N N 60  
ARG   HG2  H  N N 61  
ARG   HG3  H  N N 62  
ARG   HD2  H  N N 63  
ARG   HD3  H  N N 64  
ARG   HE   H  N N 65  
ARG   HH11 H  N N 66  
ARG   HH12 H  N N 67  
ARG   HH21 H  N N 68  
ARG   HH22 H  N N 69  
ARG   HXT  H  N N 70  
ASN   N    N  N N 71  
ASN   CA   C  N S 72  
ASN   C    C  N N 73  
ASN   O    O  N N 74  
ASN   CB   C  N N 75  
ASN   CG   C  N N 76  
ASN   OD1  O  N N 77  
ASN   ND2  N  N N 78  
ASN   OXT  O  N N 79  
ASN   H    H  N N 80  
ASN   H2   H  N N 81  
ASN   HA   H  N N 82  
ASN   HB2  H  N N 83  
ASN   HB3  H  N N 84  
ASN   HD21 H  N N 85  
ASN   HD22 H  N N 86  
ASN   HXT  H  N N 87  
ASP   N    N  N N 88  
ASP   CA   C  N S 89  
ASP   C    C  N N 90  
ASP   O    O  N N 91  
ASP   CB   C  N N 92  
ASP   CG   C  N N 93  
ASP   OD1  O  N N 94  
ASP   OD2  O  N N 95  
ASP   OXT  O  N N 96  
ASP   H    H  N N 97  
ASP   H2   H  N N 98  
ASP   HA   H  N N 99  
ASP   HB2  H  N N 100 
ASP   HB3  H  N N 101 
ASP   HD2  H  N N 102 
ASP   HXT  H  N N 103 
DMS   S    S  N N 104 
DMS   O    O  N N 105 
DMS   C1   C  N N 106 
DMS   C2   C  N N 107 
DMS   H11  H  N N 108 
DMS   H12  H  N N 109 
DMS   H13  H  N N 110 
DMS   H21  H  N N 111 
DMS   H22  H  N N 112 
DMS   H23  H  N N 113 
GLN   N    N  N N 114 
GLN   CA   C  N S 115 
GLN   C    C  N N 116 
GLN   O    O  N N 117 
GLN   CB   C  N N 118 
GLN   CG   C  N N 119 
GLN   CD   C  N N 120 
GLN   OE1  O  N N 121 
GLN   NE2  N  N N 122 
GLN   OXT  O  N N 123 
GLN   H    H  N N 124 
GLN   H2   H  N N 125 
GLN   HA   H  N N 126 
GLN   HB2  H  N N 127 
GLN   HB3  H  N N 128 
GLN   HG2  H  N N 129 
GLN   HG3  H  N N 130 
GLN   HE21 H  N N 131 
GLN   HE22 H  N N 132 
GLN   HXT  H  N N 133 
GLU   N    N  N N 134 
GLU   CA   C  N S 135 
GLU   C    C  N N 136 
GLU   O    O  N N 137 
GLU   CB   C  N N 138 
GLU   CG   C  N N 139 
GLU   CD   C  N N 140 
GLU   OE1  O  N N 141 
GLU   OE2  O  N N 142 
GLU   OXT  O  N N 143 
GLU   H    H  N N 144 
GLU   H2   H  N N 145 
GLU   HA   H  N N 146 
GLU   HB2  H  N N 147 
GLU   HB3  H  N N 148 
GLU   HG2  H  N N 149 
GLU   HG3  H  N N 150 
GLU   HE2  H  N N 151 
GLU   HXT  H  N N 152 
GLY   N    N  N N 153 
GLY   CA   C  N N 154 
GLY   C    C  N N 155 
GLY   O    O  N N 156 
GLY   OXT  O  N N 157 
GLY   H    H  N N 158 
GLY   H2   H  N N 159 
GLY   HA2  H  N N 160 
GLY   HA3  H  N N 161 
GLY   HXT  H  N N 162 
HIS   N    N  N N 163 
HIS   CA   C  N S 164 
HIS   C    C  N N 165 
HIS   O    O  N N 166 
HIS   CB   C  N N 167 
HIS   CG   C  Y N 168 
HIS   ND1  N  Y N 169 
HIS   CD2  C  Y N 170 
HIS   CE1  C  Y N 171 
HIS   NE2  N  Y N 172 
HIS   OXT  O  N N 173 
HIS   H    H  N N 174 
HIS   H2   H  N N 175 
HIS   HA   H  N N 176 
HIS   HB2  H  N N 177 
HIS   HB3  H  N N 178 
HIS   HD1  H  N N 179 
HIS   HD2  H  N N 180 
HIS   HE1  H  N N 181 
HIS   HE2  H  N N 182 
HIS   HXT  H  N N 183 
HOH   O    O  N N 184 
HOH   H1   H  N N 185 
HOH   H2   H  N N 186 
ILE   N    N  N N 187 
ILE   CA   C  N S 188 
ILE   C    C  N N 189 
ILE   O    O  N N 190 
ILE   CB   C  N S 191 
ILE   CG1  C  N N 192 
ILE   CG2  C  N N 193 
ILE   CD1  C  N N 194 
ILE   OXT  O  N N 195 
ILE   H    H  N N 196 
ILE   H2   H  N N 197 
ILE   HA   H  N N 198 
ILE   HB   H  N N 199 
ILE   HG12 H  N N 200 
ILE   HG13 H  N N 201 
ILE   HG21 H  N N 202 
ILE   HG22 H  N N 203 
ILE   HG23 H  N N 204 
ILE   HD11 H  N N 205 
ILE   HD12 H  N N 206 
ILE   HD13 H  N N 207 
ILE   HXT  H  N N 208 
LEU   N    N  N N 209 
LEU   CA   C  N S 210 
LEU   C    C  N N 211 
LEU   O    O  N N 212 
LEU   CB   C  N N 213 
LEU   CG   C  N N 214 
LEU   CD1  C  N N 215 
LEU   CD2  C  N N 216 
LEU   OXT  O  N N 217 
LEU   H    H  N N 218 
LEU   H2   H  N N 219 
LEU   HA   H  N N 220 
LEU   HB2  H  N N 221 
LEU   HB3  H  N N 222 
LEU   HG   H  N N 223 
LEU   HD11 H  N N 224 
LEU   HD12 H  N N 225 
LEU   HD13 H  N N 226 
LEU   HD21 H  N N 227 
LEU   HD22 H  N N 228 
LEU   HD23 H  N N 229 
LEU   HXT  H  N N 230 
LYS   N    N  N N 231 
LYS   CA   C  N S 232 
LYS   C    C  N N 233 
LYS   O    O  N N 234 
LYS   CB   C  N N 235 
LYS   CG   C  N N 236 
LYS   CD   C  N N 237 
LYS   CE   C  N N 238 
LYS   NZ   N  N N 239 
LYS   OXT  O  N N 240 
LYS   H    H  N N 241 
LYS   H2   H  N N 242 
LYS   HA   H  N N 243 
LYS   HB2  H  N N 244 
LYS   HB3  H  N N 245 
LYS   HG2  H  N N 246 
LYS   HG3  H  N N 247 
LYS   HD2  H  N N 248 
LYS   HD3  H  N N 249 
LYS   HE2  H  N N 250 
LYS   HE3  H  N N 251 
LYS   HZ1  H  N N 252 
LYS   HZ2  H  N N 253 
LYS   HZ3  H  N N 254 
LYS   HXT  H  N N 255 
MET   N    N  N N 256 
MET   CA   C  N S 257 
MET   C    C  N N 258 
MET   O    O  N N 259 
MET   CB   C  N N 260 
MET   CG   C  N N 261 
MET   SD   S  N N 262 
MET   CE   C  N N 263 
MET   OXT  O  N N 264 
MET   H    H  N N 265 
MET   H2   H  N N 266 
MET   HA   H  N N 267 
MET   HB2  H  N N 268 
MET   HB3  H  N N 269 
MET   HG2  H  N N 270 
MET   HG3  H  N N 271 
MET   HE1  H  N N 272 
MET   HE2  H  N N 273 
MET   HE3  H  N N 274 
MET   HXT  H  N N 275 
PHE   N    N  N N 276 
PHE   CA   C  N S 277 
PHE   C    C  N N 278 
PHE   O    O  N N 279 
PHE   CB   C  N N 280 
PHE   CG   C  Y N 281 
PHE   CD1  C  Y N 282 
PHE   CD2  C  Y N 283 
PHE   CE1  C  Y N 284 
PHE   CE2  C  Y N 285 
PHE   CZ   C  Y N 286 
PHE   OXT  O  N N 287 
PHE   H    H  N N 288 
PHE   H2   H  N N 289 
PHE   HA   H  N N 290 
PHE   HB2  H  N N 291 
PHE   HB3  H  N N 292 
PHE   HD1  H  N N 293 
PHE   HD2  H  N N 294 
PHE   HE1  H  N N 295 
PHE   HE2  H  N N 296 
PHE   HZ   H  N N 297 
PHE   HXT  H  N N 298 
PRO   N    N  N N 299 
PRO   CA   C  N S 300 
PRO   C    C  N N 301 
PRO   O    O  N N 302 
PRO   CB   C  N N 303 
PRO   CG   C  N N 304 
PRO   CD   C  N N 305 
PRO   OXT  O  N N 306 
PRO   H    H  N N 307 
PRO   HA   H  N N 308 
PRO   HB2  H  N N 309 
PRO   HB3  H  N N 310 
PRO   HG2  H  N N 311 
PRO   HG3  H  N N 312 
PRO   HD2  H  N N 313 
PRO   HD3  H  N N 314 
PRO   HXT  H  N N 315 
RFP   C1   C  Y N 316 
RFP   C2   C  Y N 317 
RFP   C3   C  Y N 318 
RFP   C4   C  Y N 319 
RFP   C5   C  Y N 320 
RFP   C6   C  Y N 321 
RFP   C7   C  Y N 322 
RFP   C8   C  Y N 323 
RFP   C9   C  Y N 324 
RFP   C10  C  Y N 325 
RFP   C11  C  N N 326 
RFP   C12  C  N S 327 
RFP   C13  C  N N 328 
RFP   C14  C  N N 329 
RFP   C15  C  N N 330 
RFP   C16  C  N N 331 
RFP   C17  C  N N 332 
RFP   C18  C  N N 333 
RFP   C19  C  N N 334 
RFP   C20  C  N S 335 
RFP   C21  C  N S 336 
RFP   C22  C  N R 337 
RFP   C23  C  N R 338 
RFP   C24  C  N R 339 
RFP   C25  C  N S 340 
RFP   C26  C  N R 341 
RFP   C27  C  N S 342 
RFP   C28  C  N N 343 
RFP   C29  C  N N 344 
RFP   C30  C  N N 345 
RFP   C31  C  N N 346 
RFP   C32  C  N N 347 
RFP   C33  C  N N 348 
RFP   C34  C  N N 349 
RFP   C35  C  N N 350 
RFP   C36  C  N N 351 
RFP   C37  C  N N 352 
RFP   C38  C  N N 353 
RFP   C39  C  N N 354 
RFP   C40  C  N N 355 
RFP   C41  C  N N 356 
RFP   C42  C  N N 357 
RFP   C43  C  N N 358 
RFP   N1   N  N N 359 
RFP   N2   N  N N 360 
RFP   N3   N  N N 361 
RFP   N4   N  N N 362 
RFP   O1   O  N N 363 
RFP   O2   O  N N 364 
RFP   O3   O  N N 365 
RFP   O4   O  N N 366 
RFP   O5   O  N N 367 
RFP   O6   O  N N 368 
RFP   O7   O  N N 369 
RFP   O8   O  N N 370 
RFP   O9   O  N N 371 
RFP   O10  O  N N 372 
RFP   O11  O  N N 373 
RFP   O12  O  N N 374 
RFP   H131 H  N N 375 
RFP   H132 H  N N 376 
RFP   H133 H  N N 377 
RFP   H141 H  N N 378 
RFP   H142 H  N N 379 
RFP   H143 H  N N 380 
RFP   H17C H  N N 381 
RFP   H18C H  N N 382 
RFP   H19C H  N N 383 
RFP   H20C H  N N 384 
RFP   H211 H  N N 385 
RFP   H22C H  N N 386 
RFP   H23C H  N N 387 
RFP   H24C H  N N 388 
RFP   H25C H  N N 389 
RFP   H26C H  N N 390 
RFP   H27C H  N N 391 
RFP   H28C H  N N 392 
RFP   H29C H  N N 393 
RFP   H301 H  N N 394 
RFP   H302 H  N N 395 
RFP   H303 H  N N 396 
RFP   H311 H  N N 397 
RFP   H312 H  N N 398 
RFP   H313 H  N N 399 
RFP   H321 H  N N 400 
RFP   H322 H  N N 401 
RFP   H323 H  N N 402 
RFP   H331 H  N N 403 
RFP   H332 H  N N 404 
RFP   H333 H  N N 405 
RFP   H341 H  N N 406 
RFP   H342 H  N N 407 
RFP   H343 H  N N 408 
RFP   H361 H  N N 409 
RFP   H362 H  N N 410 
RFP   H363 H  N N 411 
RFP   H371 H  N N 412 
RFP   H372 H  N N 413 
RFP   H373 H  N N 414 
RFP   H381 H  N N 415 
RFP   H382 H  N N 416 
RFP   H383 H  N N 417 
RFP   H391 H  N N 418 
RFP   H392 H  N N 419 
RFP   H401 H  N N 420 
RFP   H402 H  N N 421 
RFP   H411 H  N N 422 
RFP   H412 H  N N 423 
RFP   H421 H  N N 424 
RFP   H422 H  N N 425 
RFP   HC43 H  N N 426 
RFP   HN1  H  N N 427 
RFP   HO1  H  N N 428 
RFP   HO2  H  N N 429 
RFP   HO9  H  N N 430 
RFP   H10O H  N N 431 
RFP   H12O H  N N 432 
SER   N    N  N N 433 
SER   CA   C  N S 434 
SER   C    C  N N 435 
SER   O    O  N N 436 
SER   CB   C  N N 437 
SER   OG   O  N N 438 
SER   OXT  O  N N 439 
SER   H    H  N N 440 
SER   H2   H  N N 441 
SER   HA   H  N N 442 
SER   HB2  H  N N 443 
SER   HB3  H  N N 444 
SER   HG   H  N N 445 
SER   HXT  H  N N 446 
THR   N    N  N N 447 
THR   CA   C  N S 448 
THR   C    C  N N 449 
THR   O    O  N N 450 
THR   CB   C  N R 451 
THR   OG1  O  N N 452 
THR   CG2  C  N N 453 
THR   OXT  O  N N 454 
THR   H    H  N N 455 
THR   H2   H  N N 456 
THR   HA   H  N N 457 
THR   HB   H  N N 458 
THR   HG1  H  N N 459 
THR   HG21 H  N N 460 
THR   HG22 H  N N 461 
THR   HG23 H  N N 462 
THR   HXT  H  N N 463 
TRP   N    N  N N 464 
TRP   CA   C  N S 465 
TRP   C    C  N N 466 
TRP   O    O  N N 467 
TRP   CB   C  N N 468 
TRP   CG   C  Y N 469 
TRP   CD1  C  Y N 470 
TRP   CD2  C  Y N 471 
TRP   NE1  N  Y N 472 
TRP   CE2  C  Y N 473 
TRP   CE3  C  Y N 474 
TRP   CZ2  C  Y N 475 
TRP   CZ3  C  Y N 476 
TRP   CH2  C  Y N 477 
TRP   OXT  O  N N 478 
TRP   H    H  N N 479 
TRP   H2   H  N N 480 
TRP   HA   H  N N 481 
TRP   HB2  H  N N 482 
TRP   HB3  H  N N 483 
TRP   HD1  H  N N 484 
TRP   HE1  H  N N 485 
TRP   HE3  H  N N 486 
TRP   HZ2  H  N N 487 
TRP   HZ3  H  N N 488 
TRP   HH2  H  N N 489 
TRP   HXT  H  N N 490 
TYR   N    N  N N 491 
TYR   CA   C  N S 492 
TYR   C    C  N N 493 
TYR   O    O  N N 494 
TYR   CB   C  N N 495 
TYR   CG   C  Y N 496 
TYR   CD1  C  Y N 497 
TYR   CD2  C  Y N 498 
TYR   CE1  C  Y N 499 
TYR   CE2  C  Y N 500 
TYR   CZ   C  Y N 501 
TYR   OH   O  N N 502 
TYR   OXT  O  N N 503 
TYR   H    H  N N 504 
TYR   H2   H  N N 505 
TYR   HA   H  N N 506 
TYR   HB2  H  N N 507 
TYR   HB3  H  N N 508 
TYR   HD1  H  N N 509 
TYR   HD2  H  N N 510 
TYR   HE1  H  N N 511 
TYR   HE2  H  N N 512 
TYR   HH   H  N N 513 
TYR   HXT  H  N N 514 
VAL   N    N  N N 515 
VAL   CA   C  N S 516 
VAL   C    C  N N 517 
VAL   O    O  N N 518 
VAL   CB   C  N N 519 
VAL   CG1  C  N N 520 
VAL   CG2  C  N N 521 
VAL   OXT  O  N N 522 
VAL   H    H  N N 523 
VAL   H2   H  N N 524 
VAL   HA   H  N N 525 
VAL   HB   H  N N 526 
VAL   HG11 H  N N 527 
VAL   HG12 H  N N 528 
VAL   HG13 H  N N 529 
VAL   HG21 H  N N 530 
VAL   HG22 H  N N 531 
VAL   HG23 H  N N 532 
VAL   HXT  H  N N 533 
# 
loop_
_chem_comp_bond.comp_id 
_chem_comp_bond.atom_id_1 
_chem_comp_bond.atom_id_2 
_chem_comp_bond.value_order 
_chem_comp_bond.pdbx_aromatic_flag 
_chem_comp_bond.pdbx_stereo_config 
_chem_comp_bond.pdbx_ordinal 
A1I1V C4  C3   doub Y N 1   
A1I1V C4  C5   sing Y N 2   
A1I1V CL1 C5   sing N N 3   
A1I1V C3  C2   sing Y N 4   
A1I1V C5  C6   doub Y N 5   
A1I1V C2  N2   sing N N 6   
A1I1V C2  C7   doub Y N 7   
A1I1V C6  C7   sing Y N 8   
A1I1V N2  C1   sing N N 9   
A1I1V C7  C8   sing N N 10  
A1I1V C1  N1   sing N N 11  
A1I1V C1  C9   doub N N 12  
A1I1V C8  C9   sing N N 13  
A1I1V C8  O1   doub N N 14  
A1I1V C9  C10  sing N N 15  
A1I1V C10 C11  doub Y N 16  
A1I1V C10 C15  sing Y N 17  
A1I1V C11 C12  sing Y N 18  
A1I1V C15 C14  doub Y N 19  
A1I1V C12 C13  doub Y N 20  
A1I1V C14 C13  sing Y N 21  
A1I1V C4  H1   sing N N 22  
A1I1V C14 H2   sing N N 23  
A1I1V C6  H3   sing N N 24  
A1I1V C11 H4   sing N N 25  
A1I1V C12 H6   sing N N 26  
A1I1V C13 H7   sing N N 27  
A1I1V N1  H8   sing N N 28  
A1I1V N1  H9   sing N N 29  
A1I1V C3  H10  sing N N 30  
A1I1V C15 H11  sing N N 31  
A1I1V N2  H5   sing N N 32  
ALA   N   CA   sing N N 33  
ALA   N   H    sing N N 34  
ALA   N   H2   sing N N 35  
ALA   CA  C    sing N N 36  
ALA   CA  CB   sing N N 37  
ALA   CA  HA   sing N N 38  
ALA   C   O    doub N N 39  
ALA   C   OXT  sing N N 40  
ALA   CB  HB1  sing N N 41  
ALA   CB  HB2  sing N N 42  
ALA   CB  HB3  sing N N 43  
ALA   OXT HXT  sing N N 44  
ARG   N   CA   sing N N 45  
ARG   N   H    sing N N 46  
ARG   N   H2   sing N N 47  
ARG   CA  C    sing N N 48  
ARG   CA  CB   sing N N 49  
ARG   CA  HA   sing N N 50  
ARG   C   O    doub N N 51  
ARG   C   OXT  sing N N 52  
ARG   CB  CG   sing N N 53  
ARG   CB  HB2  sing N N 54  
ARG   CB  HB3  sing N N 55  
ARG   CG  CD   sing N N 56  
ARG   CG  HG2  sing N N 57  
ARG   CG  HG3  sing N N 58  
ARG   CD  NE   sing N N 59  
ARG   CD  HD2  sing N N 60  
ARG   CD  HD3  sing N N 61  
ARG   NE  CZ   sing N N 62  
ARG   NE  HE   sing N N 63  
ARG   CZ  NH1  sing N N 64  
ARG   CZ  NH2  doub N N 65  
ARG   NH1 HH11 sing N N 66  
ARG   NH1 HH12 sing N N 67  
ARG   NH2 HH21 sing N N 68  
ARG   NH2 HH22 sing N N 69  
ARG   OXT HXT  sing N N 70  
ASN   N   CA   sing N N 71  
ASN   N   H    sing N N 72  
ASN   N   H2   sing N N 73  
ASN   CA  C    sing N N 74  
ASN   CA  CB   sing N N 75  
ASN   CA  HA   sing N N 76  
ASN   C   O    doub N N 77  
ASN   C   OXT  sing N N 78  
ASN   CB  CG   sing N N 79  
ASN   CB  HB2  sing N N 80  
ASN   CB  HB3  sing N N 81  
ASN   CG  OD1  doub N N 82  
ASN   CG  ND2  sing N N 83  
ASN   ND2 HD21 sing N N 84  
ASN   ND2 HD22 sing N N 85  
ASN   OXT HXT  sing N N 86  
ASP   N   CA   sing N N 87  
ASP   N   H    sing N N 88  
ASP   N   H2   sing N N 89  
ASP   CA  C    sing N N 90  
ASP   CA  CB   sing N N 91  
ASP   CA  HA   sing N N 92  
ASP   C   O    doub N N 93  
ASP   C   OXT  sing N N 94  
ASP   CB  CG   sing N N 95  
ASP   CB  HB2  sing N N 96  
ASP   CB  HB3  sing N N 97  
ASP   CG  OD1  doub N N 98  
ASP   CG  OD2  sing N N 99  
ASP   OD2 HD2  sing N N 100 
ASP   OXT HXT  sing N N 101 
DMS   S   O    doub N N 102 
DMS   S   C1   sing N N 103 
DMS   S   C2   sing N N 104 
DMS   C1  H11  sing N N 105 
DMS   C1  H12  sing N N 106 
DMS   C1  H13  sing N N 107 
DMS   C2  H21  sing N N 108 
DMS   C2  H22  sing N N 109 
DMS   C2  H23  sing N N 110 
GLN   N   CA   sing N N 111 
GLN   N   H    sing N N 112 
GLN   N   H2   sing N N 113 
GLN   CA  C    sing N N 114 
GLN   CA  CB   sing N N 115 
GLN   CA  HA   sing N N 116 
GLN   C   O    doub N N 117 
GLN   C   OXT  sing N N 118 
GLN   CB  CG   sing N N 119 
GLN   CB  HB2  sing N N 120 
GLN   CB  HB3  sing N N 121 
GLN   CG  CD   sing N N 122 
GLN   CG  HG2  sing N N 123 
GLN   CG  HG3  sing N N 124 
GLN   CD  OE1  doub N N 125 
GLN   CD  NE2  sing N N 126 
GLN   NE2 HE21 sing N N 127 
GLN   NE2 HE22 sing N N 128 
GLN   OXT HXT  sing N N 129 
GLU   N   CA   sing N N 130 
GLU   N   H    sing N N 131 
GLU   N   H2   sing N N 132 
GLU   CA  C    sing N N 133 
GLU   CA  CB   sing N N 134 
GLU   CA  HA   sing N N 135 
GLU   C   O    doub N N 136 
GLU   C   OXT  sing N N 137 
GLU   CB  CG   sing N N 138 
GLU   CB  HB2  sing N N 139 
GLU   CB  HB3  sing N N 140 
GLU   CG  CD   sing N N 141 
GLU   CG  HG2  sing N N 142 
GLU   CG  HG3  sing N N 143 
GLU   CD  OE1  doub N N 144 
GLU   CD  OE2  sing N N 145 
GLU   OE2 HE2  sing N N 146 
GLU   OXT HXT  sing N N 147 
GLY   N   CA   sing N N 148 
GLY   N   H    sing N N 149 
GLY   N   H2   sing N N 150 
GLY   CA  C    sing N N 151 
GLY   CA  HA2  sing N N 152 
GLY   CA  HA3  sing N N 153 
GLY   C   O    doub N N 154 
GLY   C   OXT  sing N N 155 
GLY   OXT HXT  sing N N 156 
HIS   N   CA   sing N N 157 
HIS   N   H    sing N N 158 
HIS   N   H2   sing N N 159 
HIS   CA  C    sing N N 160 
HIS   CA  CB   sing N N 161 
HIS   CA  HA   sing N N 162 
HIS   C   O    doub N N 163 
HIS   C   OXT  sing N N 164 
HIS   CB  CG   sing N N 165 
HIS   CB  HB2  sing N N 166 
HIS   CB  HB3  sing N N 167 
HIS   CG  ND1  sing Y N 168 
HIS   CG  CD2  doub Y N 169 
HIS   ND1 CE1  doub Y N 170 
HIS   ND1 HD1  sing N N 171 
HIS   CD2 NE2  sing Y N 172 
HIS   CD2 HD2  sing N N 173 
HIS   CE1 NE2  sing Y N 174 
HIS   CE1 HE1  sing N N 175 
HIS   NE2 HE2  sing N N 176 
HIS   OXT HXT  sing N N 177 
HOH   O   H1   sing N N 178 
HOH   O   H2   sing N N 179 
ILE   N   CA   sing N N 180 
ILE   N   H    sing N N 181 
ILE   N   H2   sing N N 182 
ILE   CA  C    sing N N 183 
ILE   CA  CB   sing N N 184 
ILE   CA  HA   sing N N 185 
ILE   C   O    doub N N 186 
ILE   C   OXT  sing N N 187 
ILE   CB  CG1  sing N N 188 
ILE   CB  CG2  sing N N 189 
ILE   CB  HB   sing N N 190 
ILE   CG1 CD1  sing N N 191 
ILE   CG1 HG12 sing N N 192 
ILE   CG1 HG13 sing N N 193 
ILE   CG2 HG21 sing N N 194 
ILE   CG2 HG22 sing N N 195 
ILE   CG2 HG23 sing N N 196 
ILE   CD1 HD11 sing N N 197 
ILE   CD1 HD12 sing N N 198 
ILE   CD1 HD13 sing N N 199 
ILE   OXT HXT  sing N N 200 
LEU   N   CA   sing N N 201 
LEU   N   H    sing N N 202 
LEU   N   H2   sing N N 203 
LEU   CA  C    sing N N 204 
LEU   CA  CB   sing N N 205 
LEU   CA  HA   sing N N 206 
LEU   C   O    doub N N 207 
LEU   C   OXT  sing N N 208 
LEU   CB  CG   sing N N 209 
LEU   CB  HB2  sing N N 210 
LEU   CB  HB3  sing N N 211 
LEU   CG  CD1  sing N N 212 
LEU   CG  CD2  sing N N 213 
LEU   CG  HG   sing N N 214 
LEU   CD1 HD11 sing N N 215 
LEU   CD1 HD12 sing N N 216 
LEU   CD1 HD13 sing N N 217 
LEU   CD2 HD21 sing N N 218 
LEU   CD2 HD22 sing N N 219 
LEU   CD2 HD23 sing N N 220 
LEU   OXT HXT  sing N N 221 
LYS   N   CA   sing N N 222 
LYS   N   H    sing N N 223 
LYS   N   H2   sing N N 224 
LYS   CA  C    sing N N 225 
LYS   CA  CB   sing N N 226 
LYS   CA  HA   sing N N 227 
LYS   C   O    doub N N 228 
LYS   C   OXT  sing N N 229 
LYS   CB  CG   sing N N 230 
LYS   CB  HB2  sing N N 231 
LYS   CB  HB3  sing N N 232 
LYS   CG  CD   sing N N 233 
LYS   CG  HG2  sing N N 234 
LYS   CG  HG3  sing N N 235 
LYS   CD  CE   sing N N 236 
LYS   CD  HD2  sing N N 237 
LYS   CD  HD3  sing N N 238 
LYS   CE  NZ   sing N N 239 
LYS   CE  HE2  sing N N 240 
LYS   CE  HE3  sing N N 241 
LYS   NZ  HZ1  sing N N 242 
LYS   NZ  HZ2  sing N N 243 
LYS   NZ  HZ3  sing N N 244 
LYS   OXT HXT  sing N N 245 
MET   N   CA   sing N N 246 
MET   N   H    sing N N 247 
MET   N   H2   sing N N 248 
MET   CA  C    sing N N 249 
MET   CA  CB   sing N N 250 
MET   CA  HA   sing N N 251 
MET   C   O    doub N N 252 
MET   C   OXT  sing N N 253 
MET   CB  CG   sing N N 254 
MET   CB  HB2  sing N N 255 
MET   CB  HB3  sing N N 256 
MET   CG  SD   sing N N 257 
MET   CG  HG2  sing N N 258 
MET   CG  HG3  sing N N 259 
MET   SD  CE   sing N N 260 
MET   CE  HE1  sing N N 261 
MET   CE  HE2  sing N N 262 
MET   CE  HE3  sing N N 263 
MET   OXT HXT  sing N N 264 
PHE   N   CA   sing N N 265 
PHE   N   H    sing N N 266 
PHE   N   H2   sing N N 267 
PHE   CA  C    sing N N 268 
PHE   CA  CB   sing N N 269 
PHE   CA  HA   sing N N 270 
PHE   C   O    doub N N 271 
PHE   C   OXT  sing N N 272 
PHE   CB  CG   sing N N 273 
PHE   CB  HB2  sing N N 274 
PHE   CB  HB3  sing N N 275 
PHE   CG  CD1  doub Y N 276 
PHE   CG  CD2  sing Y N 277 
PHE   CD1 CE1  sing Y N 278 
PHE   CD1 HD1  sing N N 279 
PHE   CD2 CE2  doub Y N 280 
PHE   CD2 HD2  sing N N 281 
PHE   CE1 CZ   doub Y N 282 
PHE   CE1 HE1  sing N N 283 
PHE   CE2 CZ   sing Y N 284 
PHE   CE2 HE2  sing N N 285 
PHE   CZ  HZ   sing N N 286 
PHE   OXT HXT  sing N N 287 
PRO   N   CA   sing N N 288 
PRO   N   CD   sing N N 289 
PRO   N   H    sing N N 290 
PRO   CA  C    sing N N 291 
PRO   CA  CB   sing N N 292 
PRO   CA  HA   sing N N 293 
PRO   C   O    doub N N 294 
PRO   C   OXT  sing N N 295 
PRO   CB  CG   sing N N 296 
PRO   CB  HB2  sing N N 297 
PRO   CB  HB3  sing N N 298 
PRO   CG  CD   sing N N 299 
PRO   CG  HG2  sing N N 300 
PRO   CG  HG3  sing N N 301 
PRO   CD  HD2  sing N N 302 
PRO   CD  HD3  sing N N 303 
PRO   OXT HXT  sing N N 304 
RFP   C1  C2   doub Y N 305 
RFP   C1  C9   sing Y N 306 
RFP   C1  O1   sing N N 307 
RFP   C2  C3   sing Y N 308 
RFP   C2  N1   sing N N 309 
RFP   C3  C4   doub Y N 310 
RFP   C3  C43  sing N N 311 
RFP   C4  C10  sing Y N 312 
RFP   C4  O12  sing N N 313 
RFP   C5  C6   doub Y N 314 
RFP   C5  C10  sing Y N 315 
RFP   C5  C11  sing N N 316 
RFP   C6  C7   sing Y N 317 
RFP   C6  O3   sing N N 318 
RFP   C7  C8   doub Y N 319 
RFP   C7  C14  sing N N 320 
RFP   C8  C9   sing Y N 321 
RFP   C8  O2   sing N N 322 
RFP   C9  C10  doub Y N 323 
RFP   C11 C12  sing N N 324 
RFP   C11 O4   doub N N 325 
RFP   C12 C13  sing N N 326 
RFP   C12 O3   sing N N 327 
RFP   C12 O5   sing N N 328 
RFP   C13 H131 sing N N 329 
RFP   C13 H132 sing N N 330 
RFP   C13 H133 sing N N 331 
RFP   C14 H141 sing N N 332 
RFP   C14 H142 sing N N 333 
RFP   C14 H143 sing N N 334 
RFP   C15 C16  sing N N 335 
RFP   C15 N1   sing N N 336 
RFP   C15 O11  doub N N 337 
RFP   C16 C17  doub N Z 338 
RFP   C16 C30  sing N N 339 
RFP   C17 C18  sing N N 340 
RFP   C17 H17C sing N N 341 
RFP   C18 C19  doub N E 342 
RFP   C18 H18C sing N N 343 
RFP   C19 C20  sing N N 344 
RFP   C19 H19C sing N N 345 
RFP   C20 C21  sing N N 346 
RFP   C20 C31  sing N N 347 
RFP   C20 H20C sing N N 348 
RFP   C21 C22  sing N N 349 
RFP   C21 O10  sing N N 350 
RFP   C21 H211 sing N N 351 
RFP   C22 C23  sing N N 352 
RFP   C22 C32  sing N N 353 
RFP   C22 H22C sing N N 354 
RFP   C23 C24  sing N N 355 
RFP   C23 O9   sing N N 356 
RFP   C23 H23C sing N N 357 
RFP   C24 C25  sing N N 358 
RFP   C24 C33  sing N N 359 
RFP   C24 H24C sing N N 360 
RFP   C25 C26  sing N N 361 
RFP   C25 O7   sing N N 362 
RFP   C25 H25C sing N N 363 
RFP   C26 C27  sing N N 364 
RFP   C26 C34  sing N N 365 
RFP   C26 H26C sing N N 366 
RFP   C27 C28  sing N N 367 
RFP   C27 O6   sing N N 368 
RFP   C27 H27C sing N N 369 
RFP   C28 C29  doub N E 370 
RFP   C28 H28C sing N N 371 
RFP   C29 O5   sing N N 372 
RFP   C29 H29C sing N N 373 
RFP   C30 H301 sing N N 374 
RFP   C30 H302 sing N N 375 
RFP   C30 H303 sing N N 376 
RFP   C31 H311 sing N N 377 
RFP   C31 H312 sing N N 378 
RFP   C31 H313 sing N N 379 
RFP   C32 H321 sing N N 380 
RFP   C32 H322 sing N N 381 
RFP   C32 H323 sing N N 382 
RFP   C33 H331 sing N N 383 
RFP   C33 H332 sing N N 384 
RFP   C33 H333 sing N N 385 
RFP   C34 H341 sing N N 386 
RFP   C34 H342 sing N N 387 
RFP   C34 H343 sing N N 388 
RFP   C35 C36  sing N N 389 
RFP   C35 O7   sing N N 390 
RFP   C35 O8   doub N N 391 
RFP   C36 H361 sing N N 392 
RFP   C36 H362 sing N N 393 
RFP   C36 H363 sing N N 394 
RFP   C37 O6   sing N N 395 
RFP   C37 H371 sing N N 396 
RFP   C37 H372 sing N N 397 
RFP   C37 H373 sing N N 398 
RFP   C38 N4   sing N N 399 
RFP   C38 H381 sing N N 400 
RFP   C38 H382 sing N N 401 
RFP   C38 H383 sing N N 402 
RFP   C39 C40  sing N N 403 
RFP   C39 N4   sing N N 404 
RFP   C39 H391 sing N N 405 
RFP   C39 H392 sing N N 406 
RFP   C40 N3   sing N N 407 
RFP   C40 H401 sing N N 408 
RFP   C40 H402 sing N N 409 
RFP   C41 C42  sing N N 410 
RFP   C41 N3   sing N N 411 
RFP   C41 H411 sing N N 412 
RFP   C41 H412 sing N N 413 
RFP   C42 N4   sing N N 414 
RFP   C42 H421 sing N N 415 
RFP   C42 H422 sing N N 416 
RFP   C43 N2   doub N E 417 
RFP   C43 HC43 sing N N 418 
RFP   N1  HN1  sing N N 419 
RFP   N2  N3   sing N N 420 
RFP   O1  HO1  sing N N 421 
RFP   O2  HO2  sing N N 422 
RFP   O9  HO9  sing N N 423 
RFP   O10 H10O sing N N 424 
RFP   O12 H12O sing N N 425 
SER   N   CA   sing N N 426 
SER   N   H    sing N N 427 
SER   N   H2   sing N N 428 
SER   CA  C    sing N N 429 
SER   CA  CB   sing N N 430 
SER   CA  HA   sing N N 431 
SER   C   O    doub N N 432 
SER   C   OXT  sing N N 433 
SER   CB  OG   sing N N 434 
SER   CB  HB2  sing N N 435 
SER   CB  HB3  sing N N 436 
SER   OG  HG   sing N N 437 
SER   OXT HXT  sing N N 438 
THR   N   CA   sing N N 439 
THR   N   H    sing N N 440 
THR   N   H2   sing N N 441 
THR   CA  C    sing N N 442 
THR   CA  CB   sing N N 443 
THR   CA  HA   sing N N 444 
THR   C   O    doub N N 445 
THR   C   OXT  sing N N 446 
THR   CB  OG1  sing N N 447 
THR   CB  CG2  sing N N 448 
THR   CB  HB   sing N N 449 
THR   OG1 HG1  sing N N 450 
THR   CG2 HG21 sing N N 451 
THR   CG2 HG22 sing N N 452 
THR   CG2 HG23 sing N N 453 
THR   OXT HXT  sing N N 454 
TRP   N   CA   sing N N 455 
TRP   N   H    sing N N 456 
TRP   N   H2   sing N N 457 
TRP   CA  C    sing N N 458 
TRP   CA  CB   sing N N 459 
TRP   CA  HA   sing N N 460 
TRP   C   O    doub N N 461 
TRP   C   OXT  sing N N 462 
TRP   CB  CG   sing N N 463 
TRP   CB  HB2  sing N N 464 
TRP   CB  HB3  sing N N 465 
TRP   CG  CD1  doub Y N 466 
TRP   CG  CD2  sing Y N 467 
TRP   CD1 NE1  sing Y N 468 
TRP   CD1 HD1  sing N N 469 
TRP   CD2 CE2  doub Y N 470 
TRP   CD2 CE3  sing Y N 471 
TRP   NE1 CE2  sing Y N 472 
TRP   NE1 HE1  sing N N 473 
TRP   CE2 CZ2  sing Y N 474 
TRP   CE3 CZ3  doub Y N 475 
TRP   CE3 HE3  sing N N 476 
TRP   CZ2 CH2  doub Y N 477 
TRP   CZ2 HZ2  sing N N 478 
TRP   CZ3 CH2  sing Y N 479 
TRP   CZ3 HZ3  sing N N 480 
TRP   CH2 HH2  sing N N 481 
TRP   OXT HXT  sing N N 482 
TYR   N   CA   sing N N 483 
TYR   N   H    sing N N 484 
TYR   N   H2   sing N N 485 
TYR   CA  C    sing N N 486 
TYR   CA  CB   sing N N 487 
TYR   CA  HA   sing N N 488 
TYR   C   O    doub N N 489 
TYR   C   OXT  sing N N 490 
TYR   CB  CG   sing N N 491 
TYR   CB  HB2  sing N N 492 
TYR   CB  HB3  sing N N 493 
TYR   CG  CD1  doub Y N 494 
TYR   CG  CD2  sing Y N 495 
TYR   CD1 CE1  sing Y N 496 
TYR   CD1 HD1  sing N N 497 
TYR   CD2 CE2  doub Y N 498 
TYR   CD2 HD2  sing N N 499 
TYR   CE1 CZ   doub Y N 500 
TYR   CE1 HE1  sing N N 501 
TYR   CE2 CZ   sing Y N 502 
TYR   CE2 HE2  sing N N 503 
TYR   CZ  OH   sing N N 504 
TYR   OH  HH   sing N N 505 
TYR   OXT HXT  sing N N 506 
VAL   N   CA   sing N N 507 
VAL   N   H    sing N N 508 
VAL   N   H2   sing N N 509 
VAL   CA  C    sing N N 510 
VAL   CA  CB   sing N N 511 
VAL   CA  HA   sing N N 512 
VAL   C   O    doub N N 513 
VAL   C   OXT  sing N N 514 
VAL   CB  CG1  sing N N 515 
VAL   CB  CG2  sing N N 516 
VAL   CB  HB   sing N N 517 
VAL   CG1 HG11 sing N N 518 
VAL   CG1 HG12 sing N N 519 
VAL   CG1 HG13 sing N N 520 
VAL   CG2 HG21 sing N N 521 
VAL   CG2 HG22 sing N N 522 
VAL   CG2 HG23 sing N N 523 
VAL   OXT HXT  sing N N 524 
# 
_pdbx_audit_support.funding_organization   'Sigrid Juselius Foundation' 
_pdbx_audit_support.country                Finland 
_pdbx_audit_support.grant_number           ? 
_pdbx_audit_support.ordinal                1 
# 
_pdbx_initial_refinement_model.id               1 
_pdbx_initial_refinement_model.entity_id_list   ? 
_pdbx_initial_refinement_model.type             'experimental model' 
_pdbx_initial_refinement_model.source_name      PDB 
_pdbx_initial_refinement_model.accession_code   2HW2 
_pdbx_initial_refinement_model.details          ? 
# 
_pdbx_related_exp_data_set.ordinal              1 
_pdbx_related_exp_data_set.data_reference       10.23729/a14040e9-f046-42c5-b7ab-7d9c53dc0bae 
_pdbx_related_exp_data_set.metadata_reference   10.23729/a14040e9-f046-42c5-b7ab-7d9c53dc0bae 
_pdbx_related_exp_data_set.data_set_type        'diffraction image data' 
_pdbx_related_exp_data_set.details              ? 
# 
_atom_sites.entry_id                    9IAF 
_atom_sites.Cartn_transf_matrix[1][1]   ? 
_atom_sites.Cartn_transf_matrix[1][2]   ? 
_atom_sites.Cartn_transf_matrix[1][3]   ? 
_atom_sites.Cartn_transf_matrix[2][1]   ? 
_atom_sites.Cartn_transf_matrix[2][2]   ? 
_atom_sites.Cartn_transf_matrix[2][3]   ? 
_atom_sites.Cartn_transf_matrix[3][1]   ? 
_atom_sites.Cartn_transf_matrix[3][2]   ? 
_atom_sites.Cartn_transf_matrix[3][3]   ? 
_atom_sites.Cartn_transf_vector[1]      ? 
_atom_sites.Cartn_transf_vector[2]      ? 
_atom_sites.Cartn_transf_vector[3]      ? 
_atom_sites.Cartn_transform_axes        ? 
_atom_sites.fract_transf_matrix[1][1]   0.00591719 
_atom_sites.fract_transf_matrix[1][2]   -0.01291994 
_atom_sites.fract_transf_matrix[1][3]   -0.01075232 
_atom_sites.fract_transf_matrix[2][1]   0.01022035 
_atom_sites.fract_transf_matrix[2][2]   0.01068992 
_atom_sites.fract_transf_matrix[2][3]   -0.00722052 
_atom_sites.fract_transf_matrix[3][1]   0.01603152 
_atom_sites.fract_transf_matrix[3][2]   -0.00599716 
_atom_sites.fract_transf_matrix[3][3]   0.01381320 
_atom_sites.fract_transf_vector[1]      0.202738 
_atom_sites.fract_transf_vector[2]      0.035924 
_atom_sites.fract_transf_vector[3]      0.280121 
_atom_sites.solution_primary            ? 
_atom_sites.solution_secondary          ? 
_atom_sites.solution_hydrogens          ? 
_atom_sites.special_details             ? 
# 
loop_
_atom_type.symbol 
_atom_type.pdbx_scat_Z 
_atom_type.pdbx_N_electrons 
_atom_type.scat_Cromer_Mann_a1 
_atom_type.scat_Cromer_Mann_b1 
_atom_type.scat_Cromer_Mann_a2 
_atom_type.scat_Cromer_Mann_b2 
_atom_type.scat_Cromer_Mann_a3 
_atom_type.scat_Cromer_Mann_b3 
_atom_type.scat_Cromer_Mann_a4 
_atom_type.scat_Cromer_Mann_b4 
_atom_type.scat_Cromer_Mann_c 
C  6  6  2.310  20.844 1.020 10.208 1.589 0.569  0.865 51.651 0.216   
CL 17 17 11.460 0.010  7.196 1.166  6.255 18.519 1.645 47.778 -9.352  
H  1  1  0.493  10.511 0.323 26.126 0.140 3.142  0.041 57.800 0.003   
N  7  7  12.222 0.006  3.135 9.893  2.014 28.997 1.167 0.583  -11.538 
O  8  8  3.049  13.277 2.287 5.701  1.546 0.324  0.867 32.909 0.251   
S  16 16 6.905  1.468  5.203 22.215 1.438 0.254  1.586 56.172 1.042   
# 
loop_
_atom_site.group_PDB 
_atom_site.id 
_atom_site.type_symbol 
_atom_site.label_atom_id 
_atom_site.label_alt_id 
_atom_site.label_comp_id 
_atom_site.label_asym_id 
_atom_site.label_entity_id 
_atom_site.label_seq_id 
_atom_site.pdbx_PDB_ins_code 
_atom_site.Cartn_x 
_atom_site.Cartn_y 
_atom_site.Cartn_z 
_atom_site.occupancy 
_atom_site.B_iso_or_equiv 
_atom_site.pdbx_formal_charge 
_atom_site.auth_seq_id 
_atom_site.auth_comp_id 
_atom_site.auth_asym_id 
_atom_site.auth_atom_id 
_atom_site.pdbx_PDB_model_num 
_atom_site.calc_flag 
ATOM   1    N  N   . ASN   A 1 4   ? 13.427  -10.892 -2.393  1.000 113.207 0 3    ASN   A N   1 ? 
ATOM   2    C  CA  . ASN   A 1 4   ? 12.500  -11.466 -3.419  1.000 106.499 0 3    ASN   A CA  1 ? 
ATOM   3    C  C   . ASN   A 1 4   ? 12.020  -10.329 -4.319  1.000 105.570 0 3    ASN   A C   1 ? 
ATOM   4    O  O   . ASN   A 1 4   ? 11.447  -9.363  -3.791  1.000 87.140  0 3    ASN   A O   1 ? 
ATOM   5    C  CB  . ASN   A 1 4   ? 11.451  -12.334 -2.732  1.000 98.554  0 3    ASN   A CB  1 ? 
ATOM   6    C  CG  . ASN   A 1 4   ? 12.139  -13.461 -1.991  1.000 96.975  0 3    ASN   A CG  1 ? 
ATOM   7    O  OD1 . ASN   A 1 4   ? 12.303  -14.568 -2.508  1.000 91.803  0 3    ASN   A OD1 1 ? 
ATOM   8    N  ND2 . ASN   A 1 4   ? 12.639  -13.151 -0.811  1.000 101.788 0 3    ASN   A ND2 1 ? 
ATOM   9    N  N   . PRO   A 1 5   ? 12.279  -10.406 -5.667  1.000 102.402 0 4    PRO   A N   1 ? 
ATOM   10   C  CA  . PRO   A 1 5   ? 12.127  -9.291  -6.598  1.000 101.930 0 4    PRO   A CA  1 ? 
ATOM   11   C  C   . PRO   A 1 5   ? 10.666  -9.315  -7.023  1.000 99.707  0 4    PRO   A C   1 ? 
ATOM   12   O  O   . PRO   A 1 5   ? 10.230  -10.283 -7.650  1.000 94.273  0 4    PRO   A O   1 ? 
ATOM   13   C  CB  . PRO   A 1 5   ? 13.078  -9.641  -7.759  1.000 93.062  0 4    PRO   A CB  1 ? 
ATOM   14   C  CG  . PRO   A 1 5   ? 12.974  -11.152 -7.850  1.000 91.085  0 4    PRO   A CG  1 ? 
ATOM   15   C  CD  . PRO   A 1 5   ? 12.626  -11.613 -6.439  1.000 95.702  0 4    PRO   A CD  1 ? 
ATOM   16   N  N   . PRO   A 1 6   ? 9.868   -8.280  -6.666  1.000 101.154 0 5    PRO   A N   1 ? 
ATOM   17   C  CA  . PRO   A 1 6   ? 8.410   -8.387  -6.777  1.000 84.206  0 5    PRO   A CA  1 ? 
ATOM   18   C  C   . PRO   A 1 6   ? 7.993   -8.649  -8.241  1.000 77.730  0 5    PRO   A C   1 ? 
ATOM   19   O  O   . PRO   A 1 6   ? 8.496   -7.961  -9.115  1.000 67.419  0 5    PRO   A O   1 ? 
ATOM   20   C  CB  . PRO   A 1 6   ? 7.939   -7.043  -6.188  1.000 69.896  0 5    PRO   A CB  1 ? 
ATOM   21   C  CG  . PRO   A 1 6   ? 9.111   -6.079  -6.309  1.000 73.975  0 5    PRO   A CG  1 ? 
ATOM   22   C  CD  . PRO   A 1 6   ? 10.331  -6.960  -6.191  1.000 89.121  0 5    PRO   A CD  1 ? 
ATOM   23   N  N   . LYS   A 1 7   ? 7.158   -9.664  -8.505  1.000 76.094  0 6    LYS   A N   1 ? 
ATOM   24   C  CA  . LYS   A 1 7   ? 6.552   -9.879  -9.858  1.000 86.103  0 6    LYS   A CA  1 ? 
ATOM   25   C  C   . LYS   A 1 7   ? 5.145   -9.274  -9.882  1.000 77.880  0 6    LYS   A C   1 ? 
ATOM   26   O  O   . LYS   A 1 7   ? 4.284   -9.692  -9.109  1.000 69.002  0 6    LYS   A O   1 ? 
ATOM   27   C  CB  . LYS   A 1 7   ? 6.534   -11.363 -10.241 1.000 84.937  0 6    LYS   A CB  1 ? 
ATOM   28   C  CG  . LYS   A 1 7   ? 7.850   -12.112 -10.026 1.000 101.366 0 6    LYS   A CG  1 ? 
ATOM   29   C  CD  . LYS   A 1 7   ? 9.087   -11.491 -10.696 1.000 101.346 0 6    LYS   A CD  1 ? 
ATOM   30   C  CE  . LYS   A 1 7   ? 10.281  -12.431 -10.743 1.000 94.506  0 6    LYS   A CE  1 ? 
ATOM   31   N  NZ  . LYS   A 1 7   ? 11.424  -11.868 -11.500 1.000 82.982  0 6    LYS   A NZ  1 ? 
ATOM   32   N  N   . PRO   A 1 8   ? 4.849   -8.278  -10.760 1.000 79.220  0 7    PRO   A N   1 ? 
ATOM   33   C  CA  . PRO   A 1 8   ? 3.544   -7.598  -10.749 1.000 80.636  0 7    PRO   A CA  1 ? 
ATOM   34   C  C   . PRO   A 1 8   ? 2.338   -8.552  -10.860 1.000 82.770  0 7    PRO   A C   1 ? 
ATOM   35   O  O   . PRO   A 1 8   ? 2.288   -9.313  -11.816 1.000 86.744  0 7    PRO   A O   1 ? 
ATOM   36   C  CB  . PRO   A 1 8   ? 3.611   -6.646  -11.963 1.000 76.899  0 7    PRO   A CB  1 ? 
ATOM   37   C  CG  . PRO   A 1 8   ? 5.101   -6.401  -12.158 1.000 73.932  0 7    PRO   A CG  1 ? 
ATOM   38   C  CD  . PRO   A 1 8   ? 5.753   -7.723  -11.787 1.000 80.676  0 7    PRO   A CD  1 ? 
ATOM   39   N  N   . PHE   A 1 9   ? 1.415   -8.497  -9.882  1.000 72.399  0 8    PHE   A N   1 ? 
ATOM   40   C  CA  . PHE   A 1 9   ? 0.142   -9.276  -9.818  1.000 68.033  0 8    PHE   A CA  1 ? 
ATOM   41   C  C   . PHE   A 1 9   ? 0.387   -10.691 -9.252  1.000 64.823  0 8    PHE   A C   1 ? 
ATOM   42   O  O   . PHE   A 1 9   ? -0.523  -11.537 -9.317  1.000 59.240  0 8    PHE   A O   1 ? 
ATOM   43   C  CB  . PHE   A 1 9   ? -0.563  -9.394  -11.186 1.000 62.196  0 8    PHE   A CB  1 ? 
ATOM   44   C  CG  . PHE   A 1 9   ? -0.688  -8.137  -12.021 1.000 56.527  0 8    PHE   A CG  1 ? 
ATOM   45   C  CD1 . PHE   A 1 9   ? -0.975  -6.902  -11.442 1.000 64.580  0 8    PHE   A CD1 1 ? 
ATOM   46   C  CD2 . PHE   A 1 9   ? -0.573  -8.197  -13.403 1.000 55.378  0 8    PHE   A CD2 1 ? 
ATOM   47   C  CE1 . PHE   A 1 9   ? -1.116  -5.753  -12.222 1.000 64.797  0 8    PHE   A CE1 1 ? 
ATOM   48   C  CE2 . PHE   A 1 9   ? -0.721  -7.057  -14.185 1.000 63.947  0 8    PHE   A CE2 1 ? 
ATOM   49   C  CZ  . PHE   A 1 9   ? -0.992  -5.832  -13.595 1.000 64.254  0 8    PHE   A CZ  1 ? 
ATOM   50   N  N   . GLU   A 1 10  ? 1.555   -10.976 -8.687  1.000 72.900  0 9    GLU   A N   1 ? 
ATOM   51   C  CA  . GLU   A 1 10  ? 1.858   -12.336 -8.168  1.000 85.310  0 9    GLU   A CA  1 ? 
ATOM   52   C  C   . GLU   A 1 10  ? 1.538   -12.412 -6.659  1.000 86.055  0 9    GLU   A C   1 ? 
ATOM   53   O  O   . GLU   A 1 10  ? 2.223   -11.734 -5.829  1.000 85.218  0 9    GLU   A O   1 ? 
ATOM   54   C  CB  . GLU   A 1 10  ? 3.291   -12.732 -8.527  1.000 91.465  0 9    GLU   A CB  1 ? 
ATOM   55   C  CG  . GLU   A 1 10  ? 3.440   -14.221 -8.780  1.000 100.958 0 9    GLU   A CG  1 ? 
ATOM   56   C  CD  . GLU   A 1 10  ? 4.836   -14.744 -8.508  1.000 104.870 0 9    GLU   A CD  1 ? 
ATOM   57   O  OE1 . GLU   A 1 10  ? 5.804   -14.189 -9.079  1.000 113.668 0 9    GLU   A OE1 1 ? 
ATOM   58   O  OE2 . GLU   A 1 10  ? 4.950   -15.687 -7.710  1.000 101.771 0 9    GLU   A OE2 1 ? 
ATOM   59   N  N   . VAL   A 1 11  ? 0.531   -13.224 -6.313  1.000 73.631  0 10   VAL   A N   1 ? 
ATOM   60   C  CA  . VAL   A 1 11  ? 0.147   -13.540 -4.905  1.000 82.034  0 10   VAL   A CA  1 ? 
ATOM   61   C  C   . VAL   A 1 11  ? 1.137   -14.583 -4.383  1.000 95.785  0 10   VAL   A C   1 ? 
ATOM   62   O  O   . VAL   A 1 11  ? 1.716   -15.318 -5.211  1.000 115.207 0 10   VAL   A O   1 ? 
ATOM   63   C  CB  . VAL   A 1 11  ? -1.297  -14.070 -4.790  1.000 72.928  0 10   VAL   A CB  1 ? 
ATOM   64   C  CG1 . VAL   A 1 11  ? -1.809  -14.066 -3.360  1.000 76.294  0 10   VAL   A CG1 1 ? 
ATOM   65   C  CG2 . VAL   A 1 11  ? -2.257  -13.319 -5.682  1.000 76.967  0 10   VAL   A CG2 1 ? 
ATOM   66   N  N   . HIS   A 1 12  ? 1.303   -14.650 -3.062  1.000 98.422  0 11   HIS   A N   1 ? 
ATOM   67   C  CA  . HIS   A 1 12  ? 2.023   -15.744 -2.355  1.000 95.498  0 11   HIS   A CA  1 ? 
ATOM   68   C  C   . HIS   A 1 12  ? 0.993   -16.779 -1.894  1.000 98.460  0 11   HIS   A C   1 ? 
ATOM   69   O  O   . HIS   A 1 12  ? -0.199  -16.421 -1.800  1.000 96.631  0 11   HIS   A O   1 ? 
ATOM   70   C  CB  . HIS   A 1 12  ? 2.847   -15.188 -1.194  1.000 94.266  0 11   HIS   A CB  1 ? 
ATOM   71   C  CG  . HIS   A 1 12  ? 2.229   -13.977 -0.590  1.000 99.496  0 11   HIS   A CG  1 ? 
ATOM   72   N  ND1 . HIS   A 1 12  ? 1.204   -14.063 0.344   1.000 91.036  0 11   HIS   A ND1 1 ? 
ATOM   73   C  CD2 . HIS   A 1 12  ? 2.439   -12.663 -0.824  1.000 89.261  0 11   HIS   A CD2 1 ? 
ATOM   74   C  CE1 . HIS   A 1 12  ? 0.835   -12.850 0.689   1.000 93.461  0 11   HIS   A CE1 1 ? 
ATOM   75   N  NE2 . HIS   A 1 12  ? 1.574   -11.972 -0.018  1.000 101.390 0 11   HIS   A NE2 1 ? 
ATOM   76   N  N   . GLU   A 1 13  ? 1.438   -18.003 -1.602  1.000 108.734 0 12   GLU   A N   1 ? 
ATOM   77   C  CA  . GLU   A 1 13  ? 0.544   -19.142 -1.256  1.000 106.809 0 12   GLU   A CA  1 ? 
ATOM   78   C  C   . GLU   A 1 13  ? -0.102  -18.906 0.119   1.000 101.346 0 12   GLU   A C   1 ? 
ATOM   79   O  O   . GLU   A 1 13  ? -1.203  -19.468 0.351   1.000 108.659 0 12   GLU   A O   1 ? 
ATOM   80   C  CB  . GLU   A 1 13  ? 1.307   -20.468 -1.320  1.000 103.258 0 12   GLU   A CB  1 ? 
ATOM   81   C  CG  . GLU   A 1 13  ? 0.388   -21.653 -1.529  1.000 101.465 0 12   GLU   A CG  1 ? 
ATOM   82   C  CD  . GLU   A 1 13  ? 1.099   -22.985 -1.612  1.000 102.374 0 12   GLU   A CD  1 ? 
ATOM   83   O  OE1 . GLU   A 1 13  ? 2.342   -22.981 -1.500  1.000 95.392  0 12   GLU   A OE1 1 ? 
ATOM   84   O  OE2 . GLU   A 1 13  ? 0.405   -24.015 -1.787  1.000 99.087  0 12   GLU   A OE2 1 ? 
ATOM   85   N  N   . SER   A 1 14  ? 0.527   -18.104 0.990   1.000 94.410  0 13   SER   A N   1 ? 
ATOM   86   C  CA  . SER   A 1 14  ? -0.054  -17.652 2.290   1.000 96.691  0 13   SER   A CA  1 ? 
ATOM   87   C  C   . SER   A 1 14  ? -1.493  -17.137 2.066   1.000 97.450  0 13   SER   A C   1 ? 
ATOM   88   O  O   . SER   A 1 14  ? -2.443  -17.633 2.734   1.000 73.972  0 13   SER   A O   1 ? 
ATOM   89   C  CB  . SER   A 1 14  ? 0.802   -16.581 2.958   1.000 92.151  0 13   SER   A CB  1 ? 
ATOM   90   O  OG  . SER   A 1 14  ? 2.190   -16.768 2.731   1.000 84.550  0 13   SER   A OG  1 ? 
ATOM   91   N  N   . GLY   A 1 15  ? -1.652  -16.196 1.126   1.000 92.562  0 14   GLY   A N   1 ? 
ATOM   92   C  CA  . GLY   A 1 15  ? -2.837  -15.330 1.001   1.000 77.365  0 14   GLY   A CA  1 ? 
ATOM   93   C  C   . GLY   A 1 15  ? -2.868  -14.326 2.137   1.000 74.570  0 14   GLY   A C   1 ? 
ATOM   94   O  O   . GLY   A 1 15  ? -3.945  -13.768 2.398   1.000 87.367  0 14   GLY   A O   1 ? 
ATOM   95   N  N   . ALA   A 1 16  ? -1.729  -14.092 2.799   1.000 66.035  0 15   ALA   A N   1 ? 
ATOM   96   C  CA  . ALA   A 1 16  ? -1.631  -13.234 4.012   1.000 68.622  0 15   ALA   A CA  1 ? 
ATOM   97   C  C   . ALA   A 1 16  ? -1.752  -11.760 3.597   1.000 58.080  0 15   ALA   A C   1 ? 
ATOM   98   O  O   . ALA   A 1 16  ? -1.264  -11.423 2.463   1.000 50.659  0 15   ALA   A O   1 ? 
ATOM   99   C  CB  . ALA   A 1 16  ? -0.325  -13.508 4.735   1.000 66.829  0 15   ALA   A CB  1 ? 
ATOM   100  N  N   . TYR   A 1 17  ? -2.319  -10.885 4.448   1.000 47.045  0 16   TYR   A N   1 ? 
ATOM   101  C  CA  . TYR   A 1 17  ? -2.431  -9.442  4.095   1.000 43.064  0 16   TYR   A CA  1 ? 
ATOM   102  C  C   . TYR   A 1 17  ? -1.121  -8.721  4.386   1.000 39.050  0 16   TYR   A C   1 ? 
ATOM   103  O  O   . TYR   A 1 17  ? -0.503  -8.895  5.448   1.000 32.243  0 16   TYR   A O   1 ? 
ATOM   104  C  CB  . TYR   A 1 17  ? -3.626  -8.769  4.772   1.000 51.287  0 16   TYR   A CB  1 ? 
ATOM   105  C  CG  . TYR   A 1 17  ? -4.937  -9.346  4.314   1.000 47.500  0 16   TYR   A CG  1 ? 
ATOM   106  C  CD1 . TYR   A 1 17  ? -5.358  -9.180  2.997   1.000 41.138  0 16   TYR   A CD1 1 ? 
ATOM   107  C  CD2 . TYR   A 1 17  ? -5.685  -10.153 5.159   1.000 43.190  0 16   TYR   A CD2 1 ? 
ATOM   108  C  CE1 . TYR   A 1 17  ? -6.530  -9.761  2.547   1.000 40.879  0 16   TYR   A CE1 1 ? 
ATOM   109  C  CE2 . TYR   A 1 17  ? -6.840  -10.771 4.710   1.000 44.408  0 16   TYR   A CE2 1 ? 
ATOM   110  C  CZ  . TYR   A 1 17  ? -7.272  -10.544 3.407   1.000 48.977  0 16   TYR   A CZ  1 ? 
ATOM   111  O  OH  . TYR   A 1 17  ? -8.439  -11.100 2.967   1.000 52.172  0 16   TYR   A OH  1 ? 
ATOM   112  N  N   . LEU   A 1 18  ? -0.690  -7.902  3.430   1.000 33.909  0 17   LEU   A N   1 ? 
ATOM   113  C  CA  . LEU   A 1 18  ? 0.579   -7.160  3.587   1.000 35.553  0 17   LEU   A CA  1 ? 
ATOM   114  C  C   . LEU   A 1 18  ? 0.256   -5.688  3.648   1.000 33.329  0 17   LEU   A C   1 ? 
ATOM   115  O  O   . LEU   A 1 18  ? -0.814  -5.263  3.111   1.000 29.321  0 17   LEU   A O   1 ? 
ATOM   116  C  CB  . LEU   A 1 18  ? 1.537   -7.462  2.435   1.000 33.773  0 17   LEU   A CB  1 ? 
ATOM   117  C  CG  . LEU   A 1 18  ? 1.873   -8.926  2.219   1.000 31.736  0 17   LEU   A CG  1 ? 
ATOM   118  C  CD1 . LEU   A 1 18  ? 2.779   -9.054  1.002   1.000 36.853  0 17   LEU   A CD1 1 ? 
ATOM   119  C  CD2 . LEU   A 1 18  ? 2.561   -9.521  3.439   1.000 30.323  0 17   LEU   A CD2 1 ? 
ATOM   120  N  N   . HIS   A 1 19  ? 1.180   -4.942  4.245   1.000 35.523  0 18   HIS   A N   1 ? 
ATOM   121  C  CA  . HIS   A 1 19  ? 1.084   -3.456  4.331   1.000 34.745  0 18   HIS   A CA  1 ? 
ATOM   122  C  C   . HIS   A 1 19  ? 2.490   -2.851  4.258   1.000 31.422  0 18   HIS   A C   1 ? 
ATOM   123  O  O   . HIS   A 1 19  ? 3.266   -3.081  5.196   1.000 31.612  0 18   HIS   A O   1 ? 
ATOM   124  C  CB  . HIS   A 1 19  ? 0.323   -3.068  5.604   1.000 32.005  0 18   HIS   A CB  1 ? 
ATOM   125  C  CG  . HIS   A 1 19  ? 0.223   -1.600  5.818   1.000 32.692  0 18   HIS   A CG  1 ? 
ATOM   126  N  ND1 . HIS   A 1 19  ? -0.839  -0.856  5.315   1.000 27.107  0 18   HIS   A ND1 1 ? 
ATOM   127  C  CD2 . HIS   A 1 19  ? 1.029   -0.734  6.482   1.000 32.859  0 18   HIS   A CD2 1 ? 
ATOM   128  C  CE1 . HIS   A 1 19  ? -0.622  0.425   5.611   1.000 32.467  0 18   HIS   A CE1 1 ? 
ATOM   129  N  NE2 . HIS   A 1 19  ? 0.486   0.517   6.340   1.000 30.849  0 18   HIS   A NE2 1 ? 
ATOM   130  N  N   . GLY   A 1 20  ? 2.778   -2.119  3.178   1.000 32.459  0 19   GLY   A N   1 ? 
ATOM   131  C  CA  . GLY   A 1 20  ? 4.027   -1.367  2.974   1.000 31.812  0 19   GLY   A CA  1 ? 
ATOM   132  C  C   . GLY   A 1 20  ? 3.865   0.024   3.533   1.000 33.501  0 19   GLY   A C   1 ? 
ATOM   133  O  O   . GLY   A 1 20  ? 2.782   0.637   3.360   1.000 33.197  0 19   GLY   A O   1 ? 
ATOM   134  N  N   . THR   A 1 21  ? 4.919   0.531   4.131   1.000 32.101  0 20   THR   A N   1 ? 
ATOM   135  C  CA  . THR   A 1 21  ? 4.913   1.813   4.829   1.000 32.892  0 20   THR   A CA  1 ? 
ATOM   136  C  C   . THR   A 1 21  ? 6.352   2.164   5.182   1.000 33.519  0 20   THR   A C   1 ? 
ATOM   137  O  O   . THR   A 1 21  ? 7.248   1.298   4.964   1.000 29.543  0 20   THR   A O   1 ? 
ATOM   138  C  CB  . THR   A 1 21  ? 4.019   1.752   6.073   1.000 38.646  0 20   THR   A CB  1 ? 
ATOM   139  O  OG1 . THR   A 1 21  ? 4.075   3.053   6.655   1.000 43.233  0 20   THR   A OG1 1 ? 
ATOM   140  C  CG2 . THR   A 1 21  ? 4.457   0.728   7.091   1.000 39.253  0 20   THR   A CG2 1 ? 
ATOM   141  N  N   . LYS   A 1 22  ? 6.529   3.391   5.702   1.000 35.847  0 21   LYS   A N   1 ? 
ATOM   142  C  CA  . LYS   A 1 22  ? 7.781   3.859   6.346   1.000 36.996  0 21   LYS   A CA  1 ? 
ATOM   143  C  C   . LYS   A 1 22  ? 7.622   3.960   7.877   1.000 35.942  0 21   LYS   A C   1 ? 
ATOM   144  O  O   . LYS   A 1 22  ? 8.666   4.122   8.525   1.000 42.687  0 21   LYS   A O   1 ? 
ATOM   145  C  CB  . LYS   A 1 22  ? 8.243   5.160   5.674   1.000 39.524  0 21   LYS   A CB  1 ? 
ATOM   146  C  CG  . LYS   A 1 22  ? 8.957   4.932   4.330   1.000 41.070  0 21   LYS   A CG  1 ? 
ATOM   147  C  CD  . LYS   A 1 22  ? 9.504   6.177   3.638   1.000 37.419  0 21   LYS   A CD  1 ? 
ATOM   148  C  CE  . LYS   A 1 22  ? 10.003  5.865   2.235   1.000 39.592  0 21   LYS   A CE  1 ? 
ATOM   149  N  NZ  . LYS   A 1 22  ? 8.882   5.683   1.280   1.000 35.232  0 21   LYS   A NZ  1 ? 
ATOM   150  N  N   . ALA   A 1 23  ? 6.409   3.809   8.429   1.000 37.447  0 22   ALA   A N   1 ? 
ATOM   151  C  CA  . ALA   A 1 23  ? 6.093   3.844   9.884   1.000 38.455  0 22   ALA   A CA  1 ? 
ATOM   152  C  C   . ALA   A 1 23  ? 6.830   2.687   10.568  1.000 38.138  0 22   ALA   A C   1 ? 
ATOM   153  O  O   . ALA   A 1 23  ? 6.949   1.534   9.956   1.000 32.514  0 22   ALA   A O   1 ? 
ATOM   154  C  CB  . ALA   A 1 23  ? 4.594   3.809   10.117  1.000 35.540  0 22   ALA   A CB  1 ? 
ATOM   155  N  N   . GLU   A 1 24  ? 7.439   2.980   11.718  1.000 36.972  0 23   GLU   A N   1 ? 
ATOM   156  C  CA  . GLU   A 1 24  ? 8.173   1.968   12.525  1.000 42.076  0 23   GLU   A CA  1 ? 
ATOM   157  C  C   . GLU   A 1 24  ? 7.118   1.172   13.296  1.000 43.309  0 23   GLU   A C   1 ? 
ATOM   158  O  O   . GLU   A 1 24  ? 6.904   1.476   14.471  1.000 44.372  0 23   GLU   A O   1 ? 
ATOM   159  C  CB  . GLU   A 1 24  ? 9.174   2.631   13.481  1.000 46.623  0 23   GLU   A CB  1 ? 
ATOM   160  C  CG  . GLU   A 1 24  ? 10.008  1.616   14.292  1.000 57.133  0 23   GLU   A CG  1 ? 
ATOM   161  C  CD  . GLU   A 1 24  ? 11.015  2.145   15.327  1.000 69.075  0 23   GLU   A CD  1 ? 
ATOM   162  O  OE1 . GLU   A 1 24  ? 10.729  3.137   16.056  1.000 53.101  0 23   GLU   A OE1 1 ? 
ATOM   163  O  OE2 . GLU   A 1 24  ? 12.098  1.555   15.407  1.000 80.184  0 23   GLU   A OE2 1 ? 
ATOM   164  N  N   . LEU   A 1 25  ? 6.407   0.247   12.656  1.000 38.988  0 24   LEU   A N   1 ? 
ATOM   165  C  CA  . LEU   A 1 25  ? 5.342   -0.492  13.375  1.000 37.440  0 24   LEU   A CA  1 ? 
ATOM   166  C  C   . LEU   A 1 25  ? 5.994   -1.669  14.106  1.000 35.864  0 24   LEU   A C   1 ? 
ATOM   167  O  O   . LEU   A 1 25  ? 7.123   -1.988  13.788  1.000 28.651  0 24   LEU   A O   1 ? 
ATOM   168  C  CB  . LEU   A 1 25  ? 4.281   -0.934  12.367  1.000 39.059  0 24   LEU   A CB  1 ? 
ATOM   169  C  CG  . LEU   A 1 25  ? 3.655   0.187   11.548  1.000 36.585  0 24   LEU   A CG  1 ? 
ATOM   170  C  CD1 . LEU   A 1 25  ? 2.663   -0.395  10.558  1.000 35.427  0 24   LEU   A CD1 1 ? 
ATOM   171  C  CD2 . LEU   A 1 25  ? 2.975   1.203   12.458  1.000 39.110  0 24   LEU   A CD2 1 ? 
ATOM   172  N  N   . LYS   A 1 26  ? 5.295   -2.288  15.050  1.000 39.181  0 25   LYS   A N   1 ? 
ATOM   173  C  CA  . LYS   A 1 26  ? 5.798   -3.459  15.808  1.000 42.233  0 25   LYS   A CA  1 ? 
ATOM   174  C  C   . LYS   A 1 26  ? 4.724   -4.561  15.850  1.000 36.541  0 25   LYS   A C   1 ? 
ATOM   175  O  O   . LYS   A 1 26  ? 3.515   -4.233  15.985  1.000 39.105  0 25   LYS   A O   1 ? 
ATOM   176  C  CB  . LYS   A 1 26  ? 6.136   -2.983  17.219  1.000 43.941  0 25   LYS   A CB  1 ? 
ATOM   177  C  CG  . LYS   A 1 26  ? 7.247   -1.949  17.290  1.000 55.351  0 25   LYS   A CG  1 ? 
ATOM   178  C  CD  . LYS   A 1 26  ? 8.605   -2.553  17.105  1.000 56.111  0 25   LYS   A CD  1 ? 
ATOM   179  C  CE  . LYS   A 1 26  ? 8.776   -3.678  18.108  1.000 65.949  0 25   LYS   A CE  1 ? 
ATOM   180  N  NZ  . LYS   A 1 26  ? 10.097  -4.314  17.966  1.000 76.533  0 25   LYS   A NZ  1 ? 
ATOM   181  N  N   . VAL   A 1 27  ? 5.177   -5.802  15.952  1.000 37.538  0 26   VAL   A N   1 ? 
ATOM   182  C  CA  . VAL   A 1 27  ? 4.331   -6.992  16.196  1.000 37.070  0 26   VAL   A CA  1 ? 
ATOM   183  C  C   . VAL   A 1 27  ? 3.515   -6.803  17.479  1.000 38.299  0 26   VAL   A C   1 ? 
ATOM   184  O  O   . VAL   A 1 27  ? 4.061   -6.447  18.496  1.000 35.455  0 26   VAL   A O   1 ? 
ATOM   185  C  CB  . VAL   A 1 27  ? 5.164   -8.274  16.121  1.000 36.021  0 26   VAL   A CB  1 ? 
ATOM   186  C  CG1 . VAL   A 1 27  ? 4.294   -9.462  16.466  1.000 35.674  0 26   VAL   A CG1 1 ? 
ATOM   187  C  CG2 . VAL   A 1 27  ? 5.692   -8.454  14.693  1.000 34.625  0 26   VAL   A CG2 1 ? 
ATOM   188  N  N   . GLY   A 1 28  ? 2.181   -6.853  17.389  1.000 33.055  0 27   GLY   A N   1 ? 
ATOM   189  C  CA  . GLY   A 1 28  ? 1.363   -6.484  18.553  1.000 33.483  0 27   GLY   A CA  1 ? 
ATOM   190  C  C   . GLY   A 1 28  ? 0.599   -5.194  18.413  1.000 31.412  0 27   GLY   A C   1 ? 
ATOM   191  O  O   . GLY   A 1 28  ? -0.454  -5.051  19.121  1.000 30.798  0 27   GLY   A O   1 ? 
ATOM   192  N  N   . ASP   A 1 29  ? 1.101   -4.248  17.620  1.000 32.118  0 28   ASP   A N   1 ? 
ATOM   193  C  CA  . ASP   A 1 29  ? 0.407   -2.952  17.407  1.000 30.608  0 28   ASP   A CA  1 ? 
ATOM   194  C  C   . ASP   A 1 29  ? -1.001  -3.227  16.850  1.000 31.974  0 28   ASP   A C   1 ? 
ATOM   195  O  O   . ASP   A 1 29  ? -1.175  -4.150  16.019  1.000 28.874  0 28   ASP   A O   1 ? 
ATOM   196  C  CB  . ASP   A 1 29  ? 1.210   -2.034  16.491  1.000 29.871  0 28   ASP   A CB  1 ? 
ATOM   197  C  CG  . ASP   A 1 29  ? 2.433   -1.379  17.107  1.000 33.226  0 28   ASP   A CG  1 ? 
ATOM   198  O  OD1 . ASP   A 1 29  ? 2.657   -1.479  18.398  1.000 34.851  0 28   ASP   A OD1 1 ? 
ATOM   199  O  OD2 . ASP   A 1 29  ? 3.184   -0.781  16.321  1.000 36.455  0 28   ASP   A OD2 1 ? 
ATOM   200  N  N   . ARG   A 1 30  ? -1.994  -2.519  17.367  1.000 28.560  0 29   ARG   A N   1 ? 
ATOM   201  C  CA  . ARG   A 1 30  ? -3.325  -2.396  16.748  1.000 31.135  0 29   ARG   A CA  1 ? 
ATOM   202  C  C   . ARG   A 1 30  ? -3.399  -0.967  16.227  1.000 31.894  0 29   ARG   A C   1 ? 
ATOM   203  O  O   . ARG   A 1 30  ? -3.256  -0.014  17.053  1.000 31.746  0 29   ARG   A O   1 ? 
ATOM   204  C  CB  . ARG   A 1 30  ? -4.444  -2.689  17.746  1.000 29.026  0 29   ARG   A CB  1 ? 
ATOM   205  C  CG  . ARG   A 1 30  ? -5.862  -2.671  17.167  1.000 31.890  0 29   ARG   A CG  1 ? 
ATOM   206  C  CD  . ARG   A 1 30  ? -6.910  -2.604  18.273  1.000 32.528  0 29   ARG   A CD  1 ? 
ATOM   207  N  NE  . ARG   A 1 30  ? -8.325  -2.697  17.905  1.000 38.501  0 29   ARG   A NE  1 ? 
ATOM   208  C  CZ  . ARG   A 1 30  ? -9.230  -1.703  17.935  1.000 38.182  0 29   ARG   A CZ  1 ? 
ATOM   209  N  NH1 . ARG   A 1 30  ? -10.499 -1.927  17.590  1.000 33.756  0 29   ARG   A NH1 1 ? 
ATOM   210  N  NH2 . ARG   A 1 30  ? -8.883  -0.496  18.338  1.000 37.439  0 29   ARG   A NH2 1 ? 
ATOM   211  N  N   . LEU   A 1 31  ? -3.743  -0.812  14.957  1.000 31.922  0 30   LEU   A N   1 ? 
ATOM   212  C  CA  . LEU   A 1 31  ? -3.768  0.502   14.270  1.000 31.776  0 30   LEU   A CA  1 ? 
ATOM   213  C  C   . LEU   A 1 31  ? -5.160  0.775   13.730  1.000 33.333  0 30   LEU   A C   1 ? 
ATOM   214  O  O   . LEU   A 1 31  ? -5.644  -0.015  12.953  1.000 31.852  0 30   LEU   A O   1 ? 
ATOM   215  C  CB  . LEU   A 1 31  ? -2.726  0.448   13.139  1.000 40.586  0 30   LEU   A CB  1 ? 
ATOM   216  C  CG  . LEU   A 1 31  ? -1.305  0.038   13.596  1.000 45.116  0 30   LEU   A CG  1 ? 
ATOM   217  C  CD1 . LEU   A 1 31  ? -0.408  -0.145  12.405  1.000 60.307  0 30   LEU   A CD1 1 ? 
ATOM   218  C  CD2 . LEU   A 1 31  ? -0.650  1.047   14.566  1.000 41.807  0 30   LEU   A CD2 1 ? 
ATOM   219  N  N   . VAL   A 1 32  ? -5.727  1.925   14.064  1.000 29.152  0 31   VAL   A N   1 ? 
ATOM   220  C  CA  . VAL   A 1 32  ? -7.079  2.323   13.650  1.000 33.354  0 31   VAL   A CA  1 ? 
ATOM   221  C  C   . VAL   A 1 32  ? -6.919  3.212   12.425  1.000 37.800  0 31   VAL   A C   1 ? 
ATOM   222  O  O   . VAL   A 1 32  ? -5.844  3.765   12.211  1.000 32.513  0 31   VAL   A O   1 ? 
ATOM   223  C  CB  . VAL   A 1 32  ? -7.854  3.018   14.786  1.000 36.889  0 31   VAL   A CB  1 ? 
ATOM   224  C  CG1 . VAL   A 1 32  ? -7.886  2.160   16.045  1.000 39.298  0 31   VAL   A CG1 1 ? 
ATOM   225  C  CG2 . VAL   A 1 32  ? -7.312  4.384   15.088  1.000 37.087  0 31   VAL   A CG2 1 ? 
ATOM   226  N  N   . PRO   A 1 33  ? -7.974  3.298   11.576  1.000 36.174  0 32   PRO   A N   1 ? 
ATOM   227  C  CA  . PRO   A 1 33  ? -8.016  4.245   10.442  1.000 38.949  0 32   PRO   A CA  1 ? 
ATOM   228  C  C   . PRO   A 1 33  ? -7.971  5.725   10.883  1.000 41.350  0 32   PRO   A C   1 ? 
ATOM   229  O  O   . PRO   A 1 33  ? -8.354  5.985   12.025  1.000 43.362  0 32   PRO   A O   1 ? 
ATOM   230  C  CB  . PRO   A 1 33  ? -9.400  3.991   9.810   1.000 37.301  0 32   PRO   A CB  1 ? 
ATOM   231  C  CG  . PRO   A 1 33  ? -9.838  2.636   10.330  1.000 38.347  0 32   PRO   A CG  1 ? 
ATOM   232  C  CD  . PRO   A 1 33  ? -9.197  2.472   11.700  1.000 33.333  0 32   PRO   A CD  1 ? 
ATOM   233  N  N   . GLY   A 1 34  ? -7.619  6.659   9.991   1.000 35.118  0 33   GLY   A N   1 ? 
ATOM   234  C  CA  . GLY   A 1 34  ? -7.709  8.104   10.286  1.000 35.523  0 33   GLY   A CA  1 ? 
ATOM   235  C  C   . GLY   A 1 34  ? -6.379  8.833   10.201  1.000 37.046  0 33   GLY   A C   1 ? 
ATOM   236  O  O   . GLY   A 1 34  ? -6.322  9.984   10.546  1.000 41.932  0 33   GLY   A O   1 ? 
ATOM   237  N  N   . ARG   A 1 35  ? -5.301  8.201   9.792   1.000 44.096  0 34   ARG   A N   1 ? 
ATOM   238  C  CA  . ARG   A 1 35  ? -4.036  8.935   9.614   1.000 44.967  0 34   ARG   A CA  1 ? 
ATOM   239  C  C   . ARG   A 1 35  ? -4.139  9.794   8.358   1.000 49.620  0 34   ARG   A C   1 ? 
ATOM   240  O  O   . ARG   A 1 35  ? -5.039  9.525   7.527   1.000 50.674  0 34   ARG   A O   1 ? 
ATOM   241  C  CB  . ARG   A 1 35  ? -2.844  7.993   9.437   1.000 46.943  0 34   ARG   A CB  1 ? 
ATOM   242  C  CG  . ARG   A 1 35  ? -2.172  7.571   10.737  1.000 49.388  0 34   ARG   A CG  1 ? 
ATOM   243  C  CD  . ARG   A 1 35  ? -2.877  6.334   11.303  1.000 54.097  0 34   ARG   A CD  1 ? 
ATOM   244  N  NE  . ARG   A 1 35  ? -2.141  6.136   12.497  1.000 41.600  0 34   ARG   A NE  1 ? 
ATOM   245  C  CZ  . ARG   A 1 35  ? -2.374  5.307   13.454  1.000 38.781  0 34   ARG   A CZ  1 ? 
ATOM   246  N  NH1 . ARG   A 1 35  ? -3.351  4.440   13.399  1.000 41.229  0 34   ARG   A NH1 1 ? 
ATOM   247  N  NH2 . ARG   A 1 35  ? -1.574  5.360   14.506  1.000 52.882  0 34   ARG   A NH2 1 ? 
ATOM   248  N  N   . GLU   A 1 36  ? -3.187  10.723  8.227   1.000 46.292  0 35   GLU   A N   1 ? 
ATOM   249  C  CA  . GLU   A 1 36  ? -2.937  11.572  7.044   1.000 43.492  0 35   GLU   A CA  1 ? 
ATOM   250  C  C   . GLU   A 1 36  ? -2.575  10.685  5.843   1.000 42.248  0 35   GLU   A C   1 ? 
ATOM   251  O  O   . GLU   A 1 36  ? -1.809  9.731   5.984   1.000 36.495  0 35   GLU   A O   1 ? 
ATOM   252  C  CB  . GLU   A 1 36  ? -1.839  12.569  7.394   1.000 38.487  0 35   GLU   A CB  1 ? 
ATOM   253  C  CG  . GLU   A 1 36  ? -1.562  13.546  6.253   1.000 58.156  0 35   GLU   A CG  1 ? 
ATOM   254  C  CD  . GLU   A 1 36  ? -0.493  14.608  6.494   1.000 55.967  0 35   GLU   A CD  1 ? 
ATOM   255  O  OE1 . GLU   A 1 36  ? 0.645   14.248  6.812   1.000 74.047  0 35   GLU   A OE1 1 ? 
ATOM   256  O  OE2 . GLU   A 1 36  ? -0.812  15.794  6.375   1.000 61.783  0 35   GLU   A OE2 1 ? 
ATOM   257  N  N   . SER   A 1 37  ? -3.121  11.003  4.684   1.000 41.389  0 36   SER   A N   1 ? 
ATOM   258  C  CA  . SER   A 1 37  ? -2.767  10.380  3.386   1.000 40.701  0 36   SER   A CA  1 ? 
ATOM   259  C  C   . SER   A 1 37  ? -1.278  10.519  3.074   1.000 41.867  0 36   SER   A C   1 ? 
ATOM   260  O  O   . SER   A 1 37  ? -0.660  11.597  3.354   1.000 39.807  0 36   SER   A O   1 ? 
ATOM   261  C  CB  . SER   A 1 37  ? -3.535  11.030  2.273   1.000 40.303  0 36   SER   A CB  1 ? 
ATOM   262  O  OG  . SER   A 1 37  ? -3.237  10.369  1.054   1.000 39.182  0 36   SER   A OG  1 ? 
ATOM   263  N  N   . ASN   A 1 38  ? -0.744  9.516   2.400   1.000 40.707  0 37   ASN   A N   1 ? 
ATOM   264  C  CA  . ASN   A 1 38  ? 0.597   9.617   1.773   1.000 43.376  0 37   ASN   A CA  1 ? 
ATOM   265  C  C   . ASN   A 1 38  ? 0.559   10.477  0.502   1.000 45.370  0 37   ASN   A C   1 ? 
ATOM   266  O  O   . ASN   A 1 38  ? 1.632   10.901  0.059   1.000 43.816  0 37   ASN   A O   1 ? 
ATOM   267  C  CB  . ASN   A 1 38  ? 1.162   8.251   1.408   1.000 40.671  0 37   ASN   A CB  1 ? 
ATOM   268  C  CG  . ASN   A 1 38  ? 1.481   7.447   2.642   1.000 39.350  0 37   ASN   A CG  1 ? 
ATOM   269  O  OD1 . ASN   A 1 38  ? 2.444   7.759   3.361   1.000 40.125  0 37   ASN   A OD1 1 ? 
ATOM   270  N  ND2 . ASN   A 1 38  ? 0.725   6.379   2.852   1.000 37.438  0 37   ASN   A ND2 1 ? 
ATOM   271  N  N   . PHE   A 1 39  ? -0.594  10.787  -0.076  1.000 44.435  0 38   PHE   A N   1 ? 
ATOM   272  C  CA  . PHE   A 1 39  ? -0.604  11.511  -1.376  1.000 49.685  0 38   PHE   A CA  1 ? 
ATOM   273  C  C   . PHE   A 1 39  ? -1.108  12.955  -1.244  1.000 52.880  0 38   PHE   A C   1 ? 
ATOM   274  O  O   . PHE   A 1 39  ? -0.751  13.758  -2.114  1.000 60.090  0 38   PHE   A O   1 ? 
ATOM   275  C  CB  . PHE   A 1 39  ? -1.372  10.699  -2.416  1.000 47.774  0 38   PHE   A CB  1 ? 
ATOM   276  C  CG  . PHE   A 1 39  ? -0.765  9.337   -2.626  1.000 47.472  0 38   PHE   A CG  1 ? 
ATOM   277  C  CD1 . PHE   A 1 39  ? 0.396   9.177   -3.365  1.000 54.744  0 38   PHE   A CD1 1 ? 
ATOM   278  C  CD2 . PHE   A 1 39  ? -1.266  8.232   -1.972  1.000 52.839  0 38   PHE   A CD2 1 ? 
ATOM   279  C  CE1 . PHE   A 1 39  ? 1.003   7.935   -3.498  1.000 46.294  0 38   PHE   A CE1 1 ? 
ATOM   280  C  CE2 . PHE   A 1 39  ? -0.651  6.993   -2.084  1.000 44.972  0 38   PHE   A CE2 1 ? 
ATOM   281  C  CZ  . PHE   A 1 39  ? 0.470   6.844   -2.862  1.000 50.878  0 38   PHE   A CZ  1 ? 
ATOM   282  N  N   . GLU   A 1 40  ? -1.917  13.287  -0.243  1.000 50.319  0 39   GLU   A N   1 ? 
ATOM   283  C  CA  . GLU   A 1 40  ? -2.536  14.633  -0.116  1.000 45.765  0 39   GLU   A CA  1 ? 
ATOM   284  C  C   . GLU   A 1 40  ? -2.347  15.064  1.326   1.000 42.155  0 39   GLU   A C   1 ? 
ATOM   285  O  O   . GLU   A 1 40  ? -3.033  14.549  2.205   1.000 43.286  0 39   GLU   A O   1 ? 
ATOM   286  C  CB  . GLU   A 1 40  ? -4.041  14.717  -0.434  1.000 49.800  0 39   GLU   A CB  1 ? 
ATOM   287  C  CG  . GLU   A 1 40  ? -4.499  14.345  -1.838  1.000 54.564  0 39   GLU   A CG  1 ? 
ATOM   288  C  CD  . GLU   A 1 40  ? -6.025  14.459  -2.070  1.000 58.301  0 39   GLU   A CD  1 ? 
ATOM   289  O  OE1 . GLU   A 1 40  ? -6.558  13.638  -2.807  1.000 67.270  0 39   GLU   A OE1 1 ? 
ATOM   290  O  OE2 . GLU   A 1 40  ? -6.706  15.376  -1.513  1.000 59.641  0 39   GLU   A OE2 1 ? 
ATOM   291  N  N   . ALA   A 1 41  ? -1.374  15.937  1.547   1.000 52.878  0 40   ALA   A N   1 ? 
ATOM   292  C  CA  . ALA   A 1 41  ? -1.175  16.664  2.812   1.000 52.166  0 40   ALA   A CA  1 ? 
ATOM   293  C  C   . ALA   A 1 41  ? -2.534  17.037  3.429   1.000 51.208  0 40   ALA   A C   1 ? 
ATOM   294  O  O   . ALA   A 1 41  ? -3.333  17.663  2.770   1.000 49.682  0 40   ALA   A O   1 ? 
ATOM   295  C  CB  . ALA   A 1 41  ? -0.348  17.879  2.513   1.000 50.410  0 40   ALA   A CB  1 ? 
ATOM   296  N  N   . GLY   A 1 42  ? -2.777  16.692  4.681   1.000 46.658  0 41   GLY   A N   1 ? 
ATOM   297  C  CA  . GLY   A 1 42  ? -3.943  17.213  5.410   1.000 48.227  0 41   GLY   A CA  1 ? 
ATOM   298  C  C   . GLY   A 1 42  ? -5.174  16.367  5.147   1.000 48.078  0 41   GLY   A C   1 ? 
ATOM   299  O  O   . GLY   A 1 42  ? -6.150  16.539  5.856   1.000 47.007  0 41   GLY   A O   1 ? 
ATOM   300  N  N   . ARG   A 1 43  ? -5.118  15.418  4.216   1.000 42.940  0 42   ARG   A N   1 ? 
ATOM   301  C  CA  . ARG   A 1 43  ? -6.279  14.526  3.983   1.000 39.653  0 42   ARG   A CA  1 ? 
ATOM   302  C  C   . ARG   A 1 43  ? -6.317  13.367  5.015   1.000 38.045  0 42   ARG   A C   1 ? 
ATOM   303  O  O   . ARG   A 1 43  ? -5.506  12.437  4.953   1.000 36.037  0 42   ARG   A O   1 ? 
ATOM   304  C  CB  . ARG   A 1 43  ? -6.269  14.043  2.536   1.000 40.129  0 42   ARG   A CB  1 ? 
ATOM   305  C  CG  . ARG   A 1 43  ? -7.207  12.878  2.290   1.000 44.746  0 42   ARG   A CG  1 ? 
ATOM   306  C  CD  . ARG   A 1 43  ? -7.717  12.905  0.886   1.000 46.280  0 42   ARG   A CD  1 ? 
ATOM   307  N  NE  . ARG   A 1 43  ? -8.978  12.222  0.760   1.000 45.979  0 42   ARG   A NE  1 ? 
ATOM   308  C  CZ  . ARG   A 1 43  ? -9.550  12.011  -0.393  1.000 55.093  0 42   ARG   A CZ  1 ? 
ATOM   309  N  NH1 . ARG   A 1 43  ? -10.667 11.298  -0.453  1.000 54.493  0 42   ARG   A NH1 1 ? 
ATOM   310  N  NH2 . ARG   A 1 43  ? -8.976  12.494  -1.482  1.000 53.833  0 42   ARG   A NH2 1 ? 
ATOM   311  N  N   . ILE   A 1 44  ? -7.366  13.347  5.825   1.000 35.279  0 43   ILE   A N   1 ? 
ATOM   312  C  CA  . ILE   A 1 44  ? -7.647  12.265  6.795   1.000 39.707  0 43   ILE   A CA  1 ? 
ATOM   313  C  C   . ILE   A 1 44  ? -8.252  11.071  6.074   1.000 41.056  0 43   ILE   A C   1 ? 
ATOM   314  O  O   . ILE   A 1 44  ? -9.284  11.265  5.434   1.000 40.326  0 43   ILE   A O   1 ? 
ATOM   315  C  CB  . ILE   A 1 44  ? -8.553  12.824  7.893   1.000 40.131  0 43   ILE   A CB  1 ? 
ATOM   316  C  CG1 . ILE   A 1 44  ? -7.743  13.814  8.738   1.000 43.749  0 43   ILE   A CG1 1 ? 
ATOM   317  C  CG2 . ILE   A 1 44  ? -9.157  11.688  8.727   1.000 39.320  0 43   ILE   A CG2 1 ? 
ATOM   318  C  CD1 . ILE   A 1 44  ? -8.589  14.757  9.599   1.000 47.873  0 43   ILE   A CD1 1 ? 
ATOM   319  N  N   . MET   A 1 45  ? -7.660  9.886   6.274   1.000 40.681  0 44   MET   A N   1 ? 
ATOM   320  C  CA  . MET   A 1 45  ? -8.047  8.596   5.631   1.000 39.489  0 44   MET   A CA  1 ? 
ATOM   321  C  C   . MET   A 1 45  ? -9.165  7.941   6.429   1.000 36.515  0 44   MET   A C   1 ? 
ATOM   322  O  O   . MET   A 1 45  ? -9.091  7.960   7.665   1.000 39.570  0 44   MET   A O   1 ? 
ATOM   323  C  CB  . MET   A 1 45  ? -6.870  7.622   5.561   1.000 43.245  0 44   MET   A CB  1 ? 
ATOM   324  C  CG  . MET   A 1 45  ? -5.791  8.080   4.607   1.000 49.252  0 44   MET   A CG  1 ? 
ATOM   325  S  SD  . MET   A 1 45  ? -4.224  7.223   4.796   1.000 48.395  0 44   MET   A SD  1 ? 
ATOM   326  C  CE  . MET   A 1 45  ? -4.613  5.614   4.113   1.000 59.668  0 44   MET   A CE  1 ? 
ATOM   327  N  N   . ASN   A 1 46  ? -10.171 7.415   5.721   1.000 37.247  0 45   ASN   A N   1 ? 
ATOM   328  C  CA  . ASN   A 1 46  ? -11.284 6.594   6.266   1.000 38.987  0 45   ASN   A CA  1 ? 
ATOM   329  C  C   . ASN   A 1 46  ? -10.887 5.110   6.361   1.000 37.095  0 45   ASN   A C   1 ? 
ATOM   330  O  O   . ASN   A 1 46  ? -11.536 4.385   7.110   1.000 37.566  0 45   ASN   A O   1 ? 
ATOM   331  C  CB  . ASN   A 1 46  ? -12.541 6.748   5.411   1.000 38.899  0 45   ASN   A CB  1 ? 
ATOM   332  C  CG  . ASN   A 1 46  ? -13.011 8.182   5.435   1.000 48.449  0 45   ASN   A CG  1 ? 
ATOM   333  O  OD1 . ASN   A 1 46  ? -13.226 8.718   6.519   1.000 45.354  0 45   ASN   A OD1 1 ? 
ATOM   334  N  ND2 . ASN   A 1 46  ? -13.111 8.822   4.277   1.000 51.301  0 45   ASN   A ND2 1 ? 
ATOM   335  N  N   . HIS   A 1 47  ? -9.883  4.671   5.619   1.000 26.740  0 46   HIS   A N   1 ? 
ATOM   336  C  CA  . HIS   A 1 47  ? -9.526  3.240   5.490   1.000 29.074  0 46   HIS   A CA  1 ? 
ATOM   337  C  C   . HIS   A 1 47  ? -8.036  3.050   5.746   1.000 26.652  0 46   HIS   A C   1 ? 
ATOM   338  O  O   . HIS   A 1 47  ? -7.283  3.991   5.606   1.000 35.728  0 46   HIS   A O   1 ? 
ATOM   339  C  CB  . HIS   A 1 47  ? -9.868  2.724   4.097   1.000 28.407  0 46   HIS   A CB  1 ? 
ATOM   340  C  CG  . HIS   A 1 47  ? -11.251 2.989   3.635   1.000 32.050  0 46   HIS   A CG  1 ? 
ATOM   341  N  ND1 . HIS   A 1 47  ? -11.599 4.166   3.040   1.000 35.195  0 46   HIS   A ND1 1 ? 
ATOM   342  C  CD2 . HIS   A 1 47  ? -12.326 2.177   3.525   1.000 34.067  0 46   HIS   A CD2 1 ? 
ATOM   343  C  CE1 . HIS   A 1 47  ? -12.864 4.104   2.680   1.000 33.400  0 46   HIS   A CE1 1 ? 
ATOM   344  N  NE2 . HIS   A 1 47  ? -13.333 2.915   2.990   1.000 31.500  0 46   HIS   A NE2 1 ? 
ATOM   345  N  N   . ILE   A 1 48  ? -7.659  1.844   6.074   1.000 27.751  0 47   ILE   A N   1 ? 
ATOM   346  C  CA  . ILE   A 1 48  ? -6.281  1.290   5.924   1.000 29.005  0 47   ILE   A CA  1 ? 
ATOM   347  C  C   . ILE   A 1 48  ? -6.221  0.424   4.654   1.000 29.732  0 47   ILE   A C   1 ? 
ATOM   348  O  O   . ILE   A 1 48  ? -7.123  -0.347  4.396   1.000 33.362  0 47   ILE   A O   1 ? 
ATOM   349  C  CB  . ILE   A 1 48  ? -5.936  0.497   7.192   1.000 34.428  0 47   ILE   A CB  1 ? 
ATOM   350  C  CG1 . ILE   A 1 48  ? -5.951  1.418   8.425   1.000 34.038  0 47   ILE   A CG1 1 ? 
ATOM   351  C  CG2 . ILE   A 1 48  ? -4.604  -0.216  7.012   1.000 32.089  0 47   ILE   A CG2 1 ? 
ATOM   352  C  CD1 . ILE   A 1 48  ? -5.963  0.699   9.756   1.000 36.405  0 47   ILE   A CD1 1 ? 
ATOM   353  N  N   . TYR   A 1 49  ? -5.157  0.550   3.897   1.000 30.184  0 48   TYR   A N   1 ? 
ATOM   354  C  CA  . TYR   A 1 49  ? -4.947  -0.151  2.620   1.000 29.644  0 48   TYR   A CA  1 ? 
ATOM   355  C  C   . TYR   A 1 49  ? -4.012  -1.307  2.905   1.000 29.605  0 48   TYR   A C   1 ? 
ATOM   356  O  O   . TYR   A 1 49  ? -2.971  -1.139  3.613   1.000 34.672  0 48   TYR   A O   1 ? 
ATOM   357  C  CB  . TYR   A 1 49  ? -4.492  0.847   1.541   1.000 26.969  0 48   TYR   A CB  1 ? 
ATOM   358  C  CG  . TYR   A 1 49  ? -5.609  1.802   1.213   1.000 26.033  0 48   TYR   A CG  1 ? 
ATOM   359  C  CD1 . TYR   A 1 49  ? -5.908  2.863   2.073   1.000 29.461  0 48   TYR   A CD1 1 ? 
ATOM   360  C  CD2 . TYR   A 1 49  ? -6.425  1.615   0.107   1.000 29.331  0 48   TYR   A CD2 1 ? 
ATOM   361  C  CE1 . TYR   A 1 49  ? -6.944  3.751   1.822   1.000 26.608  0 48   TYR   A CE1 1 ? 
ATOM   362  C  CE2 . TYR   A 1 49  ? -7.451  2.514   -0.186  1.000 29.275  0 48   TYR   A CE2 1 ? 
ATOM   363  C  CZ  . TYR   A 1 49  ? -7.748  3.539   0.709   1.000 26.882  0 48   TYR   A CZ  1 ? 
ATOM   364  O  OH  . TYR   A 1 49  ? -8.805  4.355   0.472   1.000 29.452  0 48   TYR   A OH  1 ? 
ATOM   365  N  N   . ILE   A 1 50  ? -4.387  -2.455  2.357   1.000 31.266  0 49   ILE   A N   1 ? 
ATOM   366  C  CA  . ILE   A 1 50  ? -3.652  -3.729  2.526   1.000 32.829  0 49   ILE   A CA  1 ? 
ATOM   367  C  C   . ILE   A 1 50  ? -3.683  -4.407  1.176   1.000 36.486  0 49   ILE   A C   1 ? 
ATOM   368  O  O   . ILE   A 1 50  ? -4.601  -4.054  0.320   1.000 38.701  0 49   ILE   A O   1 ? 
ATOM   369  C  CB  . ILE   A 1 50  ? -4.246  -4.584  3.661   1.000 35.272  0 49   ILE   A CB  1 ? 
ATOM   370  C  CG1 . ILE   A 1 50  ? -5.638  -5.154  3.339   1.000 37.814  0 49   ILE   A CG1 1 ? 
ATOM   371  C  CG2 . ILE   A 1 50  ? -4.221  -3.797  4.964   1.000 33.266  0 49   ILE   A CG2 1 ? 
ATOM   372  C  CD1 . ILE   A 1 50  ? -6.183  -6.011  4.500   1.000 41.986  0 49   ILE   A CD1 1 ? 
ATOM   373  N  N   . THR   A 1 51  ? -2.770  -5.366  1.017   1.000 37.008  0 50   THR   A N   1 ? 
ATOM   374  C  CA  . THR   A 1 51  ? -2.612  -6.093  -0.264  1.000 42.229  0 50   THR   A CA  1 ? 
ATOM   375  C  C   . THR   A 1 51  ? -2.215  -7.558  -0.025  1.000 40.880  0 50   THR   A C   1 ? 
ATOM   376  O  O   . THR   A 1 51  ? -1.609  -7.904  1.009   1.000 38.806  0 50   THR   A O   1 ? 
ATOM   377  C  CB  . THR   A 1 51  ? -1.627  -5.365  -1.183  1.000 38.264  0 50   THR   A CB  1 ? 
ATOM   378  O  OG1 . THR   A 1 51  ? -1.572  -6.064  -2.431  1.000 38.697  0 50   THR   A OG1 1 ? 
ATOM   379  C  CG2 . THR   A 1 51  ? -0.235  -5.301  -0.598  1.000 39.250  0 50   THR   A CG2 1 ? 
ATOM   380  N  N   . GLN   A 1 52  ? -2.555  -8.409  -0.987  1.000 38.905  0 51   GLN   A N   1 ? 
ATOM   381  C  CA  . GLN   A 1 52  ? -2.079  -9.800  -0.994  1.000 38.792  0 51   GLN   A CA  1 ? 
ATOM   382  C  C   . GLN   A 1 52  ? -0.938  -9.977  -2.000  1.000 40.084  0 51   GLN   A C   1 ? 
ATOM   383  O  O   . GLN   A 1 52  ? -0.445  -11.125 -2.069  1.000 46.300  0 51   GLN   A O   1 ? 
ATOM   384  C  CB  . GLN   A 1 52  ? -3.215  -10.746 -1.326  1.000 36.199  0 51   GLN   A CB  1 ? 
ATOM   385  C  CG  . GLN   A 1 52  ? -4.165  -10.979 -0.181  1.000 40.256  0 51   GLN   A CG  1 ? 
ATOM   386  C  CD  . GLN   A 1 52  ? -5.284  -11.899 -0.652  1.000 44.168  0 51   GLN   A CD  1 ? 
ATOM   387  O  OE1 . GLN   A 1 52  ? -5.961  -11.675 -1.669  1.000 53.705  0 51   GLN   A OE1 1 ? 
ATOM   388  N  NE2 . GLN   A 1 52  ? -5.507  -12.945 0.112   1.000 51.265  0 51   GLN   A NE2 1 ? 
ATOM   389  N  N   . THR   A 1 53  ? -0.502  -8.945  -2.748  1.000 35.853  0 52   THR   A N   1 ? 
ATOM   390  C  CA  . THR   A 1 53  ? 0.673   -9.123  -3.654  1.000 33.436  0 52   THR   A CA  1 ? 
ATOM   391  C  C   . THR   A 1 53  ? 1.885   -8.395  -3.073  1.000 36.662  0 52   THR   A C   1 ? 
ATOM   392  O  O   . THR   A 1 53  ? 1.733   -7.287  -2.544  1.000 35.268  0 52   THR   A O   1 ? 
ATOM   393  C  CB  . THR   A 1 53  ? 0.363   -8.743  -5.114  1.000 38.311  0 52   THR   A CB  1 ? 
ATOM   394  O  OG1 . THR   A 1 53  ? 0.048   -7.353  -5.306  1.000 38.077  0 52   THR   A OG1 1 ? 
ATOM   395  C  CG2 . THR   A 1 53  ? -0.772  -9.589  -5.637  1.000 38.209  0 52   THR   A CG2 1 ? 
ATOM   396  N  N   . LEU   A 1 54  ? 3.065   -8.990  -3.244  1.000 38.398  0 53   LEU   A N   1 ? 
ATOM   397  C  CA  . LEU   A 1 54  ? 4.351   -8.426  -2.782  1.000 38.988  0 53   LEU   A CA  1 ? 
ATOM   398  C  C   . LEU   A 1 54  ? 4.651   -7.160  -3.586  1.000 42.050  0 53   LEU   A C   1 ? 
ATOM   399  O  O   . LEU   A 1 54  ? 5.062   -6.096  -2.970  1.000 34.529  0 53   LEU   A O   1 ? 
ATOM   400  C  CB  . LEU   A 1 54  ? 5.447   -9.483  -2.934  1.000 40.320  0 53   LEU   A CB  1 ? 
ATOM   401  C  CG  . LEU   A 1 54  ? 6.832   -9.008  -2.501  1.000 43.005  0 53   LEU   A CG  1 ? 
ATOM   402  C  CD1 . LEU   A 1 54  ? 6.823   -8.522  -1.056  1.000 44.138  0 53   LEU   A CD1 1 ? 
ATOM   403  C  CD2 . LEU   A 1 54  ? 7.874   -10.086 -2.691  1.000 45.562  0 53   LEU   A CD2 1 ? 
ATOM   404  N  N   . ASP   A 1 55  ? 4.368   -7.216  -4.884  1.000 38.868  0 54   ASP   A N   1 ? 
ATOM   405  C  CA  . ASP   A 1 55  ? 4.607   -6.047  -5.758  1.000 40.340  0 54   ASP   A CA  1 ? 
ATOM   406  C  C   . ASP   A 1 55  ? 3.966   -4.796  -5.167  1.000 37.902  0 54   ASP   A C   1 ? 
ATOM   407  O  O   . ASP   A 1 55  ? 4.676   -3.784  -5.061  1.000 33.432  0 54   ASP   A O   1 ? 
ATOM   408  C  CB  . ASP   A 1 55  ? 4.115   -6.217  -7.191  1.000 49.278  0 54   ASP   A CB  1 ? 
ATOM   409  C  CG  . ASP   A 1 55  ? 4.856   -5.221  -8.073  1.000 50.018  0 54   ASP   A CG  1 ? 
ATOM   410  O  OD1 . ASP   A 1 55  ? 6.107   -5.283  -8.065  1.000 51.055  0 54   ASP   A OD1 1 ? 
ATOM   411  O  OD2 . ASP   A 1 55  ? 4.200   -4.356  -8.667  1.000 52.207  0 54   ASP   A OD2 1 ? 
ATOM   412  N  N   . ALA   A 1 56  ? 2.681   -4.875  -4.848  1.000 30.699  0 55   ALA   A N   1 ? 
ATOM   413  C  CA  . ALA   A 1 56  ? 1.881   -3.744  -4.361  1.000 31.286  0 55   ALA   A CA  1 ? 
ATOM   414  C  C   . ALA   A 1 56  ? 2.444   -3.229  -3.026  1.000 34.284  0 55   ALA   A C   1 ? 
ATOM   415  O  O   . ALA   A 1 56  ? 2.461   -2.016  -2.833  1.000 28.892  0 55   ALA   A O   1 ? 
ATOM   416  C  CB  . ALA   A 1 56  ? 0.469   -4.215  -4.177  1.000 36.156  0 55   ALA   A CB  1 ? 
ATOM   417  N  N   . ALA   A 1 57  ? 2.831   -4.134  -2.123  1.000 31.292  0 56   ALA   A N   1 ? 
ATOM   418  C  CA  . ALA   A 1 57  ? 3.311   -3.809  -0.760  1.000 33.159  0 56   ALA   A CA  1 ? 
ATOM   419  C  C   . ALA   A 1 57  ? 4.660   -3.088  -0.895  1.000 34.139  0 56   ALA   A C   1 ? 
ATOM   420  O  O   . ALA   A 1 57  ? 4.883   -2.142  -0.181  1.000 29.546  0 56   ALA   A O   1 ? 
ATOM   421  C  CB  . ALA   A 1 57  ? 3.400   -5.068  0.092   1.000 34.088  0 56   ALA   A CB  1 ? 
ATOM   422  N  N   . VAL   A 1 58  ? 5.489   -3.478  -1.861  1.000 34.877  0 57   VAL   A N   1 ? 
ATOM   423  C  CA  . VAL   A 1 58  ? 6.776   -2.791  -2.164  1.000 30.548  0 57   VAL   A CA  1 ? 
ATOM   424  C  C   . VAL   A 1 58  ? 6.477   -1.358  -2.625  1.000 33.228  0 57   VAL   A C   1 ? 
ATOM   425  O  O   . VAL   A 1 58  ? 7.099   -0.387  -2.131  1.000 36.491  0 57   VAL   A O   1 ? 
ATOM   426  C  CB  . VAL   A 1 58  ? 7.583   -3.571  -3.218  1.000 32.955  0 57   VAL   A CB  1 ? 
ATOM   427  C  CG1 . VAL   A 1 58  ? 8.839   -2.800  -3.578  1.000 35.546  0 57   VAL   A CG1 1 ? 
ATOM   428  C  CG2 . VAL   A 1 58  ? 7.959   -4.966  -2.738  1.000 31.769  0 57   VAL   A CG2 1 ? 
ATOM   429  N  N   . TRP   A 1 59  ? 5.558   -1.191  -3.567  1.000 29.428  0 58   TRP   A N   1 ? 
ATOM   430  C  CA  . TRP   A 1 59  ? 5.103   0.158   -3.951  1.000 30.794  0 58   TRP   A CA  1 ? 
ATOM   431  C  C   . TRP   A 1 59  ? 4.700   0.922   -2.699  1.000 35.276  0 58   TRP   A C   1 ? 
ATOM   432  O  O   . TRP   A 1 59  ? 5.103   2.073   -2.599  1.000 40.144  0 58   TRP   A O   1 ? 
ATOM   433  C  CB  . TRP   A 1 59  ? 3.997   0.090   -4.969  1.000 31.115  0 58   TRP   A CB  1 ? 
ATOM   434  C  CG  . TRP   A 1 59  ? 4.507   -0.282  -6.330  1.000 34.425  0 58   TRP   A CG  1 ? 
ATOM   435  C  CD1 . TRP   A 1 59  ? 4.188   -1.395  -7.057  1.000 35.874  0 58   TRP   A CD1 1 ? 
ATOM   436  C  CD2 . TRP   A 1 59  ? 5.483   0.437   -7.116  1.000 33.319  0 58   TRP   A CD2 1 ? 
ATOM   437  N  NE1 . TRP   A 1 59  ? 4.817   -1.363  -8.273  1.000 33.846  0 58   TRP   A NE1 1 ? 
ATOM   438  C  CE2 . TRP   A 1 59  ? 5.614   -0.252  -8.341  1.000 32.011  0 58   TRP   A CE2 1 ? 
ATOM   439  C  CE3 . TRP   A 1 59  ? 6.173   1.637   -6.934  1.000 32.920  0 58   TRP   A CE3 1 ? 
ATOM   440  C  CZ2 . TRP   A 1 59  ? 6.501   0.161   -9.333  1.000 37.049  0 58   TRP   A CZ2 1 ? 
ATOM   441  C  CZ3 . TRP   A 1 59  ? 7.014   2.078   -7.927  1.000 34.139  0 58   TRP   A CZ3 1 ? 
ATOM   442  C  CH2 . TRP   A 1 59  ? 7.174   1.347   -9.111  1.000 40.284  0 58   TRP   A CH2 1 ? 
ATOM   443  N  N   . GLY   A 1 60  ? 3.988   0.286   -1.760  1.000 32.512  0 59   GLY   A N   1 ? 
ATOM   444  C  CA  . GLY   A 1 60  ? 3.508   0.945   -0.530  1.000 32.734  0 59   GLY   A CA  1 ? 
ATOM   445  C  C   . GLY   A 1 60  ? 4.661   1.393   0.342   1.000 33.836  0 59   GLY   A C   1 ? 
ATOM   446  O  O   . GLY   A 1 60  ? 4.638   2.560   0.748   1.000 29.096  0 59   GLY   A O   1 ? 
ATOM   447  N  N   . ALA   A 1 61  ? 5.674   0.531   0.558   1.000 35.922  0 60   ALA   A N   1 ? 
ATOM   448  C  CA  . ALA   A 1 61  ? 6.925   0.865   1.290   1.000 36.635  0 60   ALA   A CA  1 ? 
ATOM   449  C  C   . ALA   A 1 61  ? 7.697   2.007   0.585   1.000 41.463  0 60   ALA   A C   1 ? 
ATOM   450  O  O   . ALA   A 1 61  ? 8.239   2.917   1.289   1.000 36.063  0 60   ALA   A O   1 ? 
ATOM   451  C  CB  . ALA   A 1 61  ? 7.782   -0.372  1.417   1.000 42.122  0 60   ALA   A CB  1 ? 
ATOM   452  N  N   . GLU   A 1 62  ? 7.777   1.997   -0.754  1.000 36.355  0 61   GLU   A N   1 ? 
ATOM   453  C  CA  . GLU   A 1 62  ? 8.596   3.002   -1.489  1.000 35.263  0 61   GLU   A CA  1 ? 
ATOM   454  C  C   . GLU   A 1 62  ? 7.848   4.340   -1.566  1.000 36.425  0 61   GLU   A C   1 ? 
ATOM   455  O  O   . GLU   A 1 62  ? 8.510   5.363   -1.397  1.000 37.414  0 61   GLU   A O   1 ? 
ATOM   456  C  CB  . GLU   A 1 62  ? 8.976   2.493   -2.869  1.000 37.794  0 61   GLU   A CB  1 ? 
ATOM   457  C  CG  . GLU   A 1 62  ? 10.047  1.414   -2.789  1.000 37.594  0 61   GLU   A CG  1 ? 
ATOM   458  C  CD  . GLU   A 1 62  ? 10.170  0.542   -4.023  1.000 34.705  0 61   GLU   A CD  1 ? 
ATOM   459  O  OE1 . GLU   A 1 62  ? 9.207   0.490   -4.779  1.000 40.327  0 61   GLU   A OE1 1 ? 
ATOM   460  O  OE2 . GLU   A 1 62  ? 11.225  -0.118  -4.211  1.000 42.797  0 61   GLU   A OE2 1 ? 
ATOM   461  N  N   . LEU   A 1 63  ? 6.518   4.354   -1.745  1.000 32.336  0 62   LEU   A N   1 ? 
ATOM   462  C  CA  . LEU   A 1 63  ? 5.777   5.620   -1.929  1.000 33.215  0 62   LEU   A CA  1 ? 
ATOM   463  C  C   . LEU   A 1 63  ? 5.298   6.238   -0.626  1.000 37.810  0 62   LEU   A C   1 ? 
ATOM   464  O  O   . LEU   A 1 63  ? 4.901   7.395   -0.696  1.000 35.862  0 62   LEU   A O   1 ? 
ATOM   465  C  CB  . LEU   A 1 63  ? 4.624   5.380   -2.887  1.000 34.898  0 62   LEU   A CB  1 ? 
ATOM   466  C  CG  . LEU   A 1 63  ? 5.050   4.975   -4.314  1.000 34.957  0 62   LEU   A CG  1 ? 
ATOM   467  C  CD1 . LEU   A 1 63  ? 3.810   4.535   -5.114  1.000 32.604  0 62   LEU   A CD1 1 ? 
ATOM   468  C  CD2 . LEU   A 1 63  ? 5.772   6.085   -5.022  1.000 37.189  0 62   LEU   A CD2 1 ? 
ATOM   469  N  N   . ALA   A 1 64  ? 5.356   5.535   0.507   1.000 36.047  0 63   ALA   A N   1 ? 
ATOM   470  C  CA  . ALA   A 1 64  ? 4.938   6.072   1.821   1.000 41.221  0 63   ALA   A CA  1 ? 
ATOM   471  C  C   . ALA   A 1 64  ? 5.689   7.366   2.079   1.000 40.709  0 63   ALA   A C   1 ? 
ATOM   472  O  O   . ALA   A 1 64  ? 6.843   7.442   1.719   1.000 37.691  0 63   ALA   A O   1 ? 
ATOM   473  C  CB  . ALA   A 1 64  ? 5.189   5.099   2.975   1.000 36.657  0 63   ALA   A CB  1 ? 
ATOM   474  N  N   . ALA   A 1 65  ? 5.030   8.322   2.720   1.000 49.375  0 64   ALA   A N   1 ? 
ATOM   475  C  CA  . ALA   A 1 65  ? 5.685   9.529   3.249   1.000 53.015  0 64   ALA   A CA  1 ? 
ATOM   476  C  C   . ALA   A 1 65  ? 6.586   9.115   4.412   1.000 53.708  0 64   ALA   A C   1 ? 
ATOM   477  O  O   . ALA   A 1 65  ? 6.148   8.239   5.219   1.000 56.218  0 64   ALA   A O   1 ? 
ATOM   478  C  CB  . ALA   A 1 65  ? 4.615   10.484  3.701   1.000 56.779  0 64   ALA   A CB  1 ? 
ATOM   479  N  N   . GLY   A 1 66  ? 7.735   9.770   4.553   1.000 54.099  0 65   GLY   A N   1 ? 
ATOM   480  C  CA  . GLY   A 1 66  ? 8.606   9.631   5.744   1.000 57.883  0 65   GLY   A CA  1 ? 
ATOM   481  C  C   . GLY   A 1 66  ? 10.077  9.580   5.375   1.000 61.591  0 65   GLY   A C   1 ? 
ATOM   482  O  O   . GLY   A 1 66  ? 10.394  9.442   4.174   1.000 69.142  0 65   GLY   A O   1 ? 
ATOM   483  N  N   . GLU   A 1 67  ? 10.972  9.659   6.359   1.000 77.493  0 66   GLU   A N   1 ? 
ATOM   484  C  CA  . GLU   A 1 67  ? 12.439  9.623   6.105   1.000 87.027  0 66   GLU   A CA  1 ? 
ATOM   485  C  C   . GLU   A 1 67  ? 12.958  8.192   6.298   1.000 74.377  0 66   GLU   A C   1 ? 
ATOM   486  O  O   . GLU   A 1 67  ? 14.067  7.946   5.862   1.000 69.749  0 66   GLU   A O   1 ? 
ATOM   487  C  CB  . GLU   A 1 67  ? 13.197  10.634  6.982   1.000 99.517  0 66   GLU   A CB  1 ? 
ATOM   488  C  CG  . GLU   A 1 67  ? 14.475  11.199  6.341   1.000 105.978 0 66   GLU   A CG  1 ? 
ATOM   489  C  CD  . GLU   A 1 67  ? 14.294  12.259  5.256   1.000 100.515 0 66   GLU   A CD  1 ? 
ATOM   490  O  OE1 . GLU   A 1 67  ? 15.309  12.798  4.766   1.000 92.799  0 66   GLU   A OE1 1 ? 
ATOM   491  O  OE2 . GLU   A 1 67  ? 13.142  12.546  4.900   1.000 99.142  0 66   GLU   A OE2 1 ? 
ATOM   492  N  N   . GLY   A 1 68  ? 12.203  7.291   6.933   1.000 72.733  0 67   GLY   A N   1 ? 
ATOM   493  C  CA  . GLY   A 1 68  ? 12.644  5.899   7.159   1.000 72.149  0 67   GLY   A CA  1 ? 
ATOM   494  C  C   . GLY   A 1 68  ? 12.914  5.144   5.862   1.000 63.479  0 67   GLY   A C   1 ? 
ATOM   495  O  O   . GLY   A 1 68  ? 12.679  5.698   4.743   1.000 66.920  0 67   GLY   A O   1 ? 
ATOM   496  N  N   . ARG   A 1 69  ? 13.434  3.924   5.975   1.000 71.344  0 68   ARG   A N   1 ? 
ATOM   497  C  CA  . ARG   A 1 69  ? 13.419  2.946   4.854   1.000 70.137  0 68   ARG   A CA  1 ? 
ATOM   498  C  C   . ARG   A 1 69  ? 12.043  2.263   4.844   1.000 53.074  0 68   ARG   A C   1 ? 
ATOM   499  O  O   . ARG   A 1 69  ? 11.385  2.175   5.898   1.000 51.775  0 68   ARG   A O   1 ? 
ATOM   500  C  CB  . ARG   A 1 69  ? 14.581  1.951   4.952   1.000 77.858  0 68   ARG   A CB  1 ? 
ATOM   501  C  CG  . ARG   A 1 69  ? 14.711  1.039   3.734   1.000 90.499  0 68   ARG   A CG  1 ? 
ATOM   502  C  CD  . ARG   A 1 69  ? 14.696  1.718   2.361   1.000 90.466  0 68   ARG   A CD  1 ? 
ATOM   503  N  NE  . ARG   A 1 69  ? 13.872  0.923   1.454   1.000 91.758  0 68   ARG   A NE  1 ? 
ATOM   504  C  CZ  . ARG   A 1 69  ? 12.974  1.389   0.582   1.000 83.693  0 68   ARG   A CZ  1 ? 
ATOM   505  N  NH1 . ARG   A 1 69  ? 12.756  2.687   0.426   1.000 84.417  0 68   ARG   A NH1 1 ? 
ATOM   506  N  NH2 . ARG   A 1 69  ? 12.273  0.524   -0.123  1.000 72.366  0 68   ARG   A NH2 1 ? 
ATOM   507  N  N   . GLY   A 1 70  ? 11.583  1.861   3.671   1.000 43.977  0 69   GLY   A N   1 ? 
ATOM   508  C  CA  . GLY   A 1 70  ? 10.312  1.125   3.539   1.000 43.675  0 69   GLY   A CA  1 ? 
ATOM   509  C  C   . GLY   A 1 70  ? 10.283  -0.128  4.398   1.000 34.654  0 69   GLY   A C   1 ? 
ATOM   510  O  O   . GLY   A 1 70  ? 11.284  -0.814  4.585   1.000 35.228  0 69   GLY   A O   1 ? 
ATOM   511  N  N   . ARG   A 1 71  ? 9.136   -0.453  4.920   1.000 36.176  0 70   ARG   A N   1 ? 
ATOM   512  C  CA  . ARG   A 1 71  ? 8.924   -1.716  5.677   1.000 36.281  0 70   ARG   A CA  1 ? 
ATOM   513  C  C   . ARG   A 1 71  ? 7.635   -2.348  5.142   1.000 37.613  0 70   ARG   A C   1 ? 
ATOM   514  O  O   . ARG   A 1 71  ? 6.764   -1.607  4.649   1.000 37.060  0 70   ARG   A O   1 ? 
ATOM   515  C  CB  . ARG   A 1 71  ? 8.906   -1.327  7.153   1.000 41.256  0 70   ARG   A CB  1 ? 
ATOM   516  C  CG  . ARG   A 1 71  ? 10.236  -0.705  7.546   1.000 46.006  0 70   ARG   A CG  1 ? 
ATOM   517  C  CD  . ARG   A 1 71  ? 10.377  -0.334  8.978   1.000 54.720  0 70   ARG   A CD  1 ? 
ATOM   518  N  NE  . ARG   A 1 71  ? 10.335  -1.488  9.834   1.000 61.638  0 70   ARG   A NE  1 ? 
ATOM   519  C  CZ  . ARG   A 1 71  ? 10.468  -1.419  11.150  1.000 69.614  0 70   ARG   A CZ  1 ? 
ATOM   520  N  NH1 . ARG   A 1 71  ? 10.668  -0.244  11.714  1.000 73.659  0 70   ARG   A NH1 1 ? 
ATOM   521  N  NH2 . ARG   A 1 71  ? 10.353  -2.502  11.906  1.000 64.281  0 70   ARG   A NH2 1 ? 
ATOM   522  N  N   . ILE   A 1 72  ? 7.597   -3.664  5.135   1.000 36.775  0 71   ILE   A N   1 ? 
ATOM   523  C  CA  . ILE   A 1 72  ? 6.408   -4.485  4.799   1.000 36.682  0 71   ILE   A CA  1 ? 
ATOM   524  C  C   . ILE   A 1 72  ? 6.066   -5.290  6.046   1.000 39.762  0 71   ILE   A C   1 ? 
ATOM   525  O  O   . ILE   A 1 72  ? 6.961   -5.973  6.551   1.000 38.535  0 71   ILE   A O   1 ? 
ATOM   526  C  CB  . ILE   A 1 72  ? 6.647   -5.334  3.535   1.000 33.882  0 71   ILE   A CB  1 ? 
ATOM   527  C  CG1 . ILE   A 1 72  ? 6.993   -4.394  2.367   1.000 38.528  0 71   ILE   A CG1 1 ? 
ATOM   528  C  CG2 . ILE   A 1 72  ? 5.422   -6.144  3.262   1.000 34.569  0 71   ILE   A CG2 1 ? 
ATOM   529  C  CD1 . ILE   A 1 72  ? 7.292   -5.022  1.029   1.000 39.074  0 71   ILE   A CD1 1 ? 
ATOM   530  N  N   . PHE   A 1 73  ? 4.862   -5.033  6.569   1.000 36.942  0 72   PHE   A N   1 ? 
ATOM   531  C  CA  . PHE   A 1 73  ? 4.253   -5.684  7.745   1.000 34.686  0 72   PHE   A CA  1 ? 
ATOM   532  C  C   . PHE   A 1 73  ? 3.239   -6.707  7.264   1.000 36.225  0 72   PHE   A C   1 ? 
ATOM   533  O  O   . PHE   A 1 73  ? 2.652   -6.512  6.181   1.000 36.594  0 72   PHE   A O   1 ? 
ATOM   534  C  CB  . PHE   A 1 73  ? 3.660   -4.630  8.680   1.000 35.487  0 72   PHE   A CB  1 ? 
ATOM   535  C  CG  . PHE   A 1 73  ? 4.766   -3.861  9.332   1.000 37.433  0 72   PHE   A CG  1 ? 
ATOM   536  C  CD1 . PHE   A 1 73  ? 5.506   -4.441  10.352  1.000 37.743  0 72   PHE   A CD1 1 ? 
ATOM   537  C  CD2 . PHE   A 1 73  ? 5.120   -2.603  8.877   1.000 36.873  0 72   PHE   A CD2 1 ? 
ATOM   538  C  CE1 . PHE   A 1 73  ? 6.545   -3.729  10.946  1.000 39.592  0 72   PHE   A CE1 1 ? 
ATOM   539  C  CE2 . PHE   A 1 73  ? 6.162   -1.890  9.475   1.000 35.522  0 72   PHE   A CE2 1 ? 
ATOM   540  C  CZ  . PHE   A 1 73  ? 6.893   -2.473  10.485  1.000 39.461  0 72   PHE   A CZ  1 ? 
ATOM   541  N  N   . ILE   A 1 74  ? 3.104   -7.791  8.030   1.000 33.131  0 73   ILE   A N   1 ? 
ATOM   542  C  CA  . ILE   A 1 74  ? 1.996   -8.755  7.860   1.000 34.141  0 73   ILE   A CA  1 ? 
ATOM   543  C  C   . ILE   A 1 74  ? 0.946   -8.275  8.854   1.000 36.318  0 73   ILE   A C   1 ? 
ATOM   544  O  O   . ILE   A 1 74  ? 1.278   -8.058  10.065  1.000 29.293  0 73   ILE   A O   1 ? 
ATOM   545  C  CB  . ILE   A 1 74  ? 2.488   -10.211 8.091   1.000 40.179  0 73   ILE   A CB  1 ? 
ATOM   546  C  CG1 . ILE   A 1 74  ? 3.627   -10.549 7.125   1.000 43.237  0 73   ILE   A CG1 1 ? 
ATOM   547  C  CG2 . ILE   A 1 74  ? 1.385   -11.252 7.951   1.000 37.551  0 73   ILE   A CG2 1 ? 
ATOM   548  C  CD1 . ILE   A 1 74  ? 4.361   -11.838 7.472   1.000 47.090  0 73   ILE   A CD1 1 ? 
ATOM   549  N  N   . VAL   A 1 75  ? -0.273  -8.115  8.357   1.000 33.771  0 74   VAL   A N   1 ? 
ATOM   550  C  CA  . VAL   A 1 75  ? -1.432  -7.591  9.142   1.000 32.509  0 74   VAL   A CA  1 ? 
ATOM   551  C  C   . VAL   A 1 75  ? -2.640  -8.526  9.077   1.000 29.978  0 74   VAL   A C   1 ? 
ATOM   552  O  O   . VAL   A 1 75  ? -2.827  -9.232  8.032   1.000 33.234  0 74   VAL   A O   1 ? 
ATOM   553  C  CB  . VAL   A 1 75  ? -1.780  -6.222  8.561   1.000 36.304  0 74   VAL   A CB  1 ? 
ATOM   554  C  CG1 . VAL   A 1 75  ? -0.491  -5.414  8.507   1.000 38.499  0 74   VAL   A CG1 1 ? 
ATOM   555  C  CG2 . VAL   A 1 75  ? -2.438  -6.381  7.183   1.000 36.669  0 74   VAL   A CG2 1 ? 
ATOM   556  N  N   . GLU   A 1 76  ? -3.475  -8.448  10.110  1.000 31.451  0 75   GLU   A N   1 ? 
ATOM   557  C  CA  . GLU   A 1 76  ? -4.789  -9.136  10.207  1.000 38.379  0 75   GLU   A CA  1 ? 
ATOM   558  C  C   . GLU   A 1 76  ? -5.871  -8.079  10.403  1.000 41.461  0 75   GLU   A C   1 ? 
ATOM   559  O  O   . GLU   A 1 76  ? -5.851  -7.366  11.400  1.000 35.335  0 75   GLU   A O   1 ? 
ATOM   560  C  CB  . GLU   A 1 76  ? -4.867  -10.029 11.443  1.000 47.021  0 75   GLU   A CB  1 ? 
ATOM   561  C  CG  . GLU   A 1 76  ? -4.468  -11.476 11.249  1.000 61.036  0 75   GLU   A CG  1 ? 
ATOM   562  C  CD  . GLU   A 1 76  ? -4.660  -12.312 12.523  1.000 69.559  0 75   GLU   A CD  1 ? 
ATOM   563  O  OE1 . GLU   A 1 76  ? -5.801  -12.367 13.042  1.000 75.799  0 75   GLU   A OE1 1 ? 
ATOM   564  O  OE2 . GLU   A 1 76  ? -3.667  -12.896 13.018  1.000 77.591  0 75   GLU   A OE2 1 ? 
ATOM   565  N  N   . PRO   A 1 77  ? -6.837  -7.915  9.474   1.000 41.450  0 76   PRO   A N   1 ? 
ATOM   566  C  CA  . PRO   A 1 77  ? -7.947  -6.998  9.707   1.000 39.319  0 76   PRO   A CA  1 ? 
ATOM   567  C  C   . PRO   A 1 77  ? -8.852  -7.525  10.819  1.000 39.916  0 76   PRO   A C   1 ? 
ATOM   568  O  O   . PRO   A 1 77  ? -8.959  -8.710  10.998  1.000 40.977  0 76   PRO   A O   1 ? 
ATOM   569  C  CB  . PRO   A 1 77  ? -8.681  -6.946  8.363   1.000 42.792  0 76   PRO   A CB  1 ? 
ATOM   570  C  CG  . PRO   A 1 77  ? -8.320  -8.285  7.703   1.000 45.242  0 76   PRO   A CG  1 ? 
ATOM   571  C  CD  . PRO   A 1 77  ? -6.893  -8.524  8.141   1.000 39.861  0 76   PRO   A CD  1 ? 
ATOM   572  N  N   . GLU   A 1 78  ? -9.454  -6.616  11.566  1.000 39.897  0 77   GLU   A N   1 ? 
ATOM   573  C  CA  . GLU   A 1 78  ? -10.500 -6.971  12.556  1.000 40.215  0 77   GLU   A CA  1 ? 
ATOM   574  C  C   . GLU   A 1 78  ? -11.853 -7.088  11.869  1.000 36.691  0 77   GLU   A C   1 ? 
ATOM   575  O  O   . GLU   A 1 78  ? -12.720 -7.724  12.442  1.000 47.475  0 77   GLU   A O   1 ? 
ATOM   576  C  CB  . GLU   A 1 78  ? -10.662 -5.931  13.650  1.000 34.210  0 77   GLU   A CB  1 ? 
ATOM   577  C  CG  . GLU   A 1 78  ? -9.707  -6.161  14.795  1.000 42.584  0 77   GLU   A CG  1 ? 
ATOM   578  C  CD  . GLU   A 1 78  ? -9.833  -5.212  15.983  1.000 32.881  0 77   GLU   A CD  1 ? 
ATOM   579  O  OE1 . GLU   A 1 78  ? -10.704 -4.334  15.991  1.000 41.431  0 77   GLU   A OE1 1 ? 
ATOM   580  O  OE2 . GLU   A 1 78  ? -8.983  -5.274  16.808  1.000 36.567  0 77   GLU   A OE2 1 ? 
ATOM   581  N  N   . GLY   A 1 79  ? -12.032 -6.508  10.705  1.000 37.488  0 78   GLY   A N   1 ? 
ATOM   582  C  CA  . GLY   A 1 79  ? -13.363 -6.401  10.063  1.000 39.633  0 78   GLY   A CA  1 ? 
ATOM   583  C  C   . GLY   A 1 79  ? -13.302 -6.624  8.582   1.000 38.438  0 78   GLY   A C   1 ? 
ATOM   584  O  O   . GLY   A 1 79  ? -12.386 -7.322  8.157   1.000 45.375  0 78   GLY   A O   1 ? 
ATOM   585  N  N   . ALA   A 1 80  ? -14.298 -6.147  7.837   1.000 44.212  0 79   ALA   A N   1 ? 
ATOM   586  C  CA  . ALA   A 1 80  ? -14.492 -6.487  6.407   1.000 45.158  0 79   ALA   A CA  1 ? 
ATOM   587  C  C   . ALA   A 1 80  ? -13.526 -5.660  5.560   1.000 38.882  0 79   ALA   A C   1 ? 
ATOM   588  O  O   . ALA   A 1 80  ? -13.253 -4.464  5.882   1.000 39.342  0 79   ALA   A O   1 ? 
ATOM   589  C  CB  . ALA   A 1 80  ? -15.927 -6.269  5.964   1.000 47.707  0 79   ALA   A CB  1 ? 
ATOM   590  N  N   . ILE   A 1 81  ? -13.099 -6.256  4.457   1.000 39.365  0 80   ILE   A N   1 ? 
ATOM   591  C  CA  . ILE   A 1 81  ? -12.251 -5.584  3.445   1.000 35.667  0 80   ILE   A CA  1 ? 
ATOM   592  C  C   . ILE   A 1 81  ? -13.028 -5.531  2.139   1.000 39.450  0 80   ILE   A C   1 ? 
ATOM   593  O  O   . ILE   A 1 81  ? -13.981 -6.314  1.986   1.000 40.300  0 80   ILE   A O   1 ? 
ATOM   594  C  CB  . ILE   A 1 81  ? -10.939 -6.368  3.352   1.000 38.545  0 80   ILE   A CB  1 ? 
ATOM   595  C  CG1 . ILE   A 1 81  ? -11.091 -7.622  2.508   1.000 38.673  0 80   ILE   A CG1 1 ? 
ATOM   596  C  CG2 . ILE   A 1 81  ? -10.399 -6.712  4.743   1.000 40.758  0 80   ILE   A CG2 1 ? 
ATOM   597  C  CD1 . ILE   A 1 81  ? -9.780  -8.279  2.271   1.000 43.258  0 80   ILE   A CD1 1 ? 
ATOM   598  N  N   . GLU   A 1 82  ? -12.627 -4.659  1.220   1.000 42.343  0 81   GLU   A N   1 ? 
ATOM   599  C  CA  . GLU   A 1 82  ? -13.271 -4.498  -0.107  1.000 44.945  0 81   GLU   A CA  1 ? 
ATOM   600  C  C   . GLU   A 1 82  ? -12.164 -4.123  -1.081  1.000 43.045  0 81   GLU   A C   1 ? 
ATOM   601  O  O   . GLU   A 1 82  ? -11.155 -3.579  -0.614  1.000 34.888  0 81   GLU   A O   1 ? 
ATOM   602  C  CB  . GLU   A 1 82  ? -14.381 -3.430  -0.090  1.000 48.129  0 81   GLU   A CB  1 ? 
ATOM   603  C  CG  . GLU   A 1 82  ? -13.872 -1.997  0.090   1.000 49.702  0 81   GLU   A CG  1 ? 
ATOM   604  C  CD  . GLU   A 1 82  ? -14.910 -0.872  0.123   1.000 46.817  0 81   GLU   A CD  1 ? 
ATOM   605  O  OE1 . GLU   A 1 82  ? -16.098 -1.149  -0.039  1.000 55.049  0 81   GLU   A OE1 1 ? 
ATOM   606  O  OE2 . GLU   A 1 82  ? -14.519 0.299   0.297   1.000 46.641  0 81   GLU   A OE2 1 ? 
ATOM   607  N  N   . ASP   A 1 83  ? -12.373 -4.390  -2.370  1.000 34.104  0 82   ASP   A N   1 ? 
ATOM   608  C  CA  . ASP   A 1 83  ? -11.496 -3.962  -3.478  1.000 33.825  0 82   ASP   A CA  1 ? 
ATOM   609  C  C   . ASP   A 1 83  ? -11.089 -2.508  -3.258  1.000 32.883  0 82   ASP   A C   1 ? 
ATOM   610  O  O   . ASP   A 1 83  ? -11.941 -1.727  -2.909  1.000 35.284  0 82   ASP   A O   1 ? 
ATOM   611  C  CB  . ASP   A 1 83  ? -12.205 -4.193  -4.810  1.000 39.775  0 82   ASP   A CB  1 ? 
ATOM   612  C  CG  . ASP   A 1 83  ? -12.328 -5.671  -5.169  1.000 45.197  0 82   ASP   A CG  1 ? 
ATOM   613  O  OD1 . ASP   A 1 83  ? -11.416 -6.457  -4.788  1.000 41.956  0 82   ASP   A OD1 1 ? 
ATOM   614  O  OD2 . ASP   A 1 83  ? -13.307 -6.023  -5.854  1.000 66.850  0 82   ASP   A OD2 1 ? 
ATOM   615  N  N   . ASP   A 1 84  ? -9.798  -2.176  -3.416  1.000 33.250  0 83   ASP   A N   1 ? 
ATOM   616  C  CA  . ASP   A 1 84  ? -9.328  -0.773  -3.497  1.000 35.073  0 83   ASP   A CA  1 ? 
ATOM   617  C  C   . ASP   A 1 84  ? -9.814  -0.133  -4.810  1.000 33.918  0 83   ASP   A C   1 ? 
ATOM   618  O  O   . ASP   A 1 84  ? -9.295  -0.433  -5.879  1.000 33.928  0 83   ASP   A O   1 ? 
ATOM   619  C  CB  . ASP   A 1 84  ? -7.801  -0.711  -3.386  1.000 35.624  0 83   ASP   A CB  1 ? 
ATOM   620  C  CG  . ASP   A 1 84  ? -7.223  0.707   -3.441  1.000 34.613  0 83   ASP   A CG  1 ? 
ATOM   621  O  OD1 . ASP   A 1 84  ? -8.028  1.714   -3.449  1.000 34.879  0 83   ASP   A OD1 1 ? 
ATOM   622  O  OD2 . ASP   A 1 84  ? -5.979  0.823   -3.487  1.000 44.098  0 83   ASP   A OD2 1 ? 
ATOM   623  N  N   . PRO   A 1 85  ? -10.724 0.857   -4.807  1.000 36.276  0 84   PRO   A N   1 ? 
ATOM   624  C  CA  . PRO   A 1 85  ? -11.206 1.414   -6.085  1.000 40.536  0 84   PRO   A CA  1 ? 
ATOM   625  C  C   . PRO   A 1 85  ? -10.113 2.155   -6.882  1.000 40.429  0 84   PRO   A C   1 ? 
ATOM   626  O  O   . PRO   A 1 85  ? -10.222 2.292   -8.053  1.000 36.518  0 84   PRO   A O   1 ? 
ATOM   627  C  CB  . PRO   A 1 85  ? -12.355 2.350   -5.689  1.000 34.715  0 84   PRO   A CB  1 ? 
ATOM   628  C  CG  . PRO   A 1 85  ? -12.126 2.672   -4.233  1.000 39.499  0 84   PRO   A CG  1 ? 
ATOM   629  C  CD  . PRO   A 1 85  ? -11.307 1.534   -3.632  1.000 37.767  0 84   PRO   A CD  1 ? 
ATOM   630  N  N   . ASN   A 1 86  ? -9.039  2.587   -6.219  1.000 42.419  0 85   ASN   A N   1 ? 
ATOM   631  C  CA  . ASN   A 1 86  ? -7.946  3.344   -6.873  1.000 39.073  0 85   ASN   A CA  1 ? 
ATOM   632  C  C   . ASN   A 1 86  ? -7.245  2.391   -7.860  1.000 43.796  0 85   ASN   A C   1 ? 
ATOM   633  O  O   . ASN   A 1 86  ? -6.645  2.928   -8.777  1.000 36.976  0 85   ASN   A O   1 ? 
ATOM   634  C  CB  . ASN   A 1 86  ? -6.966  3.973   -5.874  1.000 38.392  0 85   ASN   A CB  1 ? 
ATOM   635  C  CG  . ASN   A 1 86  ? -7.629  4.992   -4.979  1.000 34.373  0 85   ASN   A CG  1 ? 
ATOM   636  O  OD1 . ASN   A 1 86  ? -8.145  5.991   -5.451  1.000 32.994  0 85   ASN   A OD1 1 ? 
ATOM   637  N  ND2 . ASN   A 1 86  ? -7.770  4.672   -3.708  1.000 38.037  0 85   ASN   A ND2 1 ? 
ATOM   638  N  N   . VAL   A 1 87  ? -7.365  1.055   -7.722  1.000 37.809  0 86   VAL   A N   1 ? 
ATOM   639  C  CA  . VAL   A 1 87  ? -6.657  0.080   -8.605  1.000 41.136  0 86   VAL   A CA  1 ? 
ATOM   640  C  C   . VAL   A 1 87  ? -7.555  -1.088  -9.122  1.000 36.511  0 86   VAL   A C   1 ? 
ATOM   641  O  O   . VAL   A 1 87  ? -7.038  -2.069  -9.624  1.000 34.106  0 86   VAL   A O   1 ? 
ATOM   642  C  CB  . VAL   A 1 87  ? -5.387  -0.385  -7.882  1.000 41.737  0 86   VAL   A CB  1 ? 
ATOM   643  C  CG1 . VAL   A 1 87  ? -4.479  0.800   -7.590  1.000 42.684  0 86   VAL   A CG1 1 ? 
ATOM   644  C  CG2 . VAL   A 1 87  ? -5.677  -1.131  -6.602  1.000 48.442  0 86   VAL   A CG2 1 ? 
ATOM   645  N  N   . THR   A 1 88  ? -8.859  -0.962  -9.016  1.000 35.320  0 87   THR   A N   1 ? 
ATOM   646  C  CA  . THR   A 1 88  ? -9.860  -1.945  -9.451  1.000 42.017  0 87   THR   A CA  1 ? 
ATOM   647  C  C   . THR   A 1 88  ? -10.603 -1.350  -10.655 1.000 47.618  0 87   THR   A C   1 ? 
ATOM   648  O  O   . THR   A 1 88  ? -11.133 -0.252  -10.493 1.000 43.787  0 87   THR   A O   1 ? 
ATOM   649  C  CB  . THR   A 1 88  ? -10.774 -2.268  -8.277  1.000 39.928  0 87   THR   A CB  1 ? 
ATOM   650  O  OG1 . THR   A 1 88  ? -9.925  -2.681  -7.201  1.000 45.530  0 87   THR   A OG1 1 ? 
ATOM   651  C  CG2 . THR   A 1 88  ? -11.776 -3.359  -8.595  1.000 38.656  0 87   THR   A CG2 1 ? 
ATOM   652  N  N   . ASP   A 1 89  ? -10.564 -2.003  -11.825 1.000 52.924  0 88   ASP   A N   1 ? 
ATOM   653  C  CA  . ASP   A 1 89  ? -11.337 -1.577  -13.029 1.000 55.354  0 88   ASP   A CA  1 ? 
ATOM   654  C  C   . ASP   A 1 89  ? -11.032 -0.108  -13.353 1.000 62.251  0 88   ASP   A C   1 ? 
ATOM   655  O  O   . ASP   A 1 89  ? -11.985 0.622   -13.668 1.000 64.702  0 88   ASP   A O   1 ? 
ATOM   656  C  CB  . ASP   A 1 89  ? -12.851 -1.658  -12.785 1.000 52.206  0 88   ASP   A CB  1 ? 
ATOM   657  C  CG  . ASP   A 1 89  ? -13.377 -3.043  -12.459 1.000 53.183  0 88   ASP   A CG  1 ? 
ATOM   658  O  OD1 . ASP   A 1 89  ? -13.115 -3.971  -13.229 1.000 48.817  0 88   ASP   A OD1 1 ? 
ATOM   659  O  OD2 . ASP   A 1 89  ? -14.017 -3.181  -11.421 1.000 61.883  0 88   ASP   A OD2 1 ? 
ATOM   660  N  N   . LYS   A 1 90  ? -9.788  0.342   -13.187 1.000 66.451  0 89   LYS   A N   1 ? 
ATOM   661  C  CA  . LYS   A 1 90  ? -9.375  1.757   -13.452 1.000 65.677  0 89   LYS   A CA  1 ? 
ATOM   662  C  C   . LYS   A 1 90  ? -8.478  1.752   -14.707 1.000 70.380  0 89   LYS   A C   1 ? 
ATOM   663  O  O   . LYS   A 1 90  ? -8.405  2.778   -15.390 1.000 90.376  0 89   LYS   A O   1 ? 
ATOM   664  C  CB  . LYS   A 1 90  ? -8.790  2.358   -12.158 1.000 57.647  0 89   LYS   A CB  1 ? 
ATOM   665  C  CG  . LYS   A 1 90  ? -7.897  3.589   -12.308 1.000 63.836  0 89   LYS   A CG  1 ? 
ATOM   666  C  CD  . LYS   A 1 90  ? -7.881  4.551   -11.120 1.000 54.456  0 89   LYS   A CD  1 ? 
ATOM   667  C  CE  . LYS   A 1 90  ? -6.630  5.410   -11.054 1.000 57.700  0 89   LYS   A CE  1 ? 
ATOM   668  N  NZ  . LYS   A 1 90  ? -5.933  5.326   -9.740  1.000 55.679  0 89   LYS   A NZ  1 ? 
ATOM   669  N  N   . LYS   A 1 91  ? -7.846  0.626   -15.019 1.000 60.287  0 90   LYS   A N   1 ? 
ATOM   670  C  CA  . LYS   A 1 91  ? -7.084  0.379   -16.269 1.000 71.605  0 90   LYS   A CA  1 ? 
ATOM   671  C  C   . LYS   A 1 91  ? -7.368  -1.056  -16.673 1.000 74.096  0 90   LYS   A C   1 ? 
ATOM   672  O  O   . LYS   A 1 91  ? -8.048  -1.268  -17.688 1.000 84.979  0 90   LYS   A O   1 ? 
ATOM   673  C  CB  . LYS   A 1 91  ? -5.566  0.542   -16.089 1.000 70.987  0 90   LYS   A CB  1 ? 
ATOM   674  C  CG  . LYS   A 1 91  ? -5.175  1.864   -15.457 1.000 79.506  0 90   LYS   A CG  1 ? 
ATOM   675  C  CD  . LYS   A 1 91  ? -3.930  2.504   -15.978 1.000 75.264  0 90   LYS   A CD  1 ? 
ATOM   676  C  CE  . LYS   A 1 91  ? -3.989  3.996   -15.735 1.000 83.068  0 90   LYS   A CE  1 ? 
ATOM   677  N  NZ  . LYS   A 1 91  ? -2.767  4.682   -16.209 1.000 89.325  0 90   LYS   A NZ  1 ? 
ATOM   678  N  N   . LEU   A 1 92  ? -6.932  -1.989  -15.830 1.000 69.483  0 91   LEU   A N   1 ? 
ATOM   679  C  CA  . LEU   A 1 92  ? -7.199  -3.435  -16.000 1.000 72.296  0 91   LEU   A CA  1 ? 
ATOM   680  C  C   . LEU   A 1 92  ? -8.520  -3.762  -15.324 1.000 70.174  0 91   LEU   A C   1 ? 
ATOM   681  O  O   . LEU   A 1 92  ? -8.897  -3.122  -14.334 1.000 61.993  0 91   LEU   A O   1 ? 
ATOM   682  C  CB  . LEU   A 1 92  ? -6.044  -4.239  -15.400 1.000 76.095  0 91   LEU   A CB  1 ? 
ATOM   683  C  CG  . LEU   A 1 92  ? -4.714  -4.140  -16.149 1.000 80.597  0 91   LEU   A CG  1 ? 
ATOM   684  C  CD1 . LEU   A 1 92  ? -4.547  -2.802  -16.874 1.000 74.400  0 91   LEU   A CD1 1 ? 
ATOM   685  C  CD2 . LEU   A 1 92  ? -3.544  -4.385  -15.196 1.000 82.852  0 91   LEU   A CD2 1 ? 
ATOM   686  N  N   . PRO   A 1 93  ? -9.256  -4.759  -15.867 1.000 70.400  0 92   PRO   A N   1 ? 
ATOM   687  C  CA  . PRO   A 1 93  ? -10.469 -5.266  -15.232 1.000 70.169  0 92   PRO   A CA  1 ? 
ATOM   688  C  C   . PRO   A 1 93  ? -10.155 -5.930  -13.884 1.000 57.015  0 92   PRO   A C   1 ? 
ATOM   689  O  O   . PRO   A 1 93  ? -9.136  -6.602  -13.756 1.000 59.472  0 92   PRO   A O   1 ? 
ATOM   690  C  CB  . PRO   A 1 93  ? -10.998 -6.303  -16.248 1.000 64.948  0 92   PRO   A CB  1 ? 
ATOM   691  C  CG  . PRO   A 1 93  ? -9.752  -6.755  -16.946 1.000 66.185  0 92   PRO   A CG  1 ? 
ATOM   692  C  CD  . PRO   A 1 93  ? -8.954  -5.480  -17.115 1.000 68.416  0 92   PRO   A CD  1 ? 
ATOM   693  N  N   . GLY   A 1 94  ? -11.084 -5.814  -12.944 1.000 50.061  0 93   GLY   A N   1 ? 
ATOM   694  C  CA  . GLY   A 1 94  ? -10.913 -6.343  -11.579 1.000 49.831  0 93   GLY   A CA  1 ? 
ATOM   695  C  C   . GLY   A 1 94  ? -9.715  -5.734  -10.857 1.000 45.695  0 93   GLY   A C   1 ? 
ATOM   696  O  O   . GLY   A 1 94  ? -9.345  -4.526  -11.093 1.000 37.440  0 93   GLY   A O   1 ? 
ATOM   697  N  N   . ASN   A 1 95  ? -9.105  -6.560  -10.023 1.000 43.713  0 94   ASN   A N   1 ? 
ATOM   698  C  CA  . ASN   A 1 95  ? -8.199  -6.141  -8.938  1.000 39.621  0 94   ASN   A CA  1 ? 
ATOM   699  C  C   . ASN   A 1 95  ? -7.017  -7.079  -8.980  1.000 36.692  0 94   ASN   A C   1 ? 
ATOM   700  O  O   . ASN   A 1 95  ? -6.868  -7.886  -8.078  1.000 49.409  0 94   ASN   A O   1 ? 
ATOM   701  C  CB  . ASN   A 1 95  ? -8.926  -6.147  -7.586  1.000 39.036  0 94   ASN   A CB  1 ? 
ATOM   702  C  CG  . ASN   A 1 95  ? -8.053  -5.707  -6.410  1.000 37.760  0 94   ASN   A CG  1 ? 
ATOM   703  O  OD1 . ASN   A 1 95  ? -6.930  -5.216  -6.589  1.000 34.475  0 94   ASN   A OD1 1 ? 
ATOM   704  N  ND2 . ASN   A 1 95  ? -8.587  -5.829  -5.202  1.000 30.964  0 94   ASN   A ND2 1 ? 
ATOM   705  N  N   . PRO   A 1 96  ? -6.202  -7.059  -10.058 1.000 42.417  0 95   PRO   A N   1 ? 
ATOM   706  C  CA  . PRO   A 1 96  ? -5.047  -7.959  -10.179 1.000 41.103  0 95   PRO   A CA  1 ? 
ATOM   707  C  C   . PRO   A 1 96  ? -3.896  -7.680  -9.199  1.000 47.232  0 95   PRO   A C   1 ? 
ATOM   708  O  O   . PRO   A 1 96  ? -3.080  -8.601  -9.011  1.000 37.725  0 95   PRO   A O   1 ? 
ATOM   709  C  CB  . PRO   A 1 96  ? -4.513  -7.733  -11.605 1.000 44.979  0 95   PRO   A CB  1 ? 
ATOM   710  C  CG  . PRO   A 1 96  ? -5.075  -6.378  -12.048 1.000 38.362  0 95   PRO   A CG  1 ? 
ATOM   711  C  CD  . PRO   A 1 96  ? -6.371  -6.226  -11.263 1.000 39.762  0 95   PRO   A CD  1 ? 
ATOM   712  N  N   . THR   A 1 97  ? -3.822  -6.485  -8.573  1.000 42.559  0 96   THR   A N   1 ? 
ATOM   713  C  CA  . THR   A 1 97  ? -2.770  -6.282  -7.533  1.000 39.365  0 96   THR   A CA  1 ? 
ATOM   714  C  C   . THR   A 1 97  ? -3.255  -6.853  -6.206  1.000 37.786  0 96   THR   A C   1 ? 
ATOM   715  O  O   . THR   A 1 97  ? -2.426  -6.900  -5.250  1.000 38.837  0 96   THR   A O   1 ? 
ATOM   716  C  CB  . THR   A 1 97  ? -2.331  -4.825  -7.337  1.000 40.824  0 96   THR   A CB  1 ? 
ATOM   717  O  OG1 . THR   A 1 97  ? -3.414  -4.070  -6.790  1.000 35.957  0 96   THR   A OG1 1 ? 
ATOM   718  C  CG2 . THR   A 1 97  ? -1.852  -4.172  -8.610  1.000 40.717  0 96   THR   A CG2 1 ? 
ATOM   719  N  N   . ARG   A 1 98  ? -4.548  -7.189  -6.135  1.000 40.582  0 97   ARG   A N   1 ? 
ATOM   720  C  CA  . ARG   A 1 98  ? -5.201  -7.793  -4.939  1.000 38.085  0 97   ARG   A CA  1 ? 
ATOM   721  C  C   . ARG   A 1 98  ? -4.975  -6.827  -3.801  1.000 36.325  0 97   ARG   A C   1 ? 
ATOM   722  O  O   . ARG   A 1 98  ? -4.346  -7.201  -2.752  1.000 37.488  0 97   ARG   A O   1 ? 
ATOM   723  C  CB  . ARG   A 1 98  ? -4.656  -9.203  -4.715  1.000 37.894  0 97   ARG   A CB  1 ? 
ATOM   724  C  CG  . ARG   A 1 98  ? -5.211  -10.158 -5.760  1.000 47.940  0 97   ARG   A CG  1 ? 
ATOM   725  C  CD  . ARG   A 1 98  ? -4.638  -11.545 -5.729  1.000 61.659  0 97   ARG   A CD  1 ? 
ATOM   726  N  NE  . ARG   A 1 98  ? -5.164  -12.373 -6.826  1.000 83.912  0 97   ARG   A NE  1 ? 
ATOM   727  C  CZ  . ARG   A 1 98  ? -4.714  -12.379 -8.090  1.000 92.777  0 97   ARG   A CZ  1 ? 
ATOM   728  N  NH1 . ARG   A 1 98  ? -3.709  -11.598 -8.470  1.000 91.898  0 97   ARG   A NH1 1 ? 
ATOM   729  N  NH2 . ARG   A 1 98  ? -5.287  -13.171 -8.982  1.000 86.563  0 97   ARG   A NH2 1 ? 
ATOM   730  N  N   . SER   A 1 99  ? -5.378  -5.594  -4.058  1.000 33.901  0 98   SER   A N   1 ? 
ATOM   731  C  CA  . SER   A 1 99  ? -5.272  -4.474  -3.093  1.000 33.697  0 98   SER   A CA  1 ? 
ATOM   732  C  C   . SER   A 1 99  ? -6.645  -4.256  -2.504  1.000 36.182  0 98   SER   A C   1 ? 
ATOM   733  O  O   . SER   A 1 99  ? -7.620  -4.197  -3.303  1.000 33.487  0 98   SER   A O   1 ? 
ATOM   734  C  CB  . SER   A 1 99  ? -4.736  -3.222  -3.718  1.000 34.438  0 98   SER   A CB  1 ? 
ATOM   735  O  OG  . SER   A 1 99  ? -3.397  -3.395  -4.115  1.000 36.635  0 98   SER   A OG  1 ? 
ATOM   736  N  N   . TYR   A 1 100 ? -6.713  -4.148  -1.168  1.000 35.453  0 99   TYR   A N   1 ? 
ATOM   737  C  CA  . TYR   A 1 100 ? -7.999  -4.043  -0.459  1.000 31.478  0 99   TYR   A CA  1 ? 
ATOM   738  C  C   . TYR   A 1 100 ? -7.920  -2.900  0.527   1.000 32.694  0 99   TYR   A C   1 ? 
ATOM   739  O  O   . TYR   A 1 100 ? -6.826  -2.375  0.803   1.000 28.777  0 99   TYR   A O   1 ? 
ATOM   740  C  CB  . TYR   A 1 100 ? -8.311  -5.389  0.215   1.000 34.183  0 99   TYR   A CB  1 ? 
ATOM   741  C  CG  . TYR   A 1 100 ? -8.218  -6.587  -0.702  1.000 37.192  0 99   TYR   A CG  1 ? 
ATOM   742  C  CD1 . TYR   A 1 100 ? -9.260  -6.940  -1.568  1.000 38.512  0 99   TYR   A CD1 1 ? 
ATOM   743  C  CD2 . TYR   A 1 100 ? -7.115  -7.397  -0.660  1.000 40.281  0 99   TYR   A CD2 1 ? 
ATOM   744  C  CE1 . TYR   A 1 100 ? -9.176  -8.036  -2.409  1.000 43.343  0 99   TYR   A CE1 1 ? 
ATOM   745  C  CE2 . TYR   A 1 100 ? -7.009  -8.496  -1.506  1.000 50.926  0 99   TYR   A CE2 1 ? 
ATOM   746  C  CZ  . TYR   A 1 100 ? -8.036  -8.819  -2.375  1.000 44.435  0 99   TYR   A CZ  1 ? 
ATOM   747  O  OH  . TYR   A 1 100 ? -7.900  -9.930  -3.157  1.000 57.497  0 99   TYR   A OH  1 ? 
ATOM   748  N  N   . ARG   A 1 101 ? -9.061  -2.522  1.062   1.000 32.039  0 100  ARG   A N   1 ? 
ATOM   749  C  CA  . ARG   A 1 101 ? -9.081  -1.500  2.134   1.000 35.691  0 100  ARG   A CA  1 ? 
ATOM   750  C  C   . ARG   A 1 101 ? -10.169 -1.849  3.157   1.000 34.264  0 100  ARG   A C   1 ? 
ATOM   751  O  O   . ARG   A 1 101 ? -11.078 -2.614  2.827   1.000 40.072  0 100  ARG   A O   1 ? 
ATOM   752  C  CB  . ARG   A 1 101 ? -9.353  -0.148  1.502   1.000 33.896  0 100  ARG   A CB  1 ? 
ATOM   753  C  CG  . ARG   A 1 101 ? -10.754 -0.088  0.924   1.000 37.124  0 100  ARG   A CG  1 ? 
ATOM   754  C  CD  . ARG   A 1 101 ? -10.860 1.173   0.152   1.000 31.467  0 100  ARG   A CD  1 ? 
ATOM   755  N  NE  . ARG   A 1 101 ? -12.248 1.514   -0.063  1.000 36.157  0 100  ARG   A NE  1 ? 
ATOM   756  C  CZ  . ARG   A 1 101 ? -12.660 2.654   -0.600  1.000 36.245  0 100  ARG   A CZ  1 ? 
ATOM   757  N  NH1 . ARG   A 1 101 ? -11.786 3.580   -0.998  1.000 35.296  0 100  ARG   A NH1 1 ? 
ATOM   758  N  NH2 . ARG   A 1 101 ? -13.953 2.834   -0.737  1.000 35.453  0 100  ARG   A NH2 1 ? 
ATOM   759  N  N   . THR   A 1 102 ? -10.066 -1.306  4.359   1.000 37.430  0 101  THR   A N   1 ? 
ATOM   760  C  CA  . THR   A 1 102 ? -10.994 -1.599  5.483   1.000 35.742  0 101  THR   A CA  1 ? 
ATOM   761  C  C   . THR   A 1 102 ? -11.222 -0.311  6.274   1.000 37.065  0 101  THR   A C   1 ? 
ATOM   762  O  O   . THR   A 1 102 ? -10.270 0.527   6.440   1.000 39.195  0 101  THR   A O   1 ? 
ATOM   763  C  CB  . THR   A 1 102 ? -10.420 -2.747  6.338   1.000 37.275  0 101  THR   A CB  1 ? 
ATOM   764  O  OG1 . THR   A 1 102 ? -11.291 -3.089  7.422   1.000 38.627  0 101  THR   A OG1 1 ? 
ATOM   765  C  CG2 . THR   A 1 102 ? -9.080  -2.422  6.954   1.000 41.957  0 101  THR   A CG2 1 ? 
ATOM   766  N  N   . ARG   A 1 103 ? -12.430 -0.168  6.774   1.000 34.686  0 102  ARG   A N   1 ? 
ATOM   767  C  CA  . ARG   A 1 103 ? -12.813 0.899   7.740   1.000 39.346  0 102  ARG   A CA  1 ? 
ATOM   768  C  C   . ARG   A 1 103 ? -12.501 0.429   9.166   1.000 38.111  0 102  ARG   A C   1 ? 
ATOM   769  O  O   . ARG   A 1 103 ? -12.649 1.212   10.100  1.000 35.646  0 102  ARG   A O   1 ? 
ATOM   770  C  CB  . ARG   A 1 103 ? -14.289 1.248   7.526   1.000 42.938  0 102  ARG   A CB  1 ? 
ATOM   771  C  CG  . ARG   A 1 103 ? -14.637 1.381   6.039   1.000 55.065  0 102  ARG   A CG  1 ? 
ATOM   772  C  CD  . ARG   A 1 103 ? -15.852 2.222   5.658   1.000 66.411  0 102  ARG   A CD  1 ? 
ATOM   773  N  NE  . ARG   A 1 103 ? -15.734 3.574   6.181   1.000 71.643  0 102  ARG   A NE  1 ? 
ATOM   774  C  CZ  . ARG   A 1 103 ? -16.246 3.990   7.340   1.000 88.253  0 102  ARG   A CZ  1 ? 
ATOM   775  N  NH1 . ARG   A 1 103 ? -16.956 3.167   8.104   1.000 83.574  0 102  ARG   A NH1 1 ? 
ATOM   776  N  NH2 . ARG   A 1 103 ? -16.064 5.245   7.720   1.000 89.331  0 102  ARG   A NH2 1 ? 
ATOM   777  N  N   . GLU   A 1 104 ? -12.044 -0.795  9.369   1.000 34.872  0 103  GLU   A N   1 ? 
ATOM   778  C  CA  . GLU   A 1 104 ? -11.810 -1.264  10.749  1.000 43.943  0 103  GLU   A CA  1 ? 
ATOM   779  C  C   . GLU   A 1 104 ? -10.313 -1.324  11.008  1.000 39.979  0 103  GLU   A C   1 ? 
ATOM   780  O  O   . GLU   A 1 104 ? -9.582  -1.442  10.036  1.000 33.474  0 103  GLU   A O   1 ? 
ATOM   781  C  CB  . GLU   A 1 104 ? -12.361 -2.671  10.902  1.000 50.342  0 103  GLU   A CB  1 ? 
ATOM   782  C  CG  . GLU   A 1 104 ? -13.703 -2.807  10.273  1.000 63.642  0 103  GLU   A CG  1 ? 
ATOM   783  C  CD  . GLU   A 1 104 ? -14.759 -2.815  11.329  1.000 65.286  0 103  GLU   A CD  1 ? 
ATOM   784  O  OE1 . GLU   A 1 104 ? -15.417 -3.858  11.450  1.000 73.611  0 103  GLU   A OE1 1 ? 
ATOM   785  O  OE2 . GLU   A 1 104 ? -14.863 -1.797  12.034  1.000 69.782  0 103  GLU   A OE2 1 ? 
ATOM   786  N  N   . PRO   A 1 105 ? -9.883  -1.451  12.293  1.000 35.937  0 104  PRO   A N   1 ? 
ATOM   787  C  CA  . PRO   A 1 105 ? -8.477  -1.584  12.636  1.000 33.566  0 104  PRO   A CA  1 ? 
ATOM   788  C  C   . PRO   A 1 105 ? -7.834  -2.902  12.174  1.000 35.651  0 104  PRO   A C   1 ? 
ATOM   789  O  O   . PRO   A 1 105 ? -8.525  -3.882  11.848  1.000 31.943  0 104  PRO   A O   1 ? 
ATOM   790  C  CB  . PRO   A 1 105 ? -8.462  -1.482  14.165  1.000 39.052  0 104  PRO   A CB  1 ? 
ATOM   791  C  CG  . PRO   A 1 105 ? -9.774  -0.810  14.500  1.000 32.716  0 104  PRO   A CG  1 ? 
ATOM   792  C  CD  . PRO   A 1 105 ? -10.737 -1.394  13.496  1.000 34.081  0 104  PRO   A CD  1 ? 
ATOM   793  N  N   . VAL   A 1 106 ? -6.505  -2.883  12.127  1.000 25.416  0 105  VAL   A N   1 ? 
ATOM   794  C  CA  . VAL   A 1 106 ? -5.683  -4.049  11.745  1.000 33.322  0 105  VAL   A CA  1 ? 
ATOM   795  C  C   . VAL   A 1 106 ? -4.638  -4.233  12.842  1.000 34.970  0 105  VAL   A C   1 ? 
ATOM   796  O  O   . VAL   A 1 106 ? -4.298  -3.234  13.535  1.000 34.366  0 105  VAL   A O   1 ? 
ATOM   797  C  CB  . VAL   A 1 106 ? -5.091  -3.892  10.331  1.000 32.589  0 105  VAL   A CB  1 ? 
ATOM   798  C  CG1 . VAL   A 1 106 ? -6.150  -3.415  9.337   1.000 36.094  0 105  VAL   A CG1 1 ? 
ATOM   799  C  CG2 . VAL   A 1 106 ? -3.902  -2.960  10.252  1.000 36.911  0 105  VAL   A CG2 1 ? 
ATOM   800  N  N   . TRP   A 1 107 ? -4.219  -5.481  13.022  1.000 31.248  0 106  TRP   A N   1 ? 
ATOM   801  C  CA  . TRP   A 1 107 ? -3.168  -5.874  13.969  1.000 27.749  0 106  TRP   A CA  1 ? 
ATOM   802  C  C   . TRP   A 1 107 ? -1.913  -6.156  13.172  1.000 33.043  0 106  TRP   A C   1 ? 
ATOM   803  O  O   . TRP   A 1 107 ? -2.011  -6.804  12.065  1.000 25.926  0 106  TRP   A O   1 ? 
ATOM   804  C  CB  . TRP   A 1 107 ? -3.625  -7.107  14.737  1.000 29.754  0 106  TRP   A CB  1 ? 
ATOM   805  C  CG  . TRP   A 1 107 ? -4.758  -6.881  15.664  1.000 28.784  0 106  TRP   A CG  1 ? 
ATOM   806  C  CD1 . TRP   A 1 107 ? -6.067  -6.722  15.348  1.000 32.782  0 106  TRP   A CD1 1 ? 
ATOM   807  C  CD2 . TRP   A 1 107 ? -4.641  -6.648  17.072  1.000 30.681  0 106  TRP   A CD2 1 ? 
ATOM   808  N  NE1 . TRP   A 1 107 ? -6.792  -6.461  16.480  1.000 34.116  0 106  TRP   A NE1 1 ? 
ATOM   809  C  CE2 . TRP   A 1 107 ? -5.940  -6.427  17.561  1.000 33.436  0 106  TRP   A CE2 1 ? 
ATOM   810  C  CE3 . TRP   A 1 107 ? -3.565  -6.589  17.962  1.000 34.416  0 106  TRP   A CE3 1 ? 
ATOM   811  C  CZ2 . TRP   A 1 107 ? -6.198  -6.191  18.920  1.000 35.598  0 106  TRP   A CZ2 1 ? 
ATOM   812  C  CZ3 . TRP   A 1 107 ? -3.827  -6.388  19.313  1.000 37.551  0 106  TRP   A CZ3 1 ? 
ATOM   813  C  CH2 . TRP   A 1 107 ? -5.124  -6.191  19.786  1.000 33.082  0 106  TRP   A CH2 1 ? 
ATOM   814  N  N   . ILE   A 1 108 ? -0.763  -5.807  13.739  1.000 34.039  0 107  ILE   A N   1 ? 
ATOM   815  C  CA  . ILE   A 1 108 ? 0.538   -6.081  13.081  1.000 32.801  0 107  ILE   A CA  1 ? 
ATOM   816  C  C   . ILE   A 1 108 ? 0.919   -7.439  13.614  1.000 36.320  0 107  ILE   A C   1 ? 
ATOM   817  O  O   . ILE   A 1 108 ? 1.086   -7.517  14.836  1.000 34.911  0 107  ILE   A O   1 ? 
ATOM   818  C  CB  . ILE   A 1 108 ? 1.583   -4.994  13.414  1.000 31.315  0 107  ILE   A CB  1 ? 
ATOM   819  C  CG1 . ILE   A 1 108 ? 1.110   -3.596  13.054  1.000 31.403  0 107  ILE   A CG1 1 ? 
ATOM   820  C  CG2 . ILE   A 1 108 ? 2.917   -5.292  12.762  1.000 31.759  0 107  ILE   A CG2 1 ? 
ATOM   821  C  CD1 . ILE   A 1 108 ? 0.628   -3.489  11.610  1.000 30.825  0 107  ILE   A CD1 1 ? 
ATOM   822  N  N   . VAL   A 1 109 ? 1.037   -8.452  12.756  1.000 37.692  0 108  VAL   A N   1 ? 
ATOM   823  C  CA  . VAL   A 1 109 ? 1.353   -9.822  13.260  1.000 36.533  0 108  VAL   A CA  1 ? 
ATOM   824  C  C   . VAL   A 1 109 ? 2.729   -10.273 12.803  1.000 35.303  0 108  VAL   A C   1 ? 
ATOM   825  O  O   . VAL   A 1 109 ? 3.156   -11.303 13.294  1.000 38.021  0 108  VAL   A O   1 ? 
ATOM   826  C  CB  . VAL   A 1 109 ? 0.278   -10.859 12.888  1.000 32.400  0 108  VAL   A CB  1 ? 
ATOM   827  C  CG1 . VAL   A 1 109 ? -0.995  -10.529 13.637  1.000 33.815  0 108  VAL   A CG1 1 ? 
ATOM   828  C  CG2 . VAL   A 1 109 ? 0.081   -10.951 11.389  1.000 35.856  0 108  VAL   A CG2 1 ? 
ATOM   829  N  N   . GLY   A 1 110 ? 3.422   -9.525  11.957  1.000 37.374  0 109  GLY   A N   1 ? 
ATOM   830  C  CA  . GLY   A 1 110 ? 4.807   -9.853  11.591  1.000 36.814  0 109  GLY   A CA  1 ? 
ATOM   831  C  C   . GLY   A 1 110 ? 5.402   -8.800  10.700  1.000 36.934  0 109  GLY   A C   1 ? 
ATOM   832  O  O   . GLY   A 1 110 ? 4.670   -7.896  10.291  1.000 41.573  0 109  GLY   A O   1 ? 
ATOM   833  N  N   . GLU   A 1 111 ? 6.672   -8.977  10.348  1.000 43.354  0 110  GLU   A N   1 ? 
ATOM   834  C  CA  . GLU   A 1 111 ? 7.431   -8.110  9.407   1.000 44.921  0 110  GLU   A CA  1 ? 
ATOM   835  C  C   . GLU   A 1 111 ? 8.139   -9.003  8.398   1.000 45.271  0 110  GLU   A C   1 ? 
ATOM   836  O  O   . GLU   A 1 111 ? 8.744   -9.977  8.865   1.000 41.663  0 110  GLU   A O   1 ? 
ATOM   837  C  CB  . GLU   A 1 111 ? 8.455   -7.257  10.158  1.000 45.800  0 110  GLU   A CB  1 ? 
ATOM   838  C  CG  . GLU   A 1 111 ? 9.393   -6.521  9.216   1.000 54.693  0 110  GLU   A CG  1 ? 
ATOM   839  C  CD  . GLU   A 1 111 ? 9.872   -5.178  9.741   1.000 60.667  0 110  GLU   A CD  1 ? 
ATOM   840  O  OE1 . GLU   A 1 111 ? 9.790   -4.965  10.979  1.000 47.209  0 110  GLU   A OE1 1 ? 
ATOM   841  O  OE2 . GLU   A 1 111 ? 10.321  -4.346  8.913   1.000 47.982  0 110  GLU   A OE2 1 ? 
ATOM   842  N  N   . LEU   A 1 112 ? 8.030   -8.680  7.094   1.000 47.611  0 111  LEU   A N   1 ? 
ATOM   843  C  CA  . LEU   A 1 112 ? 8.823   -9.277  5.976   1.000 48.283  0 111  LEU   A CA  1 ? 
ATOM   844  C  C   . LEU   A 1 112 ? 10.173  -8.601  5.924   1.000 49.651  0 111  LEU   A C   1 ? 
ATOM   845  O  O   . LEU   A 1 112 ? 10.184  -7.371  5.900   1.000 61.110  0 111  LEU   A O   1 ? 
ATOM   846  C  CB  . LEU   A 1 112 ? 8.154   -9.034  4.635   1.000 48.185  0 111  LEU   A CB  1 ? 
ATOM   847  C  CG  . LEU   A 1 112 ? 6.807   -9.684  4.430   1.000 47.428  0 111  LEU   A CG  1 ? 
ATOM   848  C  CD1 . LEU   A 1 112 ? 6.455   -9.605  2.967   1.000 55.783  0 111  LEU   A CD1 1 ? 
ATOM   849  C  CD2 . LEU   A 1 112 ? 6.864   -11.116 4.887   1.000 55.383  0 111  LEU   A CD2 1 ? 
ATOM   850  N  N   . THR   A 1 113 ? 11.246  -9.370  5.825   1.000 54.574  0 112  THR   A N   1 ? 
ATOM   851  C  CA  . THR   A 1 113 ? 12.631  -8.842  5.975   1.000 58.449  0 112  THR   A CA  1 ? 
ATOM   852  C  C   . THR   A 1 113 ? 13.474  -9.098  4.717   1.000 61.249  0 112  THR   A C   1 ? 
ATOM   853  O  O   . THR   A 1 113 ? 14.381  -8.303  4.448   1.000 79.483  0 112  THR   A O   1 ? 
ATOM   854  C  CB  . THR   A 1 113 ? 13.247  -9.391  7.256   1.000 50.596  0 112  THR   A CB  1 ? 
ATOM   855  O  OG1 . THR   A 1 113 ? 14.505  -8.736  7.362   1.000 71.005  0 112  THR   A OG1 1 ? 
ATOM   856  C  CG2 . THR   A 1 113 ? 13.371  -10.891 7.242   1.000 51.436  0 112  THR   A CG2 1 ? 
ATOM   857  N  N   . ASP   A 1 114 ? 13.159  -10.115 3.931   1.000 62.580  0 113  ASP   A N   1 ? 
ATOM   858  C  CA  . ASP   A 1 114 ? 13.944  -10.455 2.722   1.000 77.289  0 113  ASP   A CA  1 ? 
ATOM   859  C  C   . ASP   A 1 114 ? 13.108  -10.121 1.475   1.000 74.960  0 113  ASP   A C   1 ? 
ATOM   860  O  O   . ASP   A 1 114 ? 12.617  -11.060 0.809   1.000 91.300  0 113  ASP   A O   1 ? 
ATOM   861  C  CB  . ASP   A 1 114 ? 14.440  -11.905 2.793   1.000 87.856  0 113  ASP   A CB  1 ? 
ATOM   862  C  CG  . ASP   A 1 114 ? 13.439  -12.886 3.384   1.000 99.041  0 113  ASP   A CG  1 ? 
ATOM   863  O  OD1 . ASP   A 1 114 ? 12.236  -12.543 3.441   1.000 105.378 0 113  ASP   A OD1 1 ? 
ATOM   864  O  OD2 . ASP   A 1 114 ? 13.875  -13.982 3.794   1.000 103.682 0 113  ASP   A OD2 1 ? 
ATOM   865  N  N   . TRP   A 1 115 ? 12.961  -8.827  1.169   1.000 56.016  0 114  TRP   A N   1 ? 
ATOM   866  C  CA  . TRP   A 1 115 ? 12.474  -8.325  -0.152  1.000 51.751  0 114  TRP   A CA  1 ? 
ATOM   867  C  C   . TRP   A 1 115 ? 13.424  -7.247  -0.681  1.000 48.299  0 114  TRP   A C   1 ? 
ATOM   868  O  O   . TRP   A 1 115 ? 14.163  -6.611  0.111   1.000 49.116  0 114  TRP   A O   1 ? 
ATOM   869  C  CB  . TRP   A 1 115 ? 11.029  -7.789  -0.104  1.000 49.083  0 114  TRP   A CB  1 ? 
ATOM   870  C  CG  . TRP   A 1 115 ? 10.854  -6.733  0.934   1.000 42.736  0 114  TRP   A CG  1 ? 
ATOM   871  C  CD1 . TRP   A 1 115 ? 10.658  -6.976  2.253   1.000 45.838  0 114  TRP   A CD1 1 ? 
ATOM   872  C  CD2 . TRP   A 1 115 ? 10.985  -5.309  0.800   1.000 44.007  0 114  TRP   A CD2 1 ? 
ATOM   873  N  NE1 . TRP   A 1 115 ? 10.593  -5.806  2.942   1.000 49.039  0 114  TRP   A NE1 1 ? 
ATOM   874  C  CE2 . TRP   A 1 115 ? 10.797  -4.759  2.087   1.000 48.417  0 114  TRP   A CE2 1 ? 
ATOM   875  C  CE3 . TRP   A 1 115 ? 11.195  -4.428  -0.270  1.000 49.217  0 114  TRP   A CE3 1 ? 
ATOM   876  C  CZ2 . TRP   A 1 115 ? 10.815  -3.386  2.343   1.000 39.807  0 114  TRP   A CZ2 1 ? 
ATOM   877  C  CZ3 . TRP   A 1 115 ? 11.199  -3.070  -0.029  1.000 42.489  0 114  TRP   A CZ3 1 ? 
ATOM   878  C  CH2 . TRP   A 1 115 ? 10.964  -2.567  1.248   1.000 45.994  0 114  TRP   A CH2 1 ? 
ATOM   879  N  N   . VAL   A 1 116 ? 13.393  -7.065  -1.996  1.000 46.141  0 115  VAL   A N   1 ? 
ATOM   880  C  CA  . VAL   A 1 116 ? 14.113  -5.991  -2.705  1.000 48.025  0 115  VAL   A CA  1 ? 
ATOM   881  C  C   . VAL   A 1 116 ? 13.058  -5.086  -3.342  1.000 44.177  0 115  VAL   A C   1 ? 
ATOM   882  O  O   . VAL   A 1 116 ? 12.103  -5.580  -3.920  1.000 49.144  0 115  VAL   A O   1 ? 
ATOM   883  C  CB  . VAL   A 1 116 ? 15.068  -6.643  -3.716  1.000 54.692  0 115  VAL   A CB  1 ? 
ATOM   884  C  CG1 . VAL   A 1 116 ? 15.908  -7.664  -2.988  1.000 59.836  0 115  VAL   A CG1 1 ? 
ATOM   885  C  CG2 . VAL   A 1 116 ? 14.335  -7.328  -4.866  1.000 61.923  0 115  VAL   A CG2 1 ? 
ATOM   886  N  N   . GLY   A 1 117 ? 13.246  -3.786  -3.234  1.000 46.324  0 116  GLY   A N   1 ? 
ATOM   887  C  CA  . GLY   A 1 117 ? 12.395  -2.798  -3.898  1.000 45.482  0 116  GLY   A CA  1 ? 
ATOM   888  C  C   . GLY   A 1 117 ? 12.622  -2.812  -5.391  1.000 43.531  0 116  GLY   A C   1 ? 
ATOM   889  O  O   . GLY   A 1 117 ? 13.443  -3.599  -5.901  1.000 41.779  0 116  GLY   A O   1 ? 
ATOM   890  N  N   . HIS   A 1 118 ? 11.872  -1.966  -6.073  1.000 42.662  0 117  HIS   A N   1 ? 
ATOM   891  C  CA  . HIS   A 1 118 ? 11.979  -1.770  -7.529  1.000 42.217  0 117  HIS   A CA  1 ? 
ATOM   892  C  C   . HIS   A 1 118 ? 13.310  -1.130  -7.911  1.000 40.776  0 117  HIS   A C   1 ? 
ATOM   893  O  O   . HIS   A 1 118 ? 13.901  -0.346  -7.197  1.000 41.337  0 117  HIS   A O   1 ? 
ATOM   894  C  CB  . HIS   A 1 118 ? 10.790  -0.964  -7.996  1.000 35.691  0 117  HIS   A CB  1 ? 
ATOM   895  C  CG  . HIS   A 1 118 ? 9.538   -1.687  -7.710  1.000 38.613  0 117  HIS   A CG  1 ? 
ATOM   896  N  ND1 . HIS   A 1 118 ? 8.788   -1.387  -6.615  1.000 36.015  0 117  HIS   A ND1 1 ? 
ATOM   897  C  CD2 . HIS   A 1 118 ? 8.932   -2.706  -8.359  1.000 38.227  0 117  HIS   A CD2 1 ? 
ATOM   898  C  CE1 . HIS   A 1 118 ? 7.731   -2.161  -6.621  1.000 38.489  0 117  HIS   A CE1 1 ? 
ATOM   899  N  NE2 . HIS   A 1 118 ? 7.813   -2.996  -7.664  1.000 35.166  0 117  HIS   A NE2 1 ? 
ATOM   900  N  N   . PRO   A 1 119 ? 13.797  -1.447  -9.114  1.000 37.767  0 118  PRO   A N   1 ? 
ATOM   901  C  CA  . PRO   A 1 119 ? 14.922  -0.732  -9.687  1.000 38.605  0 118  PRO   A CA  1 ? 
ATOM   902  C  C   . PRO   A 1 119 ? 14.671  0.774   -9.533  1.000 38.902  0 118  PRO   A C   1 ? 
ATOM   903  O  O   . PRO   A 1 119 ? 13.543  1.243   -9.730  1.000 38.008  0 118  PRO   A O   1 ? 
ATOM   904  C  CB  . PRO   A 1 119 ? 14.907  -1.142  -11.161 1.000 39.106  0 118  PRO   A CB  1 ? 
ATOM   905  C  CG  . PRO   A 1 119 ? 14.121  -2.403  -11.210 1.000 44.290  0 118  PRO   A CG  1 ? 
ATOM   906  C  CD  . PRO   A 1 119 ? 13.190  -2.424  -10.008 1.000 36.466  0 118  PRO   A CD  1 ? 
ATOM   907  N  N   . PRO   A 1 120 ? 15.706  1.579   -9.184  1.000 33.355  0 119  PRO   A N   1 ? 
ATOM   908  C  CA  . PRO   A 1 120 ? 15.510  3.009   -8.960  1.000 33.651  0 119  PRO   A CA  1 ? 
ATOM   909  C  C   . PRO   A 1 120 ? 14.856  3.775   -10.120 1.000 32.286  0 119  PRO   A C   1 ? 
ATOM   910  O  O   . PRO   A 1 120 ? 14.154  4.713   -9.805  1.000 34.112  0 119  PRO   A O   1 ? 
ATOM   911  C  CB  . PRO   A 1 120 ? 16.937  3.531   -8.689  1.000 36.280  0 119  PRO   A CB  1 ? 
ATOM   912  C  CG  . PRO   A 1 120 ? 17.654  2.313   -8.114  1.000 36.170  0 119  PRO   A CG  1 ? 
ATOM   913  C  CD  . PRO   A 1 120 ? 17.106  1.161   -8.935  1.000 33.978  0 119  PRO   A CD  1 ? 
ATOM   914  N  N   . GLU   A 1 121 ? 15.082  3.411   -11.403 1.000 31.523  0 120  GLU   A N   1 ? 
ATOM   915  C  CA  . GLU   A 1 121 ? 14.493  4.166   -12.554 1.000 31.002  0 120  GLU   A CA  1 ? 
ATOM   916  C  C   . GLU   A 1 121 ? 12.977  3.876   -12.650 1.000 32.599  0 120  GLU   A C   1 ? 
ATOM   917  O  O   . GLU   A 1 121 ? 12.235  4.698   -13.207 1.000 31.684  0 120  GLU   A O   1 ? 
ATOM   918  C  CB  . GLU   A 1 121 ? 15.195  3.850   -13.880 1.000 29.482  0 120  GLU   A CB  1 ? 
ATOM   919  C  CG  . GLU   A 1 121 ? 14.789  2.505   -14.493 1.000 31.914  0 120  GLU   A CG  1 ? 
ATOM   920  C  CD  . GLU   A 1 121 ? 15.378  1.281   -13.810 1.000 34.080  0 120  GLU   A CD  1 ? 
ATOM   921  O  OE1 . GLU   A 1 121 ? 16.153  1.444   -12.813 1.000 41.664  0 120  GLU   A OE1 1 ? 
ATOM   922  O  OE2 . GLU   A 1 121 ? 15.062  0.175   -14.227 1.000 38.637  0 120  GLU   A OE2 1 ? 
ATOM   923  N  N   . GLN   A 1 122 ? 12.524  2.742   -12.124 1.000 32.637  0 121  GLN   A N   1 ? 
ATOM   924  C  CA  . GLN   A 1 122 ? 11.091  2.418   -12.053 1.000 34.704  0 121  GLN   A CA  1 ? 
ATOM   925  C  C   . GLN   A 1 122 ? 10.443  3.280   -10.967 1.000 34.662  0 121  GLN   A C   1 ? 
ATOM   926  O  O   . GLN   A 1 122 ? 9.327   3.797   -11.164 1.000 33.606  0 121  GLN   A O   1 ? 
ATOM   927  C  CB  . GLN   A 1 122 ? 10.943  0.939   -11.757 1.000 40.248  0 121  GLN   A CB  1 ? 
ATOM   928  C  CG  . GLN   A 1 122 ? 10.793  0.122   -13.003 1.000 49.780  0 121  GLN   A CG  1 ? 
ATOM   929  C  CD  . GLN   A 1 122 ? 10.572  -1.320  -12.622 1.000 62.937  0 121  GLN   A CD  1 ? 
ATOM   930  O  OE1 . GLN   A 1 122 ? 9.902   -1.627  -11.628 1.000 53.574  0 121  GLN   A OE1 1 ? 
ATOM   931  N  NE2 . GLN   A 1 122 ? 11.182  -2.206  -13.407 1.000 71.608  0 121  GLN   A NE2 1 ? 
ATOM   932  N  N   . LEU   A 1 123 ? 11.069  3.339   -9.812  1.000 32.367  0 122  LEU   A N   1 ? 
ATOM   933  C  CA  . LEU   A 1 123 ? 10.516  4.134   -8.696  1.000 33.507  0 122  LEU   A CA  1 ? 
ATOM   934  C  C   . LEU   A 1 123 ? 10.549  5.595   -9.133  1.000 34.747  0 122  LEU   A C   1 ? 
ATOM   935  O  O   . LEU   A 1 123 ? 9.530   6.316   -8.915  1.000 42.545  0 122  LEU   A O   1 ? 
ATOM   936  C  CB  . LEU   A 1 123 ? 11.308  3.827   -7.421  1.000 37.231  0 122  LEU   A CB  1 ? 
ATOM   937  C  CG  . LEU   A 1 123 ? 10.994  4.703   -6.209  1.000 38.102  0 122  LEU   A CG  1 ? 
ATOM   938  C  CD1 . LEU   A 1 123 ? 9.497   4.712   -5.938  1.000 42.575  0 122  LEU   A CD1 1 ? 
ATOM   939  C  CD2 . LEU   A 1 123 ? 11.739  4.192   -4.987  1.000 37.085  0 122  LEU   A CD2 1 ? 
ATOM   940  N  N   . ALA   A 1 124 ? 11.608  6.065   -9.788  1.000 34.766  0 123  ALA   A N   1 ? 
ATOM   941  C  CA  . ALA   A 1 124 ? 11.617  7.488   -10.205 1.000 34.306  0 123  ALA   A CA  1 ? 
ATOM   942  C  C   . ALA   A 1 124 ? 10.538  7.702   -11.265 1.000 36.860  0 123  ALA   A C   1 ? 
ATOM   943  O  O   . ALA   A 1 124 ? 9.986   8.789   -11.259 1.000 36.994  0 123  ALA   A O   1 ? 
ATOM   944  C  CB  . ALA   A 1 124 ? 12.946  7.924   -10.754 1.000 36.148  0 123  ALA   A CB  1 ? 
ATOM   945  N  N   . ALA   A 1 125 ? 10.301  6.758   -12.190 1.000 34.899  0 124  ALA   A N   1 ? 
ATOM   946  C  CA  . ALA   A 1 125 ? 9.265   6.910   -13.237 1.000 39.469  0 124  ALA   A CA  1 ? 
ATOM   947  C  C   . ALA   A 1 125 ? 7.877   6.989   -12.561 1.000 37.448  0 124  ALA   A C   1 ? 
ATOM   948  O  O   . ALA   A 1 125 ? 7.029   7.814   -12.970 1.000 37.239  0 124  ALA   A O   1 ? 
ATOM   949  C  CB  . ALA   A 1 125 ? 9.325   5.773   -14.240 1.000 40.956  0 124  ALA   A CB  1 ? 
ATOM   950  N  N   . MET   A 1 126 ? 7.640   6.182   -11.542 1.000 35.804  0 125  MET   A N   1 ? 
ATOM   951  C  CA  . MET   A 1 126 ? 6.341   6.166   -10.825 1.000 37.167  0 125  MET   A CA  1 ? 
ATOM   952  C  C   . MET   A 1 126 ? 6.174   7.525   -10.138 1.000 38.717  0 125  MET   A C   1 ? 
ATOM   953  O  O   . MET   A 1 126 ? 5.117   8.161   -10.346 1.000 35.261  0 125  MET   A O   1 ? 
ATOM   954  C  CB  . MET   A 1 126 ? 6.272   5.025   -9.807  1.000 36.061  0 125  MET   A CB  1 ? 
ATOM   955  C  CG  . MET   A 1 126 ? 4.968   4.988   -9.002  1.000 45.169  0 125  MET   A CG  1 ? 
ATOM   956  S  SD  . MET   A 1 126 ? 3.539   4.365   -9.960  1.000 46.611  0 125  MET   A SD  1 ? 
ATOM   957  C  CE  . MET   A 1 126 ? 3.785   2.598   -10.054 1.000 48.407  0 125  MET   A CE  1 ? 
ATOM   958  N  N   . ARG   A 1 127 ? 7.217   8.029   -9.487  1.000 36.474  0 126  ARG   A N   1 ? 
ATOM   959  C  CA  . ARG   A 1 127 ? 7.121   9.293   -8.712  1.000 43.381  0 126  ARG   A CA  1 ? 
ATOM   960  C  C   . ARG   A 1 127 ? 6.878   10.464  -9.657  1.000 45.029  0 126  ARG   A C   1 ? 
ATOM   961  O  O   . ARG   A 1 127 ? 6.044   11.315  -9.342  1.000 45.123  0 126  ARG   A O   1 ? 
ATOM   962  C  CB  . ARG   A 1 127 ? 8.392   9.552   -7.901  1.000 41.770  0 126  ARG   A CB  1 ? 
ATOM   963  C  CG  . ARG   A 1 127 ? 8.476   8.715   -6.631  1.000 48.551  0 126  ARG   A CG  1 ? 
ATOM   964  C  CD  . ARG   A 1 127 ? 9.545   9.292   -5.735  1.000 55.076  0 126  ARG   A CD  1 ? 
ATOM   965  N  NE  . ARG   A 1 127 ? 10.253  8.331   -4.913  1.000 60.449  0 126  ARG   A NE  1 ? 
ATOM   966  C  CZ  . ARG   A 1 127 ? 9.828   7.843   -3.754  1.000 69.776  0 126  ARG   A CZ  1 ? 
ATOM   967  N  NH1 . ARG   A 1 127 ? 8.645   8.186   -3.261  1.000 75.103  0 126  ARG   A NH1 1 ? 
ATOM   968  N  NH2 . ARG   A 1 127 ? 10.597  6.989   -3.097  1.000 73.158  0 126  ARG   A NH2 1 ? 
ATOM   969  N  N   . GLN   A 1 128 ? 7.577   10.471  -10.786 1.000 47.605  0 127  GLN   A N   1 ? 
ATOM   970  C  CA  . GLN   A 1 128 ? 7.501   11.529  -11.821 1.000 47.639  0 127  GLN   A CA  1 ? 
ATOM   971  C  C   . GLN   A 1 128 ? 6.101   11.466  -12.474 1.000 42.690  0 127  GLN   A C   1 ? 
ATOM   972  O  O   . GLN   A 1 128 ? 5.514   12.541  -12.695 1.000 40.383  0 127  GLN   A O   1 ? 
ATOM   973  C  CB  . GLN   A 1 128 ? 8.713   11.399  -12.761 1.000 50.681  0 127  GLN   A CB  1 ? 
ATOM   974  C  CG  . GLN   A 1 128 ? 8.914   12.597  -13.686 1.000 71.402  0 127  GLN   A CG  1 ? 
ATOM   975  C  CD  . GLN   A 1 128 ? 9.050   13.938  -12.993 1.000 83.216  0 127  GLN   A CD  1 ? 
ATOM   976  O  OE1 . GLN   A 1 128 ? 9.595   14.044  -11.894 1.000 90.497  0 127  GLN   A OE1 1 ? 
ATOM   977  N  NE2 . GLN   A 1 128 ? 8.557   14.989  -13.638 1.000 80.038  0 127  GLN   A NE2 1 ? 
ATOM   978  N  N   . GLY   A 1 129 ? 5.534   10.276  -12.720 1.000 43.112  0 128  GLY   A N   1 ? 
ATOM   979  C  CA  . GLY   A 1 129 ? 4.172   10.152  -13.295 1.000 40.842  0 128  GLY   A CA  1 ? 
ATOM   980  C  C   . GLY   A 1 129 ? 3.139   10.747  -12.346 1.000 46.826  0 128  GLY   A C   1 ? 
ATOM   981  O  O   . GLY   A 1 129 ? 2.255   11.542  -12.783 1.000 43.682  0 128  GLY   A O   1 ? 
ATOM   982  N  N   . LEU   A 1 130 ? 3.289   10.455  -11.060 1.000 39.050  0 129  LEU   A N   1 ? 
ATOM   983  C  CA  . LEU   A 1 130 ? 2.346   10.930  -10.027 1.000 44.937  0 129  LEU   A CA  1 ? 
ATOM   984  C  C   . LEU   A 1 130 ? 2.473   12.459  -9.902  1.000 42.692  0 129  LEU   A C   1 ? 
ATOM   985  O  O   . LEU   A 1 130 ? 1.456   13.094  -9.720  1.000 46.798  0 129  LEU   A O   1 ? 
ATOM   986  C  CB  . LEU   A 1 130 ? 2.601   10.196  -8.690  1.000 44.195  0 129  LEU   A CB  1 ? 
ATOM   987  C  CG  . LEU   A 1 130 ? 2.360   8.682   -8.647  1.000 43.740  0 129  LEU   A CG  1 ? 
ATOM   988  C  CD1 . LEU   A 1 130 ? 2.572   8.157   -7.242  1.000 52.207  0 129  LEU   A CD1 1 ? 
ATOM   989  C  CD2 . LEU   A 1 130 ? 0.989   8.254   -9.176  1.000 46.718  0 129  LEU   A CD2 1 ? 
ATOM   990  N  N   . GLU   A 1 131 ? 3.668   13.042  -9.979  1.000 48.004  0 130  GLU   A N   1 ? 
ATOM   991  C  CA  . GLU   A 1 131 ? 3.825   14.519  -9.901  1.000 49.074  0 130  GLU   A CA  1 ? 
ATOM   992  C  C   . GLU   A 1 131 ? 3.145   15.130  -11.137 1.000 45.629  0 130  GLU   A C   1 ? 
ATOM   993  O  O   . GLU   A 1 131 ? 2.536   16.195  -11.015 1.000 46.370  0 130  GLU   A O   1 ? 
ATOM   994  C  CB  . GLU   A 1 131 ? 5.311   14.849  -9.717  1.000 50.831  0 130  GLU   A CB  1 ? 
ATOM   995  C  CG  . GLU   A 1 131 ? 5.714   16.299  -10.000 1.000 58.505  0 130  GLU   A CG  1 ? 
ATOM   996  C  CD  . GLU   A 1 131 ? 7.228   16.560  -9.919  1.000 80.212  0 130  GLU   A CD  1 ? 
ATOM   997  O  OE1 . GLU   A 1 131 ? 7.746   16.706  -8.773  1.000 84.028  0 130  GLU   A OE1 1 ? 
ATOM   998  O  OE2 . GLU   A 1 131 ? 7.914   16.579  -10.987 1.000 70.248  0 130  GLU   A OE2 1 ? 
ATOM   999  N  N   . GLU   A 1 132 ? 3.209   14.462  -12.288 1.000 48.113  0 131  GLU   A N   1 ? 
ATOM   1000 C  CA  . GLU   A 1 132 ? 2.597   14.950  -13.551 1.000 50.407  0 131  GLU   A CA  1 ? 
ATOM   1001 C  C   . GLU   A 1 132 ? 1.073   14.978  -13.392 1.000 46.683  0 131  GLU   A C   1 ? 
ATOM   1002 O  O   . GLU   A 1 132 ? 0.481   16.052  -13.676 1.000 46.384  0 131  GLU   A O   1 ? 
ATOM   1003 C  CB  . GLU   A 1 132 ? 3.102   14.145  -14.751 1.000 59.680  0 131  GLU   A CB  1 ? 
ATOM   1004 C  CG  . GLU   A 1 132 ? 4.294   14.815  -15.387 1.000 68.708  0 131  GLU   A CG  1 ? 
ATOM   1005 C  CD  . GLU   A 1 132 ? 5.295   13.882  -16.033 1.000 76.871  0 131  GLU   A CD  1 ? 
ATOM   1006 O  OE1 . GLU   A 1 132 ? 4.873   13.016  -16.839 1.000 81.373  0 131  GLU   A OE1 1 ? 
ATOM   1007 O  OE2 . GLU   A 1 132 ? 6.497   14.033  -15.724 1.000 78.023  0 131  GLU   A OE2 1 ? 
ATOM   1008 N  N   . LEU   A 1 133 ? 0.474   13.918  -12.837 1.000 45.366  0 132  LEU   A N   1 ? 
ATOM   1009 C  CA  . LEU   A 1 133 ? -0.993  13.895  -12.567 1.000 44.218  0 132  LEU   A CA  1 ? 
ATOM   1010 C  C   . LEU   A 1 133 ? -1.309  15.004  -11.549 1.000 45.283  0 132  LEU   A C   1 ? 
ATOM   1011 O  O   . LEU   A 1 133 ? -2.270  15.746  -11.763 1.000 52.781  0 132  LEU   A O   1 ? 
ATOM   1012 C  CB  . LEU   A 1 133 ? -1.444  12.490  -12.147 1.000 45.647  0 132  LEU   A CB  1 ? 
ATOM   1013 C  CG  . LEU   A 1 133 ? -1.100  11.349  -13.118 1.000 46.675  0 132  LEU   A CG  1 ? 
ATOM   1014 C  CD1 . LEU   A 1 133 ? -1.175  9.988   -12.446 1.000 49.258  0 132  LEU   A CD1 1 ? 
ATOM   1015 C  CD2 . LEU   A 1 133 ? -1.953  11.356  -14.372 1.000 52.039  0 132  LEU   A CD2 1 ? 
ATOM   1016 N  N   . ARG   A 1 134 ? -0.448  15.246  -10.565 1.000 52.114  0 133  ARG   A N   1 ? 
ATOM   1017 C  CA  . ARG   A 1 134 ? -0.657  16.362  -9.595  1.000 58.913  0 133  ARG   A CA  1 ? 
ATOM   1018 C  C   . ARG   A 1 134 ? -0.791  17.655  -10.409 1.000 57.338  0 133  ARG   A C   1 ? 
ATOM   1019 O  O   . ARG   A 1 134 ? -1.842  18.283  -10.326 1.000 51.155  0 133  ARG   A O   1 ? 
ATOM   1020 C  CB  . ARG   A 1 134 ? 0.494   16.448  -8.582  1.000 64.667  0 133  ARG   A CB  1 ? 
ATOM   1021 C  CG  . ARG   A 1 134 ? 0.116   16.646  -7.117  1.000 62.801  0 133  ARG   A CG  1 ? 
ATOM   1022 C  CD  . ARG   A 1 134 ? 0.777   15.622  -6.168  1.000 70.854  0 133  ARG   A CD  1 ? 
ATOM   1023 N  NE  . ARG   A 1 134 ? 0.165   14.305  -6.380  1.000 80.407  0 133  ARG   A NE  1 ? 
ATOM   1024 C  CZ  . ARG   A 1 134 ? 0.584   13.127  -5.918  1.000 76.191  0 133  ARG   A CZ  1 ? 
ATOM   1025 N  NH1 . ARG   A 1 134 ? 1.663   13.022  -5.160  1.000 77.847  0 133  ARG   A NH1 1 ? 
ATOM   1026 N  NH2 . ARG   A 1 134 ? -0.081  12.033  -6.257  1.000 71.168  0 133  ARG   A NH2 1 ? 
ATOM   1027 N  N   . ARG   A 1 135 ? 0.219   17.979  -11.227 1.000 53.404  0 134  ARG   A N   1 ? 
ATOM   1028 C  CA  . ARG   A 1 135 ? 0.392   19.311  -11.878 1.000 53.885  0 134  ARG   A CA  1 ? 
ATOM   1029 C  C   . ARG   A 1 135 ? -0.777  19.559  -12.834 1.000 54.532  0 134  ARG   A C   1 ? 
ATOM   1030 O  O   . ARG   A 1 135 ? -1.098  20.718  -13.067 1.000 49.154  0 134  ARG   A O   1 ? 
ATOM   1031 C  CB  . ARG   A 1 135 ? 1.717   19.404  -12.650 1.000 57.750  0 134  ARG   A CB  1 ? 
ATOM   1032 C  CG  . ARG   A 1 135 ? 2.766   20.277  -11.976 1.000 66.477  0 134  ARG   A CG  1 ? 
ATOM   1033 C  CD  . ARG   A 1 135 ? 4.197   19.899  -12.325 1.000 76.444  0 134  ARG   A CD  1 ? 
ATOM   1034 N  NE  . ARG   A 1 135 ? 4.321   19.200  -13.600 1.000 68.400  0 134  ARG   A NE  1 ? 
ATOM   1035 C  CZ  . ARG   A 1 135 ? 5.344   18.430  -13.943 1.000 70.450  0 134  ARG   A CZ  1 ? 
ATOM   1036 N  NH1 . ARG   A 1 135 ? 6.349   18.253  -13.104 1.000 84.144  0 134  ARG   A NH1 1 ? 
ATOM   1037 N  NH2 . ARG   A 1 135 ? 5.361   17.835  -15.123 1.000 69.202  0 134  ARG   A NH2 1 ? 
ATOM   1038 N  N   . LYS   A 1 136 ? -1.365  18.497  -13.378 1.000 50.535  0 135  LYS   A N   1 ? 
ATOM   1039 C  CA  . LYS   A 1 136 ? -2.411  18.590  -14.404 1.000 47.919  0 135  LYS   A CA  1 ? 
ATOM   1040 C  C   . LYS   A 1 136 ? -3.767  18.569  -13.705 1.000 57.155  0 135  LYS   A C   1 ? 
ATOM   1041 O  O   . LYS   A 1 136 ? -4.753  18.626  -14.436 1.000 51.923  0 135  LYS   A O   1 ? 
ATOM   1042 C  CB  . LYS   A 1 136 ? -2.315  17.445  -15.418 1.000 51.645  0 135  LYS   A CB  1 ? 
ATOM   1043 C  CG  . LYS   A 1 136 ? -1.450  17.700  -16.654 1.000 56.319  0 135  LYS   A CG  1 ? 
ATOM   1044 C  CD  . LYS   A 1 136 ? -0.107  16.982  -16.662 1.000 60.673  0 135  LYS   A CD  1 ? 
ATOM   1045 C  CE  . LYS   A 1 136 ? 0.682   17.197  -17.938 1.000 62.557  0 135  LYS   A CE  1 ? 
ATOM   1046 N  NZ  . LYS   A 1 136 ? 0.392   16.133  -18.916 1.000 62.450  0 135  LYS   A NZ  1 ? 
ATOM   1047 N  N   . GLY   A 1 137 ? -3.814  18.433  -12.369 1.000 53.386  0 136  GLY   A N   1 ? 
ATOM   1048 C  CA  . GLY   A 1 137 ? -5.071  18.230  -11.607 1.000 54.701  0 136  GLY   A CA  1 ? 
ATOM   1049 C  C   . GLY   A 1 137 ? -5.825  16.953  -11.990 1.000 51.665  0 136  GLY   A C   1 ? 
ATOM   1050 O  O   . GLY   A 1 137 ? -7.069  16.932  -11.917 1.000 57.635  0 136  GLY   A O   1 ? 
ATOM   1051 N  N   . LEU   A 1 138 ? -5.112  15.894  -12.345 1.000 52.269  0 137  LEU   A N   1 ? 
ATOM   1052 C  CA  . LEU   A 1 138 ? -5.684  14.566  -12.700 1.000 53.596  0 137  LEU   A CA  1 ? 
ATOM   1053 C  C   . LEU   A 1 138 ? -5.285  13.520  -11.653 1.000 54.624  0 137  LEU   A C   1 ? 
ATOM   1054 O  O   . LEU   A 1 138 ? -5.327  12.331  -12.008 1.000 61.277  0 137  LEU   A O   1 ? 
ATOM   1055 C  CB  . LEU   A 1 138 ? -5.127  14.125  -14.056 1.000 54.267  0 137  LEU   A CB  1 ? 
ATOM   1056 C  CG  . LEU   A 1 138 ? -5.188  15.188  -15.148 1.000 66.368  0 137  LEU   A CG  1 ? 
ATOM   1057 C  CD1 . LEU   A 1 138 ? -4.498  14.688  -16.416 1.000 59.742  0 137  LEU   A CD1 1 ? 
ATOM   1058 C  CD2 . LEU   A 1 138 ? -6.635  15.607  -15.399 1.000 59.763  0 137  LEU   A CD2 1 ? 
ATOM   1059 N  N   . ALA   A 1 139 ? -4.824  13.919  -10.457 1.000 49.613  0 138  ALA   A N   1 ? 
ATOM   1060 C  CA  . ALA   A 1 139 ? -4.440  12.945  -9.403  1.000 62.510  0 138  ALA   A CA  1 ? 
ATOM   1061 C  C   . ALA   A 1 139 ? -5.628  12.700  -8.448  1.000 56.503  0 138  ALA   A C   1 ? 
ATOM   1062 O  O   . ALA   A 1 139 ? -5.505  13.010  -7.261  1.000 52.238  0 138  ALA   A O   1 ? 
ATOM   1063 C  CB  . ALA   A 1 139 ? -3.199  13.422  -8.679  1.000 64.505  0 138  ALA   A CB  1 ? 
ATOM   1064 N  N   . VAL   A 1 140 ? -6.714  12.110  -8.959  1.000 51.971  0 139  VAL   A N   1 ? 
ATOM   1065 C  CA  . VAL   A 1 140 ? -7.974  11.823  -8.207  1.000 49.926  0 139  VAL   A CA  1 ? 
ATOM   1066 C  C   . VAL   A 1 140 ? -7.703  10.645  -7.258  1.000 45.979  0 139  VAL   A C   1 ? 
ATOM   1067 O  O   . VAL   A 1 140 ? -7.189  9.610   -7.718  1.000 34.462  0 139  VAL   A O   1 ? 
ATOM   1068 C  CB  . VAL   A 1 140 ? -9.171  11.531  -9.145  1.000 50.514  0 139  VAL   A CB  1 ? 
ATOM   1069 C  CG1 . VAL   A 1 140 ? -10.411 11.267  -8.307  1.000 45.932  0 139  VAL   A CG1 1 ? 
ATOM   1070 C  CG2 . VAL   A 1 140 ? -9.428  12.650  -10.184 1.000 44.747  0 139  VAL   A CG2 1 ? 
ATOM   1071 N  N   . ILE   A 1 141 ? -7.990  10.816  -5.969  1.000 38.200  0 140  ILE   A N   1 ? 
ATOM   1072 C  CA  . ILE   A 1 141 ? -7.754  9.777   -4.930  1.000 37.393  0 140  ILE   A CA  1 ? 
ATOM   1073 C  C   . ILE   A 1 141 ? -9.090  9.542   -4.240  1.000 37.413  0 140  ILE   A C   1 ? 
ATOM   1074 O  O   . ILE   A 1 141 ? -9.701  10.548  -3.803  1.000 36.448  0 140  ILE   A O   1 ? 
ATOM   1075 C  CB  . ILE   A 1 141 ? -6.638  10.181  -3.952  1.000 42.569  0 140  ILE   A CB  1 ? 
ATOM   1076 C  CG1 . ILE   A 1 141 ? -5.292  10.122  -4.680  1.000 41.676  0 140  ILE   A CG1 1 ? 
ATOM   1077 C  CG2 . ILE   A 1 141 ? -6.627  9.292   -2.684  1.000 38.948  0 140  ILE   A CG2 1 ? 
ATOM   1078 C  CD1 . ILE   A 1 141 ? -4.199  10.809  -3.941  1.000 46.833  0 140  ILE   A CD1 1 ? 
ATOM   1079 N  N   . TYR   A 1 142 ? -9.523  8.275   -4.269  1.000 35.107  0 141  TYR   A N   1 ? 
ATOM   1080 C  CA  . TYR   A 1 142 ? -10.823 7.739   -3.780  1.000 36.357  0 141  TYR   A CA  1 ? 
ATOM   1081 C  C   . TYR   A 1 142 ? -10.553 7.135   -2.408  1.000 34.804  0 141  TYR   A C   1 ? 
ATOM   1082 O  O   . TYR   A 1 142 ? -9.588  6.369   -2.292  1.000 42.894  0 141  TYR   A O   1 ? 
ATOM   1083 C  CB  . TYR   A 1 142 ? -11.366 6.670   -4.739  1.000 33.223  0 141  TYR   A CB  1 ? 
ATOM   1084 C  CG  . TYR   A 1 142 ? -11.919 7.247   -6.021  1.000 38.849  0 141  TYR   A CG  1 ? 
ATOM   1085 C  CD1 . TYR   A 1 142 ? -13.022 8.098   -6.035  1.000 31.516  0 141  TYR   A CD1 1 ? 
ATOM   1086 C  CD2 . TYR   A 1 142 ? -11.291 6.968   -7.219  1.000 36.111  0 141  TYR   A CD2 1 ? 
ATOM   1087 C  CE1 . TYR   A 1 142 ? -13.478 8.641   -7.229  1.000 35.356  0 141  TYR   A CE1 1 ? 
ATOM   1088 C  CE2 . TYR   A 1 142 ? -11.704 7.542   -8.402  1.000 38.324  0 141  TYR   A CE2 1 ? 
ATOM   1089 C  CZ  . TYR   A 1 142 ? -12.821 8.362   -8.421  1.000 35.896  0 141  TYR   A CZ  1 ? 
ATOM   1090 O  OH  . TYR   A 1 142 ? -13.196 8.885   -9.638  1.000 40.680  0 141  TYR   A OH  1 ? 
ATOM   1091 N  N   . ASP   A 1 143 ? -11.297 7.584   -1.409  1.000 39.866  0 142  ASP   A N   1 ? 
ATOM   1092 C  CA  . ASP   A 1 143 ? -11.225 7.125   -0.010  1.000 43.931  0 142  ASP   A CA  1 ? 
ATOM   1093 C  C   . ASP   A 1 143 ? -12.532 7.517   0.672   1.000 46.729  0 142  ASP   A C   1 ? 
ATOM   1094 O  O   . ASP   A 1 143 ? -12.641 7.562   1.884   1.000 52.610  0 142  ASP   A O   1 ? 
ATOM   1095 C  CB  . ASP   A 1 143 ? -9.982  7.692   0.656   1.000 43.029  0 142  ASP   A CB  1 ? 
ATOM   1096 C  CG  . ASP   A 1 143 ? -9.812  7.210   2.086   1.000 45.497  0 142  ASP   A CG  1 ? 
ATOM   1097 O  OD1 . ASP   A 1 143 ? -9.496  6.005   2.258   1.000 38.529  0 142  ASP   A OD1 1 ? 
ATOM   1098 O  OD2 . ASP   A 1 143 ? -10.013 8.047   3.003   1.000 35.503  0 142  ASP   A OD2 1 ? 
ATOM   1099 O  OXT . ASP   A 1 143 ? -13.528 7.754   -0.006  1.000 72.430  0 142  ASP   A OXT 1 ? 
HETATM 1100 C  C4  . A1I1V B 2 .   ? -6.370  7.091   -0.586  1.000 57.226  0 1201 A1I1V A C4  1 ? 
HETATM 1101 C  C14 . A1I1V B 2 .   ? 0.599   3.094   2.627   1.000 59.112  0 1201 A1I1V A C14 1 ? 
HETATM 1102 C  C5  . A1I1V B 2 .   ? -5.753  7.926   0.341   1.000 57.592  0 1201 A1I1V A C5  1 ? 
HETATM 1103 C  C6  . A1I1V B 2 .   ? -4.503  7.649   0.844   1.000 48.118  0 1201 A1I1V A C6  1 ? 
HETATM 1104 C  C11 . A1I1V B 2 .   ? 0.546   4.614   0.311   1.000 48.582  0 1201 A1I1V A C11 1 ? 
HETATM 1105 C  C7  . A1I1V B 2 .   ? -3.843  6.480   0.429   1.000 46.242  0 1201 A1I1V A C7  1 ? 
HETATM 1106 C  C8  . A1I1V B 2 .   ? -2.525  6.108   0.970   1.000 44.875  0 1201 A1I1V A C8  1 ? 
HETATM 1107 C  C9  . A1I1V B 2 .   ? -1.962  4.823   0.470   1.000 47.827  0 1201 A1I1V A C9  1 ? 
HETATM 1108 C  C10 . A1I1V B 2 .   ? -0.653  4.329   0.969   1.000 46.708  0 1201 A1I1V A C10 1 ? 
HETATM 1109 C  C12 . A1I1V B 2 .   ? 1.752   4.124   0.790   1.000 45.584  0 1201 A1I1V A C12 1 ? 
HETATM 1110 C  C13 . A1I1V B 2 .   ? 1.772   3.364   1.941   1.000 53.960  0 1201 A1I1V A C13 1 ? 
HETATM 1111 N  N1  . A1I1V B 2 .   ? -2.214  2.870   -0.981  1.000 52.266  0 1201 A1I1V A N1  1 ? 
HETATM 1112 N  N2  . A1I1V B 2 .   ? -3.904  4.458   -0.910  1.000 38.502  0 1201 A1I1V A N2  1 ? 
HETATM 1113 C  C3  . A1I1V B 2 .   ? -5.732  5.961   -1.007  1.000 45.823  0 1201 A1I1V A C3  1 ? 
HETATM 1114 C  C1  . A1I1V B 2 .   ? -2.689  4.020   -0.478  1.000 45.690  0 1201 A1I1V A C1  1 ? 
HETATM 1115 C  C2  . A1I1V B 2 .   ? -4.461  5.665   -0.537  1.000 41.199  0 1201 A1I1V A C2  1 ? 
HETATM 1116 CL CL1 . A1I1V B 2 .   ? -6.664  9.331   0.843   1.000 58.772  0 1201 A1I1V A CL1 1 ? 
HETATM 1117 O  O1  . A1I1V B 2 .   ? -1.935  6.816   1.828   1.000 46.398  0 1201 A1I1V A O1  1 ? 
HETATM 1118 C  C15 . A1I1V B 2 .   ? -0.615  3.575   2.147   1.000 54.723  0 1201 A1I1V A C15 1 ? 
HETATM 1119 C  C1  . RFP   C 3 .   ? -3.325  2.931   -12.202 1.000 65.345  0 1202 RFP   A C1  1 ? 
HETATM 1120 C  C2  . RFP   C 3 .   ? -2.519  4.088   -12.159 1.000 63.038  0 1202 RFP   A C2  1 ? 
HETATM 1121 C  C3  . RFP   C 3 .   ? -1.117  4.007   -12.114 1.000 67.845  0 1202 RFP   A C3  1 ? 
HETATM 1122 C  C4  . RFP   C 3 .   ? -0.506  2.761   -12.137 1.000 60.695  0 1202 RFP   A C4  1 ? 
HETATM 1123 C  C5  . RFP   C 3 .   ? -0.731  0.249   -12.052 1.000 49.576  0 1202 RFP   A C5  1 ? 
HETATM 1124 C  C6  . RFP   C 3 .   ? -1.545  -0.873  -11.934 1.000 50.434  0 1202 RFP   A C6  1 ? 
HETATM 1125 C  C7  . RFP   C 3 .   ? -2.937  -0.804  -11.982 1.000 57.459  0 1202 RFP   A C7  1 ? 
HETATM 1126 C  C8  . RFP   C 3 .   ? -3.518  0.438   -12.108 1.000 53.187  0 1202 RFP   A C8  1 ? 
HETATM 1127 C  C9  . RFP   C 3 .   ? -2.724  1.640   -12.134 1.000 58.542  0 1202 RFP   A C9  1 ? 
HETATM 1128 C  C10 . RFP   C 3 .   ? -1.301  1.556   -12.105 1.000 53.973  0 1202 RFP   A C10 1 ? 
HETATM 1129 C  C11 . RFP   C 3 .   ? 0.646   -0.233  -11.904 1.000 55.026  0 1202 RFP   A C11 1 ? 
HETATM 1130 C  C12 . RFP   C 3 .   ? 0.540   -1.725  -11.509 1.000 49.514  0 1202 RFP   A C12 1 ? 
HETATM 1131 C  C13 . RFP   C 3 .   ? 1.406   -2.671  -12.306 1.000 50.462  0 1202 RFP   A C13 1 ? 
HETATM 1132 C  C14 . RFP   C 3 .   ? -3.789  -2.048  -11.884 1.000 57.579  0 1202 RFP   A C14 1 ? 
HETATM 1133 C  C15 . RFP   C 3 .   ? -3.282  6.352   -12.853 1.000 59.608  0 1202 RFP   A C15 1 ? 
HETATM 1134 C  C16 . RFP   C 3 .   ? -4.052  7.557   -12.390 1.000 51.701  0 1202 RFP   A C16 1 ? 
HETATM 1135 C  C17 . RFP   C 3 .   ? -4.268  7.935   -11.110 1.000 49.310  0 1202 RFP   A C17 1 ? 
HETATM 1136 C  C18 . RFP   C 3 .   ? -3.604  7.578   -9.856  1.000 45.809  0 1202 RFP   A C18 1 ? 
HETATM 1137 C  C19 . RFP   C 3 .   ? -4.095  7.910   -8.666  1.000 45.369  0 1202 RFP   A C19 1 ? 
HETATM 1138 C  C20 . RFP   C 3 .   ? -3.564  7.681   -7.242  1.000 48.936  0 1202 RFP   A C20 1 ? 
HETATM 1139 C  C21 . RFP   C 3 .   ? -3.110  6.239   -6.989  1.000 39.457  0 1202 RFP   A C21 1 ? 
HETATM 1140 C  C22 . RFP   C 3 .   ? -2.581  5.874   -5.577  1.000 38.142  0 1202 RFP   A C22 1 ? 
HETATM 1141 C  C23 . RFP   C 3 .   ? -2.135  4.410   -5.516  1.000 42.013  0 1202 RFP   A C23 1 ? 
HETATM 1142 C  C24 . RFP   C 3 .   ? -1.051  4.012   -6.526  1.000 43.613  0 1202 RFP   A C24 1 ? 
HETATM 1143 C  C25 . RFP   C 3 .   ? -0.642  2.544   -6.296  1.000 46.913  0 1202 RFP   A C25 1 ? 
HETATM 1144 C  C26 . RFP   C 3 .   ? 0.128   1.830   -7.421  1.000 49.317  0 1202 RFP   A C26 1 ? 
HETATM 1145 C  C27 . RFP   C 3 .   ? 0.253   0.312   -7.166  1.000 54.586  0 1202 RFP   A C27 1 ? 
HETATM 1146 C  C28 . RFP   C 3 .   ? 0.995   -0.492  -8.205  1.000 47.182  0 1202 RFP   A C28 1 ? 
HETATM 1147 C  C29 . RFP   C 3 .   ? 0.369   -1.030  -9.217  1.000 51.702  0 1202 RFP   A C29 1 ? 
HETATM 1148 C  C30 . RFP   C 3 .   ? -4.599  8.351   -13.540 1.000 52.817  0 1202 RFP   A C30 1 ? 
HETATM 1149 C  C31 . RFP   C 3 .   ? -2.448  8.676   -6.899  1.000 52.906  0 1202 RFP   A C31 1 ? 
HETATM 1150 C  C32 . RFP   C 3 .   ? -3.573  6.106   -4.433  1.000 33.369  0 1202 RFP   A C32 1 ? 
HETATM 1151 C  C33 . RFP   C 3 .   ? 0.155   4.975   -6.489  1.000 40.553  0 1202 RFP   A C33 1 ? 
HETATM 1152 C  C34 . RFP   C 3 .   ? -0.467  2.135   -8.799  1.000 48.858  0 1202 RFP   A C34 1 ? 
HETATM 1153 C  C35 . RFP   C 3 .   ? -0.090  1.846   -4.047  1.000 51.912  0 1202 RFP   A C35 1 ? 
HETATM 1154 C  C36 . RFP   C 3 .   ? 0.990   1.926   -3.019  1.000 54.084  0 1202 RFP   A C36 1 ? 
HETATM 1155 C  C37 . RFP   C 3 .   ? -1.095  -1.337  -6.072  1.000 51.477  0 1202 RFP   A C37 1 ? 
HETATM 1156 C  C38 . RFP   C 3 .   ? 2.447   7.454   -17.055 1.000 82.387  0 1202 RFP   A C38 1 ? 
HETATM 1157 C  C39 . RFP   C 3 .   ? 3.292   6.684   -14.919 1.000 68.823  0 1202 RFP   A C39 1 ? 
HETATM 1158 C  C40 . RFP   C 3 .   ? 2.960   6.371   -13.472 1.000 83.224  0 1202 RFP   A C40 1 ? 
HETATM 1159 C  C41 . RFP   C 3 .   ? 0.780   7.541   -13.685 1.000 83.139  0 1202 RFP   A C41 1 ? 
HETATM 1160 C  C42 . RFP   C 3 .   ? 1.331   8.048   -15.001 1.000 79.374  0 1202 RFP   A C42 1 ? 
HETATM 1161 C  C43 . RFP   C 3 .   ? -0.273  5.222   -12.125 1.000 77.610  0 1202 RFP   A C43 1 ? 
HETATM 1162 N  N1  . RFP   C 3 .   ? -3.198  5.313   -12.044 1.000 54.083  0 1202 RFP   A N1  1 ? 
HETATM 1163 N  N2  . RFP   C 3 .   ? 0.872   5.208   -12.689 1.000 84.351  0 1202 RFP   A N2  1 ? 
HETATM 1164 N  N3  . RFP   C 3 .   ? 1.504   6.348   -13.252 1.000 90.887  0 1202 RFP   A N3  1 ? 
HETATM 1165 N  N4  . RFP   C 3 .   ? 2.104   7.023   -15.693 1.000 74.228  0 1202 RFP   A N4  1 ? 
HETATM 1166 O  O1  . RFP   C 3 .   ? -4.675  3.075   -12.156 1.000 61.370  0 1202 RFP   A O1  1 ? 
HETATM 1167 O  O2  . RFP   C 3 .   ? -4.872  0.486   -12.122 1.000 60.627  0 1202 RFP   A O2  1 ? 
HETATM 1168 O  O3  . RFP   C 3 .   ? -0.866  -2.054  -11.775 1.000 48.686  0 1202 RFP   A O3  1 ? 
HETATM 1169 O  O4  . RFP   C 3 .   ? 1.711   0.352   -11.967 1.000 56.776  0 1202 RFP   A O4  1 ? 
HETATM 1170 O  O5  . RFP   C 3 .   ? 0.874   -1.921  -10.147 1.000 53.488  0 1202 RFP   A O5  1 ? 
HETATM 1171 O  O6  . RFP   C 3 .   ? -1.083  -0.209  -6.930  1.000 49.360  0 1202 RFP   A O6  1 ? 
HETATM 1172 O  O7  . RFP   C 3 .   ? 0.239   2.548   -5.142  1.000 52.671  0 1202 RFP   A O7  1 ? 
HETATM 1173 O  O8  . RFP   C 3 .   ? -1.132  1.290   -3.932  1.000 46.929  0 1202 RFP   A O8  1 ? 
HETATM 1174 O  O9  . RFP   C 3 .   ? -3.327  3.584   -5.656  1.000 39.869  0 1202 RFP   A O9  1 ? 
HETATM 1175 O  O10 . RFP   C 3 .   ? -4.207  5.434   -7.322  1.000 43.312  0 1202 RFP   A O10 1 ? 
HETATM 1176 O  O11 . RFP   C 3 .   ? -2.757  6.292   -13.958 1.000 73.980  0 1202 RFP   A O11 1 ? 
HETATM 1177 O  O12 . RFP   C 3 .   ? 0.853   2.666   -12.124 1.000 48.913  0 1202 RFP   A O12 1 ? 
HETATM 1178 S  S   . DMS   D 4 .   ? -0.072  -1.090  0.754   1.000 57.403  0 1203 DMS   A S   1 ? 
HETATM 1179 O  O   . DMS   D 4 .   ? 0.919   -2.165  1.011   1.000 48.085  0 1203 DMS   A O   1 ? 
HETATM 1180 C  C1  . DMS   D 4 .   ? -1.615  -1.859  0.679   1.000 58.970  0 1203 DMS   A C1  1 ? 
HETATM 1181 C  C2  . DMS   D 4 .   ? -0.038  -0.719  -0.980  1.000 59.514  0 1203 DMS   A C2  1 ? 
HETATM 1182 O  O   . HOH   E 5 .   ? -5.649  -3.968  -8.549  1.000 35.507  0 1301 HOH   A O   1 ? 
HETATM 1183 O  O   . HOH   E 5 .   ? 10.154  -4.764  6.355   1.000 32.453  0 1302 HOH   A O   1 ? 
HETATM 1184 O  O   . HOH   E 5 .   ? -7.344  -2.250  -12.424 1.000 46.450  0 1303 HOH   A O   1 ? 
HETATM 1185 O  O   . HOH   E 5 .   ? -10.386 10.633  2.899   1.000 34.927  0 1304 HOH   A O   1 ? 
HETATM 1186 O  O   . HOH   E 5 .   ? -7.264  6.895   -8.122  1.000 52.029  0 1305 HOH   A O   1 ? 
HETATM 1187 O  O   . HOH   E 5 .   ? 0.610   -6.664  -7.781  1.000 46.536  0 1306 HOH   A O   1 ? 
HETATM 1188 O  O   . HOH   E 5 .   ? -2.573  -11.894 6.888   1.000 45.574  0 1307 HOH   A O   1 ? 
HETATM 1189 O  O   . HOH   E 5 .   ? -4.817  3.187   -3.147  1.000 34.846  0 1308 HOH   A O   1 ? 
HETATM 1190 O  O   . HOH   E 5 .   ? -9.183  16.085  -2.205  1.000 46.127  0 1309 HOH   A O   1 ? 
HETATM 1191 O  O   . HOH   E 5 .   ? -12.807 10.894  1.096   1.000 47.036  0 1310 HOH   A O   1 ? 
HETATM 1192 O  O   . HOH   E 5 .   ? -10.119 -4.426  9.443   1.000 33.864  0 1311 HOH   A O   1 ? 
HETATM 1193 O  O   . HOH   E 5 .   ? -16.432 -5.043  9.069   1.000 55.901  0 1312 HOH   A O   1 ? 
HETATM 1194 O  O   . HOH   E 5 .   ? 3.782   -9.580  -6.316  1.000 35.692  0 1313 HOH   A O   1 ? 
HETATM 1195 O  O   . HOH   E 5 .   ? -11.750 7.883   -11.700 1.000 43.914  0 1314 HOH   A O   1 ? 
HETATM 1196 O  O   . HOH   E 5 .   ? -12.092 1.946   12.738  1.000 51.431  0 1315 HOH   A O   1 ? 
HETATM 1197 O  O   . HOH   E 5 .   ? 1.530   12.007  5.057   1.000 49.058  0 1316 HOH   A O   1 ? 
HETATM 1198 O  O   . HOH   E 5 .   ? 1.116   3.172   7.140   1.000 43.653  0 1317 HOH   A O   1 ? 
HETATM 1199 O  O   . HOH   E 5 .   ? 4.853   5.815   6.137   1.000 32.931  0 1318 HOH   A O   1 ? 
HETATM 1200 O  O   . HOH   E 5 .   ? 11.679  5.259   -0.448  1.000 45.911  0 1319 HOH   A O   1 ? 
HETATM 1201 O  O   . HOH   E 5 .   ? -15.006 -5.641  -2.862  1.000 49.914  0 1320 HOH   A O   1 ? 
HETATM 1202 O  O   . HOH   E 5 .   ? 8.112   -6.163  15.625  1.000 39.503  0 1321 HOH   A O   1 ? 
HETATM 1203 O  O   . HOH   E 5 .   ? 7.992   -10.953 12.140  1.000 47.287  0 1322 HOH   A O   1 ? 
HETATM 1204 O  O   . HOH   E 5 .   ? -13.985 5.700   -2.189  1.000 35.052  0 1323 HOH   A O   1 ? 
HETATM 1205 O  O   . HOH   E 5 .   ? -14.589 -8.937  4.186   1.000 47.248  0 1324 HOH   A O   1 ? 
HETATM 1206 O  O   . HOH   E 5 .   ? -10.562 -9.158  -9.239  1.000 47.382  0 1325 HOH   A O   1 ? 
HETATM 1207 O  O   . HOH   E 5 .   ? 11.276  -2.087  14.858  1.000 55.134  0 1326 HOH   A O   1 ? 
HETATM 1208 O  O   . HOH   E 5 .   ? -3.221  2.774   5.027   1.000 16.905  0 1327 HOH   A O   1 ? 
HETATM 1209 O  O   . HOH   E 5 .   ? 1.898   13.443  3.144   1.000 59.126  0 1328 HOH   A O   1 ? 
# 
